data_8Z2U
#
_entry.id   8Z2U
#
_cell.length_a   134.731
_cell.length_b   152.031
_cell.length_c   153.213
_cell.angle_alpha   90.000
_cell.angle_beta   90.000
_cell.angle_gamma   90.000
#
_symmetry.space_group_name_H-M   'P 21 21 21'
#
loop_
_entity.id
_entity.type
_entity.pdbx_description
1 polymer 'maltose alpha-D-glucosyltransferase'
2 non-polymer 'CALCIUM ION'
3 non-polymer 'MAGNESIUM ION'
4 non-polymer (1S,2S,3R,6S)-4-(HYDROXYMETHYL)-6-{[(1S,2S,3S,4R,5R)-2,3,4-TRIHYDROXY-5-(HYDROXYMETHYL)CYCLOHEXYL]AMINO}CYCLOHEX-4-ENE-1,2,3-TRIOL
#
_entity_poly.entity_id   1
_entity_poly.type   'polypeptide(L)'
_entity_poly.pdbx_seq_one_letter_code
;MVPTQAHPEWYKSAVFYELSVRTFQDGNGDGKGDFPGLTSRLDYLKNLGVDCLWLLPWFPSPLRDDGYDVADYRGIHPDL
GTLDDFKVFLREAHARGLWVIGDLVTNHTSSDHPWFQAARRGPTLPDGSPNEYHDYYVWSDEGKEYADTRIIFTDTEVSN
WTLDEQAGKYYWHRFFASQPDLNYDNPKVVEELHGAARFWLDLGLDGFRVDAVPYLIEREGTSCENLPETHEILKGFRAM
VDREYPGRLLLAEANQWPEEVVEYFGTEAEPEFHMCFNFPVMPRLYMSLKREDTSSIREIMGRLPKIPSFGQWCIFLRNH
DELTLDMVTDDERAFMYAAYAPDARMKINVGIRRRLAPLLDNDRRRIELLNTVLLALPGSPVLYYGDEIGMGDDLGLPDR
NGVRTPMQWNAGTSGGFSTAQPSDCFFPPIQDPVYGFGRVNVQSQLQDPSSLLKWTARQLELRRAHPAFAHGDLTFIETG
NPAILAFTRQYDGETLLIVSNFAGNAQAGLLDLAPFVGRAPVTLSGASPLPVVTGNGQYPVVMGKYDYYWLRLNSRVDKL
AAALEHHHHHH
;
_entity_poly.pdbx_strand_id   A,B,C,D
#
loop_
_chem_comp.id
_chem_comp.type
_chem_comp.name
_chem_comp.formula
CA non-polymer 'CALCIUM ION' 'Ca 2'
MG non-polymer 'MAGNESIUM ION' 'Mg 2'
VDM non-polymer (1S,2S,3R,6S)-4-(HYDROXYMETHYL)-6-{[(1S,2S,3S,4R,5R)-2,3,4-TRIHYDROXY-5-(HYDROXYMETHYL)CYCLOHEXYL]AMINO}CYCLOHEX-4-ENE-1,2,3-TRIOL 'C14 H25 N O8'
#
# COMPACT_ATOMS: atom_id res chain seq x y z
N PRO A 8 11.95 -0.24 -33.67
CA PRO A 8 13.34 -0.74 -33.70
C PRO A 8 13.53 -2.12 -33.05
N GLU A 9 14.78 -2.44 -32.72
CA GLU A 9 15.12 -3.70 -32.05
C GLU A 9 14.83 -3.58 -30.57
N TRP A 10 14.64 -4.72 -29.94
CA TRP A 10 14.03 -4.71 -28.62
C TRP A 10 15.00 -4.21 -27.56
N TYR A 11 16.29 -4.51 -27.71
CA TYR A 11 17.26 -4.09 -26.70
C TYR A 11 17.35 -2.58 -26.58
N LYS A 12 16.99 -1.84 -27.63
CA LYS A 12 17.06 -0.38 -27.58
C LYS A 12 16.00 0.20 -26.66
N SER A 13 14.98 -0.57 -26.34
CA SER A 13 13.93 -0.11 -25.45
C SER A 13 13.88 -0.90 -24.15
N ALA A 14 14.81 -1.81 -23.94
CA ALA A 14 14.77 -2.73 -22.80
C ALA A 14 15.39 -2.13 -21.57
N VAL A 15 14.83 -2.48 -20.42
CA VAL A 15 15.49 -2.25 -19.15
C VAL A 15 16.08 -3.59 -18.72
N PHE A 16 17.40 -3.63 -18.61
CA PHE A 16 18.09 -4.86 -18.25
C PHE A 16 18.23 -4.93 -16.74
N TYR A 17 18.21 -6.15 -16.21
CA TYR A 17 18.32 -6.35 -14.77
C TYR A 17 19.27 -7.51 -14.50
N GLU A 18 20.47 -7.20 -13.98
CA GLU A 18 21.51 -8.20 -13.75
C GLU A 18 21.37 -8.88 -12.38
N LEU A 19 21.32 -10.20 -12.40
CA LEU A 19 21.17 -11.02 -11.20
C LEU A 19 22.02 -12.27 -11.35
N SER A 20 22.18 -13.02 -10.26
CA SER A 20 22.89 -14.29 -10.28
C SER A 20 22.00 -15.41 -9.77
N VAL A 21 21.88 -16.49 -10.54
CA VAL A 21 20.95 -17.53 -10.11
C VAL A 21 21.35 -18.15 -8.77
N ARG A 22 22.64 -18.15 -8.43
CA ARG A 22 23.09 -18.80 -7.20
C ARG A 22 22.77 -17.98 -5.97
N THR A 23 22.28 -16.79 -6.16
CA THR A 23 22.22 -15.80 -5.10
C THR A 23 20.90 -15.04 -5.08
N PHE A 24 19.97 -15.33 -6.01
CA PHE A 24 18.70 -14.61 -6.12
C PHE A 24 17.59 -15.27 -5.33
N GLN A 25 17.25 -16.51 -5.65
CA GLN A 25 16.20 -17.16 -4.86
C GLN A 25 16.45 -18.65 -4.80
N ASP A 26 16.53 -19.20 -3.59
CA ASP A 26 16.67 -20.63 -3.38
C ASP A 26 15.27 -21.24 -3.25
N GLY A 27 14.97 -22.20 -4.11
CA GLY A 27 13.65 -22.82 -4.12
C GLY A 27 13.68 -24.24 -3.62
N ASN A 28 14.76 -24.64 -2.92
CA ASN A 28 14.83 -26.02 -2.46
C ASN A 28 15.58 -26.19 -1.14
N GLY A 29 15.72 -25.14 -0.33
CA GLY A 29 16.24 -25.26 1.01
C GLY A 29 17.73 -25.48 1.15
N ASP A 30 18.47 -25.72 0.07
CA ASP A 30 19.84 -26.19 0.18
C ASP A 30 20.87 -25.06 0.36
N GLY A 31 20.43 -23.81 0.51
CA GLY A 31 21.34 -22.69 0.71
C GLY A 31 21.83 -22.00 -0.54
N LYS A 32 21.60 -22.58 -1.72
CA LYS A 32 21.97 -21.98 -2.99
C LYS A 32 20.72 -21.62 -3.77
N GLY A 33 20.75 -20.48 -4.45
CA GLY A 33 19.68 -20.17 -5.38
C GLY A 33 19.66 -21.14 -6.54
N ASP A 34 18.48 -21.28 -7.16
CA ASP A 34 18.29 -22.25 -8.23
C ASP A 34 17.24 -21.73 -9.19
N PHE A 35 17.19 -22.34 -10.37
CA PHE A 35 16.20 -21.93 -11.36
C PHE A 35 14.75 -22.12 -10.90
N PRO A 36 14.35 -23.22 -10.25
CA PRO A 36 12.99 -23.25 -9.67
C PRO A 36 12.69 -22.01 -8.85
N GLY A 37 13.60 -21.66 -7.94
CA GLY A 37 13.46 -20.46 -7.13
C GLY A 37 13.35 -19.20 -7.95
N LEU A 38 14.33 -18.95 -8.82
CA LEU A 38 14.27 -17.73 -9.63
C LEU A 38 12.96 -17.64 -10.38
N THR A 39 12.45 -18.77 -10.87
CA THR A 39 11.18 -18.76 -11.62
C THR A 39 10.03 -18.25 -10.76
N SER A 40 10.04 -18.53 -9.45
CA SER A 40 8.96 -18.10 -8.56
C SER A 40 9.02 -16.61 -8.24
N ARG A 41 10.03 -15.90 -8.71
CA ARG A 41 10.19 -14.48 -8.47
C ARG A 41 10.12 -13.65 -9.75
N LEU A 42 9.64 -14.23 -10.86
CA LEU A 42 9.61 -13.50 -12.12
C LEU A 42 8.55 -12.40 -12.09
N ASP A 43 7.43 -12.62 -11.40
CA ASP A 43 6.45 -11.54 -11.29
C ASP A 43 7.02 -10.34 -10.56
N TYR A 44 8.02 -10.56 -9.69
CA TYR A 44 8.73 -9.43 -9.11
C TYR A 44 9.34 -8.57 -10.19
N LEU A 45 10.13 -9.20 -11.07
CA LEU A 45 10.89 -8.46 -12.07
C LEU A 45 9.98 -7.80 -13.11
N LYS A 46 9.00 -8.55 -13.63
CA LYS A 46 7.99 -8.00 -14.53
C LYS A 46 7.40 -6.73 -13.94
N ASN A 47 6.94 -6.82 -12.68
CA ASN A 47 6.28 -5.68 -12.06
C ASN A 47 7.23 -4.54 -11.75
N LEU A 48 8.53 -4.83 -11.64
CA LEU A 48 9.51 -3.78 -11.38
C LEU A 48 9.68 -2.86 -12.57
N GLY A 49 9.32 -3.32 -13.75
CA GLY A 49 9.58 -2.60 -14.96
C GLY A 49 10.78 -3.13 -15.69
N VAL A 50 11.21 -4.34 -15.37
CA VAL A 50 12.38 -4.95 -15.96
C VAL A 50 11.98 -5.64 -17.25
N ASP A 51 12.78 -5.45 -18.29
CA ASP A 51 12.52 -6.07 -19.58
C ASP A 51 13.33 -7.33 -19.81
N CYS A 52 14.65 -7.26 -19.60
CA CYS A 52 15.56 -8.35 -19.95
C CYS A 52 16.39 -8.74 -18.72
N LEU A 53 16.45 -10.04 -18.44
CA LEU A 53 17.27 -10.57 -17.35
C LEU A 53 18.62 -10.99 -17.91
N TRP A 54 19.69 -10.43 -17.36
CA TRP A 54 21.04 -10.90 -17.65
C TRP A 54 21.47 -11.77 -16.48
N LEU A 55 21.67 -13.06 -16.74
CA LEU A 55 22.00 -14.02 -15.72
C LEU A 55 23.50 -14.23 -15.72
N LEU A 56 24.13 -14.03 -14.58
CA LEU A 56 25.53 -14.40 -14.45
C LEU A 56 25.70 -15.89 -14.75
N PRO A 57 26.96 -16.32 -15.05
CA PRO A 57 27.22 -17.70 -15.46
C PRO A 57 26.56 -18.80 -14.65
N TRP A 58 25.76 -19.60 -15.34
CA TRP A 58 24.98 -20.69 -14.76
C TRP A 58 25.59 -22.07 -15.05
N PHE A 59 26.81 -22.13 -15.64
CA PHE A 59 27.37 -23.37 -16.16
C PHE A 59 28.09 -24.14 -15.08
N PRO A 60 28.29 -25.45 -15.28
CA PRO A 60 29.08 -26.24 -14.33
C PRO A 60 30.45 -25.61 -14.11
N SER A 61 30.86 -25.51 -12.85
CA SER A 61 32.12 -24.83 -12.56
C SER A 61 32.57 -25.20 -11.16
N PRO A 62 33.90 -25.26 -10.92
CA PRO A 62 34.39 -25.36 -9.54
C PRO A 62 34.15 -24.08 -8.74
N LEU A 63 33.80 -22.98 -9.42
CA LEU A 63 33.44 -21.72 -8.79
C LEU A 63 34.65 -21.06 -8.12
N ARG A 64 35.84 -21.23 -8.71
CA ARG A 64 37.01 -20.48 -8.29
C ARG A 64 36.84 -18.99 -8.59
N ASP A 65 36.19 -18.67 -9.70
CA ASP A 65 35.87 -17.29 -10.06
C ASP A 65 34.36 -17.17 -10.26
N ASP A 66 33.60 -17.66 -9.27
CA ASP A 66 32.15 -17.51 -9.20
C ASP A 66 31.42 -18.09 -10.42
N GLY A 67 32.10 -18.91 -11.23
CA GLY A 67 31.48 -19.54 -12.38
C GLY A 67 31.86 -18.94 -13.71
N TYR A 68 32.56 -17.80 -13.71
CA TYR A 68 33.20 -17.33 -14.92
C TYR A 68 34.37 -18.21 -15.31
N ASP A 69 34.71 -19.18 -14.49
CA ASP A 69 35.68 -20.20 -14.86
C ASP A 69 34.87 -21.44 -15.25
N VAL A 70 34.43 -21.46 -16.51
CA VAL A 70 33.47 -22.47 -16.96
C VAL A 70 34.15 -23.81 -17.18
N ALA A 71 33.50 -24.89 -16.74
CA ALA A 71 34.02 -26.23 -16.96
C ALA A 71 33.22 -27.03 -17.98
N ASP A 72 32.01 -26.58 -18.34
CA ASP A 72 31.18 -27.28 -19.31
C ASP A 72 30.23 -26.23 -19.89
N TYR A 73 30.53 -25.76 -21.11
CA TYR A 73 29.64 -24.77 -21.71
C TYR A 73 28.27 -25.30 -22.06
N ARG A 74 27.82 -26.51 -21.72
CA ARG A 74 26.57 -27.00 -22.26
C ARG A 74 25.65 -27.57 -21.20
N GLY A 75 25.99 -27.41 -19.92
CA GLY A 75 25.16 -27.89 -18.84
C GLY A 75 24.66 -26.75 -17.96
N ILE A 76 23.78 -27.12 -17.04
CA ILE A 76 23.40 -26.27 -15.92
C ILE A 76 24.14 -26.77 -14.68
N HIS A 77 24.90 -25.88 -14.04
CA HIS A 77 25.57 -26.19 -12.78
C HIS A 77 24.59 -26.85 -11.82
N PRO A 78 24.93 -28.01 -11.24
CA PRO A 78 23.97 -28.69 -10.35
C PRO A 78 23.45 -27.82 -9.22
N ASP A 79 24.24 -26.85 -8.71
CA ASP A 79 23.75 -25.95 -7.68
C ASP A 79 22.47 -25.25 -8.12
N LEU A 80 22.29 -25.06 -9.40
CA LEU A 80 21.24 -24.22 -9.91
C LEU A 80 20.05 -25.01 -10.45
N GLY A 81 20.08 -26.35 -10.34
CA GLY A 81 19.06 -27.18 -10.96
C GLY A 81 19.54 -27.85 -12.23
N THR A 82 18.63 -28.15 -13.15
CA THR A 82 18.90 -28.99 -14.31
C THR A 82 18.48 -28.26 -15.57
N LEU A 83 18.95 -28.78 -16.71
CA LEU A 83 18.62 -28.18 -17.99
C LEU A 83 17.11 -28.03 -18.15
N ASP A 84 16.33 -28.94 -17.58
CA ASP A 84 14.88 -28.81 -17.58
C ASP A 84 14.45 -27.59 -16.78
N ASP A 85 14.95 -27.46 -15.55
CA ASP A 85 14.64 -26.30 -14.74
C ASP A 85 14.97 -25.01 -15.49
N PHE A 86 16.06 -25.02 -16.28
CA PHE A 86 16.39 -23.87 -17.11
C PHE A 86 15.34 -23.64 -18.19
N LYS A 87 14.95 -24.70 -18.91
CA LYS A 87 13.96 -24.57 -19.99
C LYS A 87 12.62 -24.09 -19.45
N VAL A 88 12.28 -24.47 -18.22
CA VAL A 88 11.04 -24.02 -17.61
C VAL A 88 11.12 -22.54 -17.25
N PHE A 89 12.25 -22.14 -16.63
CA PHE A 89 12.47 -20.72 -16.36
C PHE A 89 12.39 -19.92 -17.64
N LEU A 90 13.10 -20.34 -18.68
CA LEU A 90 13.12 -19.58 -19.90
C LEU A 90 11.74 -19.53 -20.54
N ARG A 91 10.89 -20.52 -20.25
CA ARG A 91 9.54 -20.51 -20.78
C ARG A 91 8.65 -19.56 -19.99
N GLU A 92 8.75 -19.57 -18.65
CA GLU A 92 8.01 -18.63 -17.82
C GLU A 92 8.47 -17.20 -18.02
N ALA A 93 9.79 -16.99 -18.23
CA ALA A 93 10.30 -15.65 -18.47
C ALA A 93 9.71 -15.07 -19.74
N HIS A 94 9.75 -15.85 -20.83
CA HIS A 94 9.19 -15.38 -22.09
C HIS A 94 7.69 -15.13 -21.96
N ALA A 95 6.98 -16.04 -21.27
CA ALA A 95 5.55 -15.84 -21.03
C ALA A 95 5.23 -14.45 -20.51
N ARG A 96 6.10 -13.85 -19.69
CA ARG A 96 5.81 -12.51 -19.20
C ARG A 96 6.51 -11.44 -20.03
N GLY A 97 6.93 -11.76 -21.24
CA GLY A 97 7.54 -10.76 -22.08
C GLY A 97 8.95 -10.38 -21.68
N LEU A 98 9.53 -11.04 -20.69
CA LEU A 98 10.93 -10.84 -20.38
C LEU A 98 11.79 -11.47 -21.46
N TRP A 99 12.87 -10.80 -21.80
CA TRP A 99 13.96 -11.45 -22.51
C TRP A 99 14.96 -12.01 -21.51
N VAL A 100 15.70 -13.02 -21.93
CA VAL A 100 16.78 -13.55 -21.10
C VAL A 100 18.05 -13.60 -21.95
N ILE A 101 19.16 -13.08 -21.40
CA ILE A 101 20.46 -13.29 -22.03
C ILE A 101 21.38 -13.94 -21.01
N GLY A 102 22.24 -14.84 -21.49
CA GLY A 102 23.20 -15.52 -20.66
C GLY A 102 24.57 -14.85 -20.67
N ASP A 103 25.51 -15.47 -19.99
CA ASP A 103 26.87 -14.96 -19.93
C ASP A 103 27.80 -15.94 -20.62
N LEU A 104 28.32 -15.56 -21.78
CA LEU A 104 29.19 -16.42 -22.57
C LEU A 104 30.65 -16.05 -22.31
N VAL A 105 31.42 -17.00 -21.78
CA VAL A 105 32.76 -16.73 -21.30
C VAL A 105 33.73 -17.25 -22.37
N THR A 106 33.95 -16.43 -23.40
CA THR A 106 34.73 -16.82 -24.57
C THR A 106 36.23 -16.90 -24.31
N ASN A 107 36.78 -16.01 -23.47
CA ASN A 107 38.23 -15.87 -23.45
C ASN A 107 38.95 -17.07 -22.81
N HIS A 108 38.29 -17.83 -21.96
CA HIS A 108 39.00 -18.78 -21.13
C HIS A 108 38.03 -19.74 -20.46
N THR A 109 38.51 -20.96 -20.22
CA THR A 109 37.78 -22.01 -19.54
C THR A 109 38.39 -22.23 -18.15
N SER A 110 37.76 -23.12 -17.39
CA SER A 110 38.33 -23.51 -16.12
C SER A 110 39.51 -24.47 -16.32
N SER A 111 40.36 -24.53 -15.29
CA SER A 111 41.38 -25.57 -15.25
C SER A 111 40.75 -26.95 -15.29
N ASP A 112 39.56 -27.09 -14.67
CA ASP A 112 38.81 -28.33 -14.57
C ASP A 112 38.08 -28.70 -15.86
N HIS A 113 37.99 -27.79 -16.83
CA HIS A 113 37.35 -28.08 -18.09
C HIS A 113 38.03 -29.29 -18.74
N PRO A 114 37.25 -30.22 -19.30
CA PRO A 114 37.84 -31.36 -20.04
C PRO A 114 38.93 -30.99 -21.04
N TRP A 115 38.70 -29.98 -21.88
CA TRP A 115 39.69 -29.55 -22.86
C TRP A 115 41.05 -29.32 -22.23
N PHE A 116 41.14 -28.44 -21.23
CA PHE A 116 42.44 -28.13 -20.67
C PHE A 116 42.95 -29.28 -19.83
N GLN A 117 42.05 -30.10 -19.27
CA GLN A 117 42.53 -31.32 -18.64
C GLN A 117 43.15 -32.25 -19.67
N ALA A 118 42.64 -32.22 -20.91
CA ALA A 118 43.24 -32.98 -21.98
C ALA A 118 44.47 -32.27 -22.53
N ALA A 119 44.35 -30.96 -22.73
CA ALA A 119 45.47 -30.17 -23.19
C ALA A 119 46.71 -30.43 -22.33
N ARG A 120 46.53 -30.42 -21.02
CA ARG A 120 47.70 -30.46 -20.14
C ARG A 120 48.50 -31.74 -20.31
N ARG A 121 47.88 -32.84 -20.76
CA ARG A 121 48.63 -34.07 -20.98
C ARG A 121 49.83 -33.88 -21.91
N GLY A 122 49.87 -32.81 -22.69
CA GLY A 122 51.01 -32.51 -23.51
C GLY A 122 50.72 -32.56 -25.01
N PRO A 123 51.73 -32.27 -25.83
CA PRO A 123 51.54 -32.33 -27.29
C PRO A 123 51.38 -33.75 -27.81
N THR A 124 52.08 -34.72 -27.25
CA THR A 124 52.03 -36.09 -27.74
C THR A 124 51.48 -37.01 -26.66
N LEU A 125 50.43 -37.76 -27.02
CA LEU A 125 49.75 -38.72 -26.15
C LEU A 125 50.60 -39.98 -25.97
N PRO A 126 50.35 -40.76 -24.90
CA PRO A 126 51.23 -41.91 -24.60
C PRO A 126 51.41 -42.90 -25.75
N ASP A 127 50.45 -43.02 -26.66
CA ASP A 127 50.65 -43.86 -27.83
C ASP A 127 51.46 -43.16 -28.93
N GLY A 128 51.96 -41.95 -28.69
CA GLY A 128 52.79 -41.27 -29.64
C GLY A 128 52.05 -40.45 -30.67
N SER A 129 50.71 -40.50 -30.69
CA SER A 129 50.02 -39.66 -31.66
C SER A 129 49.83 -38.26 -31.13
N PRO A 130 49.63 -37.28 -32.01
CA PRO A 130 49.31 -35.92 -31.56
C PRO A 130 48.14 -35.89 -30.59
N ASN A 131 48.21 -34.96 -29.64
CA ASN A 131 47.08 -34.63 -28.77
C ASN A 131 46.36 -33.43 -29.40
N GLU A 132 45.17 -33.67 -29.96
CA GLU A 132 44.46 -32.60 -30.66
C GLU A 132 44.04 -31.48 -29.73
N TYR A 133 43.88 -31.75 -28.43
CA TYR A 133 43.37 -30.78 -27.48
C TYR A 133 44.47 -29.92 -26.85
N HIS A 134 45.73 -30.16 -27.20
CA HIS A 134 46.82 -29.36 -26.66
C HIS A 134 46.77 -27.92 -27.18
N ASP A 135 46.43 -27.74 -28.46
CA ASP A 135 46.40 -26.39 -29.03
C ASP A 135 45.12 -25.63 -28.70
N TYR A 136 44.25 -26.16 -27.85
CA TYR A 136 43.11 -25.36 -27.44
C TYR A 136 43.53 -24.18 -26.57
N TYR A 137 44.73 -24.25 -25.99
CA TYR A 137 45.22 -23.27 -25.03
C TYR A 137 46.56 -22.75 -25.51
N VAL A 138 46.97 -21.61 -24.98
CA VAL A 138 48.19 -20.95 -25.45
C VAL A 138 49.31 -21.35 -24.50
N TRP A 139 50.34 -22.02 -25.05
CA TRP A 139 51.45 -22.55 -24.29
C TRP A 139 52.74 -21.83 -24.64
N SER A 140 53.67 -21.87 -23.68
CA SER A 140 54.98 -21.24 -23.81
C SER A 140 56.01 -22.10 -23.10
N ASP A 141 57.19 -22.24 -23.70
CA ASP A 141 58.20 -23.11 -23.13
C ASP A 141 58.91 -22.45 -21.97
N GLU A 142 58.94 -21.12 -21.93
CA GLU A 142 59.67 -20.39 -20.91
C GLU A 142 58.88 -19.24 -20.28
N GLY A 143 57.76 -18.84 -20.86
CA GLY A 143 56.97 -17.75 -20.31
C GLY A 143 57.46 -16.36 -20.65
N LYS A 144 58.38 -16.23 -21.60
CA LYS A 144 58.96 -14.94 -21.93
C LYS A 144 58.12 -14.12 -22.91
N GLU A 145 57.14 -14.72 -23.59
CA GLU A 145 56.41 -14.02 -24.63
C GLU A 145 55.29 -13.16 -24.07
N TYR A 146 54.87 -12.21 -24.89
CA TYR A 146 53.86 -11.23 -24.53
C TYR A 146 54.23 -10.50 -23.24
N ALA A 147 55.51 -10.24 -23.05
CA ALA A 147 55.87 -9.18 -22.13
C ALA A 147 55.20 -7.91 -22.62
N ASP A 148 55.30 -6.84 -21.83
CA ASP A 148 54.60 -5.61 -22.12
C ASP A 148 53.09 -5.78 -22.05
N THR A 149 52.63 -6.86 -21.41
CA THR A 149 51.22 -7.09 -21.14
C THR A 149 50.91 -6.70 -19.71
N ARG A 150 49.68 -6.27 -19.48
CA ARG A 150 49.27 -5.86 -18.14
C ARG A 150 48.57 -7.02 -17.42
N ILE A 151 48.59 -6.98 -16.09
CA ILE A 151 47.85 -7.95 -15.28
C ILE A 151 46.58 -7.31 -14.76
N ILE A 152 45.46 -8.00 -14.92
CA ILE A 152 44.19 -7.48 -14.43
C ILE A 152 44.02 -7.80 -12.95
N PHE A 153 44.22 -9.05 -12.57
CA PHE A 153 44.09 -9.45 -11.19
C PHE A 153 45.42 -9.25 -10.45
N THR A 154 45.82 -7.98 -10.39
CA THR A 154 47.09 -7.58 -9.78
C THR A 154 47.23 -8.02 -8.32
N ASP A 155 46.13 -8.15 -7.60
CA ASP A 155 46.20 -8.51 -6.19
C ASP A 155 46.33 -10.00 -5.97
N THR A 156 46.48 -10.81 -7.02
CA THR A 156 46.47 -12.27 -6.91
C THR A 156 47.52 -12.91 -7.80
N GLU A 157 47.59 -12.50 -9.07
CA GLU A 157 48.48 -13.12 -10.03
C GLU A 157 49.69 -12.22 -10.26
N VAL A 158 50.90 -12.79 -10.17
CA VAL A 158 52.12 -12.02 -10.37
C VAL A 158 52.61 -12.05 -11.81
N SER A 159 51.96 -12.80 -12.70
CA SER A 159 52.33 -12.99 -14.11
C SER A 159 51.16 -13.62 -14.83
N ASN A 160 51.03 -13.33 -16.12
CA ASN A 160 49.97 -13.90 -16.95
C ASN A 160 50.35 -15.26 -17.53
N TRP A 161 51.53 -15.78 -17.19
CA TRP A 161 51.98 -17.13 -17.51
C TRP A 161 52.03 -17.94 -16.22
N THR A 162 51.51 -19.15 -16.27
CA THR A 162 51.66 -20.08 -15.15
C THR A 162 52.14 -21.43 -15.68
N LEU A 163 53.14 -21.98 -15.02
CA LEU A 163 53.71 -23.27 -15.37
C LEU A 163 52.78 -24.39 -14.93
N ASP A 164 52.46 -25.30 -15.84
CA ASP A 164 51.67 -26.47 -15.51
C ASP A 164 52.59 -27.59 -15.06
N GLU A 165 52.24 -28.18 -13.92
CA GLU A 165 53.10 -29.17 -13.26
C GLU A 165 53.20 -30.43 -14.11
N GLN A 166 52.08 -30.86 -14.71
CA GLN A 166 52.09 -31.95 -15.68
C GLN A 166 52.65 -31.44 -17.00
N ALA A 167 51.86 -30.67 -17.75
CA ALA A 167 52.18 -30.22 -19.10
C ALA A 167 53.64 -29.83 -19.30
N GLY A 168 54.29 -29.39 -18.21
CA GLY A 168 55.69 -29.05 -18.21
C GLY A 168 56.03 -27.67 -18.71
N LYS A 169 55.07 -26.96 -19.29
CA LYS A 169 55.27 -25.66 -19.93
C LYS A 169 54.41 -24.62 -19.21
N TYR A 170 54.46 -23.40 -19.72
CA TYR A 170 53.65 -22.31 -19.21
C TYR A 170 52.41 -22.16 -20.08
N TYR A 171 51.25 -21.99 -19.45
CA TYR A 171 50.03 -21.61 -20.15
C TYR A 171 49.64 -20.19 -19.74
N TRP A 172 49.04 -19.49 -20.71
CA TRP A 172 48.68 -18.08 -20.65
C TRP A 172 47.31 -17.89 -20.02
N HIS A 173 47.13 -16.76 -19.37
CA HIS A 173 45.84 -16.49 -18.75
C HIS A 173 45.69 -15.03 -18.35
N ARG A 174 44.75 -14.32 -18.96
CA ARG A 174 44.55 -12.94 -18.58
C ARG A 174 43.93 -12.80 -17.21
N PHE A 175 43.33 -13.85 -16.66
CA PHE A 175 42.78 -13.73 -15.31
C PHE A 175 43.40 -14.71 -14.33
N PHE A 176 42.56 -15.44 -13.60
CA PHE A 176 43.05 -16.37 -12.60
C PHE A 176 43.78 -17.51 -13.27
N ALA A 177 44.89 -17.93 -12.65
CA ALA A 177 45.65 -19.06 -13.18
C ALA A 177 44.81 -20.33 -13.27
N SER A 178 43.67 -20.41 -12.58
CA SER A 178 42.70 -21.47 -12.78
C SER A 178 41.68 -21.14 -13.87
N GLN A 179 42.01 -20.19 -14.75
CA GLN A 179 41.20 -19.84 -15.91
C GLN A 179 42.10 -19.71 -17.13
N PRO A 180 42.57 -20.85 -17.67
CA PRO A 180 43.47 -20.80 -18.84
C PRO A 180 42.80 -20.22 -20.09
N ASP A 181 43.49 -19.27 -20.73
CA ASP A 181 42.99 -18.62 -21.93
C ASP A 181 42.87 -19.62 -23.08
N LEU A 182 41.77 -19.53 -23.82
CA LEU A 182 41.57 -20.33 -25.03
C LEU A 182 42.31 -19.71 -26.20
N ASN A 183 42.71 -20.54 -27.14
CA ASN A 183 43.64 -20.16 -28.20
C ASN A 183 42.86 -19.93 -29.49
N TYR A 184 42.57 -18.67 -29.79
CA TYR A 184 41.71 -18.34 -30.90
C TYR A 184 42.46 -18.19 -32.21
N ASP A 185 43.76 -18.52 -32.23
CA ASP A 185 44.38 -18.74 -33.52
C ASP A 185 44.12 -20.17 -34.01
N ASN A 186 43.45 -20.97 -33.19
CA ASN A 186 43.07 -22.34 -33.51
C ASN A 186 41.64 -22.33 -34.06
N PRO A 187 41.42 -22.68 -35.32
CA PRO A 187 40.04 -22.60 -35.84
C PRO A 187 39.08 -23.52 -35.12
N LYS A 188 39.56 -24.63 -34.55
CA LYS A 188 38.69 -25.49 -33.75
C LYS A 188 38.08 -24.68 -32.61
N VAL A 189 38.88 -23.84 -31.98
CA VAL A 189 38.42 -23.06 -30.83
C VAL A 189 37.31 -22.10 -31.25
N VAL A 190 37.53 -21.39 -32.38
CA VAL A 190 36.49 -20.49 -32.85
C VAL A 190 35.22 -21.28 -33.19
N GLU A 191 35.35 -22.54 -33.61
CA GLU A 191 34.13 -23.31 -33.82
C GLU A 191 33.53 -23.77 -32.50
N GLU A 192 34.37 -24.19 -31.54
CA GLU A 192 33.87 -24.58 -30.24
C GLU A 192 33.05 -23.46 -29.62
N LEU A 193 33.47 -22.22 -29.83
CA LEU A 193 32.75 -21.08 -29.28
C LEU A 193 31.39 -20.93 -29.92
N HIS A 194 31.32 -21.02 -31.25
CA HIS A 194 30.05 -20.94 -31.95
C HIS A 194 29.11 -22.09 -31.54
N GLY A 195 29.66 -23.30 -31.38
CA GLY A 195 28.85 -24.42 -30.92
C GLY A 195 28.23 -24.16 -29.56
N ALA A 196 29.02 -23.58 -28.65
CA ALA A 196 28.47 -23.18 -27.36
C ALA A 196 27.37 -22.15 -27.53
N ALA A 197 27.55 -21.20 -28.44
CA ALA A 197 26.55 -20.16 -28.66
C ALA A 197 25.28 -20.76 -29.25
N ARG A 198 25.43 -21.64 -30.25
CA ARG A 198 24.27 -22.24 -30.88
C ARG A 198 23.44 -23.01 -29.86
N PHE A 199 24.10 -23.72 -28.95
CA PHE A 199 23.40 -24.59 -28.00
C PHE A 199 22.39 -23.81 -27.17
N TRP A 200 22.72 -22.58 -26.81
CA TRP A 200 21.82 -21.82 -25.97
C TRP A 200 20.85 -21.00 -26.78
N LEU A 201 21.31 -20.40 -27.89
CA LEU A 201 20.39 -19.73 -28.78
C LEU A 201 19.28 -20.69 -29.21
N ASP A 202 19.65 -21.94 -29.52
CA ASP A 202 18.67 -22.93 -29.91
C ASP A 202 17.65 -23.19 -28.82
N LEU A 203 18.07 -23.12 -27.56
CA LEU A 203 17.11 -23.29 -26.47
C LEU A 203 16.15 -22.12 -26.35
N GLY A 204 16.35 -21.04 -27.12
CA GLY A 204 15.49 -19.88 -27.07
C GLY A 204 16.10 -18.64 -26.43
N LEU A 205 17.25 -18.78 -25.78
CA LEU A 205 17.98 -17.66 -25.22
C LEU A 205 17.98 -16.49 -26.18
N ASP A 206 17.67 -15.30 -25.66
CA ASP A 206 17.52 -14.11 -26.49
C ASP A 206 18.82 -13.38 -26.74
N GLY A 207 19.93 -13.89 -26.23
CA GLY A 207 21.21 -13.31 -26.56
C GLY A 207 22.22 -13.54 -25.45
N PHE A 208 23.30 -12.78 -25.53
CA PHE A 208 24.50 -13.10 -24.76
C PHE A 208 25.21 -11.83 -24.37
N ARG A 209 25.45 -11.69 -23.06
CA ARG A 209 26.52 -10.83 -22.64
C ARG A 209 27.81 -11.62 -22.80
N VAL A 210 28.81 -10.96 -23.37
CA VAL A 210 30.09 -11.60 -23.69
C VAL A 210 31.17 -10.97 -22.84
N ASP A 211 31.97 -11.84 -22.23
CA ASP A 211 32.98 -11.52 -21.24
C ASP A 211 34.33 -11.28 -21.88
N ALA A 212 35.07 -10.33 -21.31
CA ALA A 212 36.49 -10.18 -21.63
C ALA A 212 36.74 -10.21 -23.13
N VAL A 213 35.85 -9.60 -23.90
CA VAL A 213 35.99 -9.61 -25.35
C VAL A 213 37.33 -9.03 -25.78
N PRO A 214 37.92 -8.02 -25.11
CA PRO A 214 39.16 -7.44 -25.66
C PRO A 214 40.36 -8.35 -25.56
N TYR A 215 40.30 -9.45 -24.83
CA TYR A 215 41.48 -10.24 -24.54
C TYR A 215 41.54 -11.56 -25.30
N LEU A 216 40.94 -11.63 -26.49
CA LEU A 216 40.95 -12.93 -27.19
C LEU A 216 42.32 -13.24 -27.78
N ILE A 217 42.75 -12.46 -28.78
CA ILE A 217 43.96 -12.74 -29.55
C ILE A 217 45.14 -11.97 -28.96
N GLU A 218 46.25 -12.67 -28.76
CA GLU A 218 47.49 -12.04 -28.29
C GLU A 218 48.53 -12.04 -29.41
N ARG A 219 49.18 -10.88 -29.60
CA ARG A 219 50.24 -10.74 -30.57
C ARG A 219 51.44 -10.09 -29.91
N GLU A 220 52.63 -10.59 -30.22
CA GLU A 220 53.86 -10.05 -29.67
C GLU A 220 54.06 -8.61 -30.13
N GLY A 221 54.44 -7.74 -29.19
CA GLY A 221 54.63 -6.34 -29.48
C GLY A 221 53.41 -5.49 -29.24
N THR A 222 52.30 -6.08 -28.81
CA THR A 222 51.07 -5.36 -28.56
C THR A 222 50.63 -5.56 -27.11
N SER A 223 49.60 -4.81 -26.71
CA SER A 223 48.99 -4.98 -25.40
C SER A 223 48.23 -6.28 -25.29
N CYS A 224 48.07 -7.01 -26.39
CA CYS A 224 47.14 -8.13 -26.47
C CYS A 224 45.77 -7.69 -26.00
N GLU A 225 45.39 -6.49 -26.43
CA GLU A 225 44.12 -5.87 -26.06
C GLU A 225 43.60 -5.09 -27.25
N ASN A 226 42.33 -5.32 -27.59
CA ASN A 226 41.63 -4.65 -28.68
C ASN A 226 42.25 -4.91 -30.04
N LEU A 227 43.07 -5.96 -30.15
CA LEU A 227 43.78 -6.30 -31.38
C LEU A 227 42.82 -6.47 -32.56
N PRO A 228 43.23 -6.10 -33.78
CA PRO A 228 42.37 -6.38 -34.94
C PRO A 228 41.93 -7.84 -35.02
N GLU A 229 42.90 -8.76 -34.90
CA GLU A 229 42.63 -10.19 -34.94
C GLU A 229 41.52 -10.60 -33.98
N THR A 230 41.43 -9.92 -32.83
CA THR A 230 40.31 -10.12 -31.91
C THR A 230 39.01 -9.64 -32.54
N HIS A 231 38.94 -8.35 -32.89
CA HIS A 231 37.71 -7.81 -33.46
C HIS A 231 37.19 -8.69 -34.59
N GLU A 232 38.09 -9.19 -35.43
CA GLU A 232 37.67 -9.98 -36.60
C GLU A 232 37.04 -11.29 -36.19
N ILE A 233 37.58 -11.94 -35.15
CA ILE A 233 36.87 -13.08 -34.59
C ILE A 233 35.51 -12.65 -34.05
N LEU A 234 35.42 -11.41 -33.54
CA LEU A 234 34.16 -10.93 -33.01
C LEU A 234 33.17 -10.58 -34.12
N LYS A 235 33.66 -10.13 -35.28
CA LYS A 235 32.78 -9.91 -36.42
C LYS A 235 32.13 -11.22 -36.84
N GLY A 236 32.93 -12.29 -36.89
CA GLY A 236 32.41 -13.57 -37.35
C GLY A 236 31.37 -14.13 -36.41
N PHE A 237 31.55 -13.91 -35.11
CA PHE A 237 30.54 -14.31 -34.13
C PHE A 237 29.20 -13.63 -34.41
N ARG A 238 29.21 -12.31 -34.57
CA ARG A 238 28.02 -11.57 -35.00
C ARG A 238 27.50 -12.09 -36.33
N ALA A 239 28.40 -12.46 -37.25
CA ALA A 239 28.02 -12.92 -38.58
C ALA A 239 27.15 -14.16 -38.50
N MET A 240 27.56 -15.10 -37.65
CA MET A 240 26.80 -16.32 -37.48
C MET A 240 25.47 -16.06 -36.78
N VAL A 241 25.45 -15.15 -35.82
CA VAL A 241 24.23 -14.93 -35.05
C VAL A 241 23.21 -14.18 -35.90
N ASP A 242 23.66 -13.24 -36.72
CA ASP A 242 22.73 -12.53 -37.60
C ASP A 242 22.16 -13.46 -38.68
N ARG A 243 22.94 -14.43 -39.11
CA ARG A 243 22.50 -15.36 -40.14
C ARG A 243 21.60 -16.45 -39.57
N GLU A 244 22.06 -17.12 -38.51
CA GLU A 244 21.37 -18.29 -37.99
C GLU A 244 20.28 -17.97 -36.96
N TYR A 245 20.43 -16.90 -36.19
CA TYR A 245 19.51 -16.58 -35.10
C TYR A 245 19.18 -15.10 -35.13
N PRO A 246 18.47 -14.64 -36.15
CA PRO A 246 18.22 -13.20 -36.29
C PRO A 246 17.56 -12.62 -35.04
N GLY A 247 17.97 -11.40 -34.68
CA GLY A 247 17.34 -10.67 -33.61
C GLY A 247 17.93 -10.86 -32.24
N ARG A 248 18.78 -11.87 -32.02
CA ARG A 248 19.35 -12.07 -30.69
C ARG A 248 20.29 -10.92 -30.34
N LEU A 249 20.71 -10.86 -29.08
CA LEU A 249 21.53 -9.75 -28.60
C LEU A 249 22.91 -10.23 -28.17
N LEU A 250 23.93 -9.66 -28.80
CA LEU A 250 25.30 -9.78 -28.32
C LEU A 250 25.68 -8.47 -27.62
N LEU A 251 25.94 -8.56 -26.31
CA LEU A 251 26.32 -7.43 -25.47
C LEU A 251 27.75 -7.63 -24.98
N ALA A 252 28.58 -6.59 -25.12
CA ALA A 252 30.03 -6.68 -24.97
C ALA A 252 30.52 -5.96 -23.71
N GLU A 253 31.42 -6.63 -22.97
CA GLU A 253 32.08 -6.06 -21.79
C GLU A 253 33.46 -5.57 -22.21
N ALA A 254 33.53 -4.34 -22.72
CA ALA A 254 34.76 -3.78 -23.26
C ALA A 254 35.11 -2.52 -22.48
N ASN A 255 35.80 -2.71 -21.34
CA ASN A 255 36.23 -1.56 -20.52
C ASN A 255 37.54 -1.02 -21.07
N GLN A 256 37.45 -0.18 -22.08
CA GLN A 256 38.68 0.48 -22.54
C GLN A 256 38.48 1.98 -22.61
N TRP A 257 39.41 2.64 -23.29
CA TRP A 257 39.30 4.05 -23.59
C TRP A 257 38.22 4.27 -24.65
N PRO A 258 37.66 5.50 -24.73
CA PRO A 258 36.49 5.72 -25.59
C PRO A 258 36.64 5.30 -27.04
N GLU A 259 37.75 5.66 -27.68
CA GLU A 259 37.97 5.27 -29.08
C GLU A 259 37.90 3.76 -29.23
N GLU A 260 38.60 3.00 -28.37
CA GLU A 260 38.68 1.56 -28.53
C GLU A 260 37.39 0.85 -28.16
N VAL A 261 36.68 1.35 -27.15
CA VAL A 261 35.40 0.76 -26.77
C VAL A 261 34.44 0.75 -27.95
N VAL A 262 34.39 1.84 -28.71
CA VAL A 262 33.40 1.97 -29.76
C VAL A 262 33.73 1.06 -30.94
N GLU A 263 34.97 0.60 -31.05
CA GLU A 263 35.31 -0.30 -32.13
C GLU A 263 34.55 -1.62 -32.06
N TYR A 264 34.09 -2.01 -30.86
CA TYR A 264 33.42 -3.29 -30.62
C TYR A 264 31.98 -3.32 -31.11
N PHE A 265 31.51 -2.22 -31.69
CA PHE A 265 30.28 -2.23 -32.47
C PHE A 265 30.50 -2.58 -33.93
N GLY A 266 31.75 -2.57 -34.42
CA GLY A 266 31.99 -2.73 -35.84
C GLY A 266 31.48 -1.53 -36.61
N THR A 267 31.59 -1.61 -37.94
CA THR A 267 30.96 -0.63 -38.81
C THR A 267 29.60 -1.13 -39.27
N GLU A 268 28.95 -0.32 -40.10
CA GLU A 268 27.65 -0.73 -40.61
C GLU A 268 27.79 -1.87 -41.61
N ALA A 269 28.85 -1.83 -42.42
CA ALA A 269 29.15 -2.95 -43.32
C ALA A 269 29.57 -4.19 -42.54
N GLU A 270 30.35 -4.04 -41.47
CA GLU A 270 30.96 -5.15 -40.75
C GLU A 270 30.56 -5.08 -39.26
N PRO A 271 29.35 -5.54 -38.93
CA PRO A 271 28.87 -5.39 -37.55
C PRO A 271 29.55 -6.34 -36.57
N GLU A 272 29.77 -5.84 -35.34
CA GLU A 272 30.29 -6.62 -34.23
C GLU A 272 29.20 -6.75 -33.19
N PHE A 273 29.26 -6.02 -32.08
CA PHE A 273 28.25 -6.18 -31.05
C PHE A 273 27.07 -5.23 -31.25
N HIS A 274 25.89 -5.63 -30.76
CA HIS A 274 24.76 -4.73 -30.83
C HIS A 274 24.89 -3.63 -29.81
N MET A 275 25.35 -3.99 -28.60
CA MET A 275 25.56 -3.01 -27.55
C MET A 275 26.78 -3.37 -26.72
N CYS A 276 27.39 -2.34 -26.14
CA CYS A 276 28.47 -2.47 -25.18
C CYS A 276 28.17 -1.62 -23.97
N PHE A 277 28.67 -2.06 -22.81
CA PHE A 277 28.54 -1.29 -21.59
C PHE A 277 29.30 0.03 -21.69
N ASN A 278 28.67 1.11 -21.22
CA ASN A 278 29.31 2.42 -21.21
C ASN A 278 30.26 2.56 -20.01
N PHE A 279 31.30 1.73 -20.04
CA PHE A 279 32.36 1.81 -19.04
C PHE A 279 33.04 3.18 -18.92
N PRO A 280 33.28 3.95 -19.99
CA PRO A 280 34.05 5.19 -19.81
C PRO A 280 33.32 6.27 -19.02
N VAL A 281 32.00 6.20 -18.90
CA VAL A 281 31.23 7.26 -18.25
C VAL A 281 31.03 6.92 -16.77
N MET A 282 30.98 5.63 -16.47
CA MET A 282 30.61 5.15 -15.15
C MET A 282 31.43 5.81 -14.04
N PRO A 283 32.77 5.71 -14.04
CA PRO A 283 33.53 6.29 -12.94
C PRO A 283 33.52 7.80 -12.94
N ARG A 284 33.23 8.44 -14.06
CA ARG A 284 33.15 9.89 -14.10
C ARG A 284 31.98 10.42 -13.29
N LEU A 285 30.89 9.63 -13.21
CA LEU A 285 29.72 10.03 -12.44
C LEU A 285 30.03 10.11 -10.94
N TYR A 286 30.61 9.03 -10.40
CA TYR A 286 31.02 8.99 -9.00
C TYR A 286 32.02 10.08 -8.69
N MET A 287 33.06 10.17 -9.50
CA MET A 287 34.06 11.20 -9.35
C MET A 287 33.44 12.59 -9.38
N SER A 288 32.52 12.82 -10.31
CA SER A 288 32.00 14.16 -10.47
C SER A 288 30.89 14.49 -9.46
N LEU A 289 30.33 13.46 -8.79
CA LEU A 289 29.51 13.69 -7.59
C LEU A 289 30.35 14.18 -6.41
N LYS A 290 31.53 13.58 -6.21
CA LYS A 290 32.39 13.98 -5.09
C LYS A 290 33.00 15.35 -5.34
N ARG A 291 33.56 15.55 -6.53
CA ARG A 291 34.13 16.83 -6.90
C ARG A 291 33.07 17.93 -7.02
N GLU A 292 31.77 17.60 -7.00
CA GLU A 292 30.69 18.56 -7.26
C GLU A 292 30.91 19.31 -8.59
N ASP A 293 31.59 18.66 -9.54
CA ASP A 293 31.90 19.24 -10.83
C ASP A 293 31.71 18.17 -11.89
N THR A 294 30.84 18.42 -12.88
CA THR A 294 30.42 17.41 -13.84
C THR A 294 31.05 17.60 -15.20
N SER A 295 32.23 18.22 -15.26
CA SER A 295 32.90 18.36 -16.54
C SER A 295 33.61 17.08 -16.97
N SER A 296 33.95 16.20 -16.02
CA SER A 296 34.45 14.89 -16.40
C SER A 296 33.40 14.14 -17.22
N ILE A 297 32.14 14.19 -16.78
CA ILE A 297 31.04 13.56 -17.53
C ILE A 297 30.99 14.13 -18.94
N ARG A 298 30.77 15.45 -19.07
CA ARG A 298 30.71 16.07 -20.39
C ARG A 298 31.94 15.74 -21.24
N GLU A 299 33.12 15.69 -20.61
CA GLU A 299 34.36 15.42 -21.33
C GLU A 299 34.42 14.00 -21.89
N ILE A 300 34.41 13.00 -20.99
CA ILE A 300 34.56 11.61 -21.42
C ILE A 300 33.41 11.22 -22.34
N MET A 301 32.18 11.59 -21.97
CA MET A 301 31.01 11.32 -22.78
C MET A 301 31.18 11.87 -24.20
N GLY A 302 31.91 12.98 -24.33
CA GLY A 302 32.09 13.62 -25.62
C GLY A 302 33.22 13.08 -26.45
N ARG A 303 34.15 12.34 -25.85
CA ARG A 303 35.19 11.66 -26.61
C ARG A 303 34.69 10.39 -27.26
N LEU A 304 33.50 9.93 -26.86
CA LEU A 304 32.87 8.73 -27.42
C LEU A 304 32.39 8.98 -28.85
N PRO A 305 32.87 8.22 -29.83
CA PRO A 305 32.44 8.43 -31.21
C PRO A 305 30.99 8.02 -31.42
N LYS A 306 30.42 8.57 -32.49
CA LYS A 306 29.14 8.09 -33.01
C LYS A 306 29.25 6.58 -33.22
N ILE A 307 28.13 5.88 -33.00
CA ILE A 307 28.09 4.41 -33.04
C ILE A 307 27.04 3.99 -34.07
N PRO A 308 27.12 2.75 -34.57
CA PRO A 308 26.29 2.34 -35.71
C PRO A 308 24.80 2.38 -35.40
N SER A 309 24.04 2.24 -36.48
CA SER A 309 22.59 2.33 -36.38
C SER A 309 22.05 1.26 -35.45
N PHE A 310 22.51 0.02 -35.62
CA PHE A 310 22.05 -1.05 -34.76
C PHE A 310 22.52 -0.88 -33.32
N GLY A 311 23.60 -0.10 -33.12
CA GLY A 311 24.23 -0.04 -31.81
C GLY A 311 23.47 0.81 -30.81
N GLN A 312 23.60 0.40 -29.54
CA GLN A 312 22.92 1.05 -28.42
C GLN A 312 23.80 0.91 -27.18
N TRP A 313 23.93 1.97 -26.40
CA TRP A 313 24.75 1.82 -25.20
C TRP A 313 23.97 1.16 -24.07
N CYS A 314 24.69 0.47 -23.20
CA CYS A 314 24.13 -0.03 -21.94
C CYS A 314 24.74 0.74 -20.77
N ILE A 315 23.96 1.66 -20.20
CA ILE A 315 24.39 2.50 -19.08
C ILE A 315 24.20 1.73 -17.79
N PHE A 316 25.19 1.80 -16.90
CA PHE A 316 25.16 1.05 -15.65
C PHE A 316 25.87 1.81 -14.54
N LEU A 317 25.36 1.68 -13.32
CA LEU A 317 25.99 2.30 -12.15
C LEU A 317 26.97 1.37 -11.45
N ARG A 318 26.53 0.16 -11.14
CA ARG A 318 27.39 -0.81 -10.48
C ARG A 318 27.13 -2.17 -11.11
N ASN A 319 27.89 -3.18 -10.71
CA ASN A 319 27.65 -4.50 -11.23
C ASN A 319 28.14 -5.53 -10.21
N HIS A 320 28.43 -6.74 -10.69
CA HIS A 320 28.91 -7.82 -9.83
C HIS A 320 30.40 -7.68 -9.55
N ASP A 321 31.11 -6.94 -10.39
CA ASP A 321 32.53 -6.76 -10.25
C ASP A 321 32.80 -5.57 -9.32
N GLU A 322 34.06 -5.17 -9.23
CA GLU A 322 34.40 -3.95 -8.54
C GLU A 322 34.24 -2.73 -9.47
N LEU A 323 34.03 -1.56 -8.86
CA LEU A 323 34.09 -0.30 -9.58
C LEU A 323 35.48 -0.14 -10.17
N THR A 324 35.63 -0.29 -11.49
CA THR A 324 36.96 -0.30 -12.09
C THR A 324 37.53 1.09 -12.16
N LEU A 325 38.82 1.20 -11.82
CA LEU A 325 39.53 2.44 -12.02
C LEU A 325 40.77 2.25 -12.88
N ASP A 326 40.82 1.18 -13.68
CA ASP A 326 42.00 0.98 -14.50
C ASP A 326 41.93 1.78 -15.80
N MET A 327 40.87 2.57 -15.96
CA MET A 327 40.62 3.28 -17.21
C MET A 327 40.48 4.79 -16.97
N VAL A 328 40.91 5.28 -15.82
CA VAL A 328 41.03 6.71 -15.59
C VAL A 328 42.49 7.00 -15.27
N THR A 329 42.80 8.29 -15.26
CA THR A 329 44.17 8.72 -15.01
C THR A 329 44.62 8.31 -13.60
N ASP A 330 45.94 8.18 -13.44
CA ASP A 330 46.49 7.95 -12.11
C ASP A 330 45.97 8.98 -11.13
N ASP A 331 45.94 10.26 -11.52
CA ASP A 331 45.40 11.28 -10.64
C ASP A 331 43.92 11.04 -10.34
N GLU A 332 43.10 10.81 -11.38
CA GLU A 332 41.68 10.52 -11.17
C GLU A 332 41.49 9.28 -10.27
N ARG A 333 42.35 8.26 -10.42
CA ARG A 333 42.20 7.04 -9.63
C ARG A 333 42.53 7.27 -8.17
N ALA A 334 43.53 8.12 -7.88
CA ALA A 334 43.82 8.42 -6.48
C ALA A 334 42.64 9.14 -5.82
N PHE A 335 42.05 10.10 -6.51
CA PHE A 335 40.92 10.81 -5.95
C PHE A 335 39.79 9.84 -5.57
N MET A 336 39.49 8.88 -6.44
CA MET A 336 38.41 7.94 -6.17
C MET A 336 38.72 7.09 -4.95
N TYR A 337 39.98 6.69 -4.78
CA TYR A 337 40.34 5.91 -3.61
C TYR A 337 40.13 6.74 -2.34
N ALA A 338 40.71 7.94 -2.32
CA ALA A 338 40.52 8.86 -1.21
C ALA A 338 39.06 9.30 -1.04
N ALA A 339 38.26 9.19 -2.08
CA ALA A 339 36.88 9.61 -1.94
C ALA A 339 35.97 8.46 -1.55
N TYR A 340 36.26 7.24 -2.03
CA TYR A 340 35.31 6.14 -1.92
C TYR A 340 35.87 4.87 -1.26
N ALA A 341 37.16 4.80 -0.97
CA ALA A 341 37.75 3.63 -0.33
C ALA A 341 38.61 4.09 0.84
N PRO A 342 37.99 4.47 1.95
CA PRO A 342 38.80 4.89 3.11
C PRO A 342 39.49 3.73 3.81
N ASP A 343 38.89 2.53 3.84
CA ASP A 343 39.53 1.33 4.41
C ASP A 343 40.20 0.51 3.31
N ALA A 344 41.47 0.17 3.50
CA ALA A 344 42.19 -0.60 2.49
C ALA A 344 41.37 -1.78 1.98
N ARG A 345 40.52 -2.35 2.83
CA ARG A 345 39.75 -3.53 2.46
C ARG A 345 38.85 -3.28 1.26
N MET A 346 38.49 -2.03 1.02
CA MET A 346 37.56 -1.69 -0.05
C MET A 346 38.21 -1.68 -1.43
N LYS A 347 39.56 -1.64 -1.50
CA LYS A 347 40.27 -1.76 -2.78
C LYS A 347 40.50 -3.23 -3.10
N ILE A 348 40.26 -3.59 -4.35
CA ILE A 348 40.79 -4.83 -4.92
C ILE A 348 41.05 -4.59 -6.40
N ASN A 349 42.27 -4.87 -6.85
CA ASN A 349 42.60 -4.92 -8.28
C ASN A 349 42.29 -3.60 -8.98
N VAL A 350 42.93 -2.52 -8.54
CA VAL A 350 42.72 -1.22 -9.20
C VAL A 350 41.24 -0.82 -9.23
N GLY A 351 40.52 -1.08 -8.16
CA GLY A 351 39.11 -0.72 -8.15
C GLY A 351 38.57 -0.80 -6.75
N ILE A 352 37.34 -0.34 -6.59
CA ILE A 352 36.65 -0.35 -5.31
C ILE A 352 35.53 -1.39 -5.34
N ARG A 353 35.50 -2.26 -4.33
CA ARG A 353 34.57 -3.39 -4.32
C ARG A 353 33.42 -3.11 -3.35
N ARG A 354 32.62 -2.10 -3.69
CA ARG A 354 31.52 -1.70 -2.84
C ARG A 354 30.22 -1.56 -3.64
N ARG A 355 29.10 -1.75 -2.92
CA ARG A 355 27.75 -1.59 -3.44
C ARG A 355 27.36 -0.11 -3.63
N LEU A 356 26.36 0.12 -4.47
CA LEU A 356 25.96 1.47 -4.82
C LEU A 356 25.62 2.32 -3.59
N ALA A 357 24.86 1.76 -2.64
CA ALA A 357 24.47 2.54 -1.46
C ALA A 357 25.65 2.87 -0.56
N PRO A 358 26.49 1.92 -0.10
CA PRO A 358 27.71 2.31 0.62
C PRO A 358 28.53 3.36 -0.11
N LEU A 359 28.77 3.18 -1.41
CA LEU A 359 29.54 4.14 -2.19
C LEU A 359 29.02 5.58 -2.05
N LEU A 360 27.71 5.75 -1.93
CA LEU A 360 27.08 7.06 -1.72
C LEU A 360 26.69 7.29 -0.26
N ASP A 361 27.34 6.59 0.67
CA ASP A 361 27.09 6.76 2.10
C ASP A 361 25.60 6.63 2.42
N ASN A 362 24.91 5.77 1.67
CA ASN A 362 23.50 5.45 1.92
C ASN A 362 22.63 6.69 1.88
N ASP A 363 23.00 7.70 1.12
CA ASP A 363 22.15 8.86 0.97
C ASP A 363 21.16 8.62 -0.18
N ARG A 364 19.89 8.52 0.16
CA ARG A 364 18.87 8.28 -0.86
C ARG A 364 18.84 9.40 -1.90
N ARG A 365 19.13 10.64 -1.52
CA ARG A 365 19.15 11.71 -2.50
C ARG A 365 20.20 11.45 -3.58
N ARG A 366 21.40 11.04 -3.16
CA ARG A 366 22.49 10.81 -4.10
C ARG A 366 22.30 9.51 -4.88
N ILE A 367 21.78 8.49 -4.21
CA ILE A 367 21.33 7.31 -4.93
C ILE A 367 20.32 7.71 -6.01
N GLU A 368 19.35 8.56 -5.66
CA GLU A 368 18.33 8.91 -6.63
C GLU A 368 18.91 9.74 -7.77
N LEU A 369 19.77 10.70 -7.45
CA LEU A 369 20.40 11.50 -8.51
C LEU A 369 21.11 10.59 -9.51
N LEU A 370 22.00 9.71 -9.02
CA LEU A 370 22.74 8.89 -9.95
C LEU A 370 21.83 7.92 -10.67
N ASN A 371 20.71 7.55 -10.04
CA ASN A 371 19.78 6.64 -10.69
C ASN A 371 19.11 7.30 -11.87
N THR A 372 18.70 8.57 -11.72
CA THR A 372 18.07 9.29 -12.82
C THR A 372 19.06 9.59 -13.94
N VAL A 373 20.35 9.78 -13.62
CA VAL A 373 21.33 10.05 -14.67
C VAL A 373 21.66 8.78 -15.42
N LEU A 374 21.50 7.63 -14.76
CA LEU A 374 21.57 6.35 -15.47
C LEU A 374 20.38 6.19 -16.41
N LEU A 375 19.20 6.61 -15.96
CA LEU A 375 18.00 6.43 -16.77
C LEU A 375 17.87 7.47 -17.86
N ALA A 376 18.60 8.59 -17.77
CA ALA A 376 18.43 9.69 -18.70
C ALA A 376 19.61 9.89 -19.64
N LEU A 377 20.71 9.17 -19.46
CA LEU A 377 21.76 9.19 -20.47
C LEU A 377 21.35 8.29 -21.64
N PRO A 378 21.93 8.50 -22.83
CA PRO A 378 21.44 7.78 -24.02
C PRO A 378 21.97 6.36 -24.07
N GLY A 379 21.06 5.41 -24.05
CA GLY A 379 21.41 4.02 -23.88
C GLY A 379 20.23 3.27 -23.30
N SER A 380 20.44 1.96 -23.11
CA SER A 380 19.49 1.11 -22.43
C SER A 380 20.04 0.77 -21.07
N PRO A 381 19.34 1.10 -19.99
CA PRO A 381 19.91 0.98 -18.66
C PRO A 381 19.80 -0.41 -18.11
N VAL A 382 20.80 -0.78 -17.32
CA VAL A 382 20.84 -2.07 -16.63
C VAL A 382 20.93 -1.82 -15.12
N LEU A 383 20.06 -2.50 -14.37
CA LEU A 383 20.13 -2.47 -12.92
C LEU A 383 20.86 -3.71 -12.41
N TYR A 384 21.44 -3.56 -11.24
CA TYR A 384 22.12 -4.65 -10.54
C TYR A 384 21.22 -5.06 -9.40
N TYR A 385 20.88 -6.35 -9.36
CA TYR A 385 19.88 -6.84 -8.42
C TYR A 385 20.19 -6.37 -7.01
N GLY A 386 19.17 -5.88 -6.33
CA GLY A 386 19.32 -5.39 -5.00
C GLY A 386 19.67 -3.92 -4.90
N ASP A 387 20.27 -3.34 -5.93
CA ASP A 387 20.54 -1.92 -5.85
C ASP A 387 19.25 -1.12 -5.78
N GLU A 388 18.11 -1.75 -6.15
CA GLU A 388 16.80 -1.12 -6.18
C GLU A 388 16.11 -1.06 -4.81
N ILE A 389 16.59 -1.79 -3.81
CA ILE A 389 16.11 -1.61 -2.44
C ILE A 389 17.17 -0.96 -1.56
N GLY A 390 18.37 -0.72 -2.08
CA GLY A 390 19.43 -0.18 -1.26
C GLY A 390 20.30 -1.19 -0.55
N MET A 391 20.33 -2.44 -1.02
CA MET A 391 21.21 -3.46 -0.47
C MET A 391 22.64 -2.96 -0.30
N GLY A 392 23.26 -3.34 0.81
CA GLY A 392 24.63 -2.98 1.07
C GLY A 392 25.58 -4.07 0.61
N ASP A 393 26.77 -4.05 1.18
CA ASP A 393 27.80 -5.00 0.81
C ASP A 393 28.32 -5.70 2.07
N ASP A 394 29.15 -6.73 1.85
CA ASP A 394 29.77 -7.50 2.94
C ASP A 394 31.25 -7.79 2.58
N LEU A 395 32.13 -6.79 2.85
CA LEU A 395 33.56 -6.89 2.51
C LEU A 395 34.33 -7.87 3.39
N GLY A 396 33.73 -8.65 4.29
CA GLY A 396 34.39 -9.79 4.86
C GLY A 396 34.52 -10.99 3.93
N LEU A 397 33.91 -10.91 2.76
CA LEU A 397 33.91 -11.99 1.79
C LEU A 397 35.01 -11.77 0.73
N PRO A 398 35.70 -12.85 0.40
CA PRO A 398 36.80 -12.78 -0.58
C PRO A 398 36.41 -12.16 -1.91
N ASP A 399 37.38 -11.52 -2.55
CA ASP A 399 37.30 -11.17 -3.98
C ASP A 399 36.17 -10.16 -4.14
N ARG A 400 35.24 -10.39 -5.06
CA ARG A 400 34.14 -9.47 -5.31
C ARG A 400 32.80 -10.07 -4.87
N ASN A 401 32.83 -11.06 -3.99
CA ASN A 401 31.61 -11.66 -3.49
C ASN A 401 30.91 -10.77 -2.46
N GLY A 402 31.60 -9.78 -1.91
CA GLY A 402 30.98 -8.92 -0.92
C GLY A 402 29.79 -8.13 -1.42
N VAL A 403 29.63 -8.02 -2.75
CA VAL A 403 28.48 -7.35 -3.33
C VAL A 403 27.49 -8.32 -3.94
N ARG A 404 27.78 -9.61 -3.91
CA ARG A 404 26.92 -10.66 -4.47
C ARG A 404 26.28 -11.49 -3.36
N THR A 405 25.92 -10.83 -2.28
CA THR A 405 25.18 -11.45 -1.20
C THR A 405 23.78 -11.81 -1.68
N PRO A 406 23.06 -12.65 -0.93
CA PRO A 406 21.70 -13.02 -1.37
C PRO A 406 20.74 -11.83 -1.46
N MET A 407 19.73 -11.99 -2.32
CA MET A 407 18.65 -11.03 -2.40
C MET A 407 17.90 -10.96 -1.07
N GLN A 408 17.41 -9.77 -0.75
CA GLN A 408 16.81 -9.53 0.55
C GLN A 408 15.31 -9.39 0.30
N TRP A 409 14.60 -10.51 0.42
CA TRP A 409 13.21 -10.56 -0.01
C TRP A 409 12.26 -10.11 1.09
N ASN A 410 12.28 -10.79 2.23
CA ASN A 410 11.54 -10.40 3.42
C ASN A 410 12.54 -10.37 4.56
N ALA A 411 12.08 -10.08 5.77
CA ALA A 411 12.92 -10.20 6.95
C ALA A 411 12.69 -11.51 7.67
N GLY A 412 12.19 -12.52 6.95
CA GLY A 412 12.16 -13.87 7.43
C GLY A 412 13.53 -14.51 7.33
N THR A 413 13.54 -15.85 7.38
CA THR A 413 14.80 -16.61 7.42
C THR A 413 15.70 -16.22 6.26
N SER A 414 16.90 -15.76 6.60
CA SER A 414 17.91 -15.46 5.60
C SER A 414 17.37 -14.50 4.55
N GLY A 415 16.68 -13.47 5.00
CA GLY A 415 16.17 -12.51 4.05
C GLY A 415 15.15 -13.03 3.06
N GLY A 416 14.49 -14.15 3.35
CA GLY A 416 13.58 -14.73 2.39
C GLY A 416 14.23 -15.42 1.21
N PHE A 417 15.56 -15.43 1.17
CA PHE A 417 16.30 -16.03 0.07
C PHE A 417 16.27 -17.55 0.15
N SER A 418 16.16 -18.09 1.36
CA SER A 418 16.25 -19.52 1.60
C SER A 418 15.62 -19.88 2.94
N THR A 419 15.03 -21.07 3.01
CA THR A 419 14.64 -21.58 4.30
C THR A 419 15.82 -22.14 5.06
N ALA A 420 17.01 -22.14 4.44
CA ALA A 420 18.22 -22.49 5.15
C ALA A 420 18.58 -21.41 6.19
N GLN A 421 19.36 -21.80 7.19
CA GLN A 421 19.91 -20.79 8.07
C GLN A 421 20.95 -19.95 7.33
N PRO A 422 21.07 -18.67 7.67
CA PRO A 422 22.03 -17.79 6.99
C PRO A 422 23.43 -18.35 6.96
N SER A 423 23.84 -19.07 8.01
CA SER A 423 25.15 -19.70 8.04
C SER A 423 25.28 -20.85 7.04
N ASP A 424 24.19 -21.23 6.35
CA ASP A 424 24.22 -22.31 5.36
C ASP A 424 23.98 -21.85 3.92
N CYS A 425 23.84 -20.56 3.69
CA CYS A 425 23.63 -20.12 2.31
C CYS A 425 24.98 -19.77 1.68
N PHE A 426 25.00 -19.80 0.34
CA PHE A 426 26.25 -19.83 -0.40
C PHE A 426 27.14 -18.63 -0.06
N PHE A 427 26.60 -17.46 -0.19
CA PHE A 427 27.14 -16.30 0.45
C PHE A 427 26.18 -15.92 1.55
N PRO A 428 26.66 -15.32 2.64
CA PRO A 428 25.81 -15.10 3.80
C PRO A 428 24.92 -13.89 3.58
N PRO A 429 23.61 -14.02 3.84
CA PRO A 429 22.71 -12.86 3.77
C PRO A 429 23.11 -11.76 4.76
N ILE A 430 23.24 -10.54 4.24
CA ILE A 430 23.71 -9.40 5.05
C ILE A 430 22.76 -9.13 6.21
N GLN A 431 23.32 -8.91 7.40
CA GLN A 431 22.47 -8.62 8.56
C GLN A 431 22.96 -7.44 9.41
N ASP A 432 23.72 -6.49 8.83
CA ASP A 432 24.20 -5.41 9.70
C ASP A 432 23.09 -4.40 9.98
N PRO A 433 23.26 -3.56 11.00
CA PRO A 433 22.14 -2.68 11.41
C PRO A 433 21.62 -1.77 10.31
N VAL A 434 22.43 -1.41 9.32
CA VAL A 434 22.05 -0.44 8.31
C VAL A 434 21.48 -1.12 7.06
N TYR A 435 22.21 -2.13 6.54
CA TYR A 435 21.92 -2.71 5.24
C TYR A 435 21.32 -4.11 5.30
N GLY A 436 21.35 -4.79 6.45
CA GLY A 436 20.78 -6.10 6.63
C GLY A 436 19.31 -6.24 6.26
N PHE A 437 18.77 -7.46 6.35
CA PHE A 437 17.44 -7.69 5.80
C PHE A 437 16.32 -7.39 6.79
N GLY A 438 16.65 -7.06 8.04
CA GLY A 438 15.65 -6.51 8.92
C GLY A 438 15.26 -5.07 8.58
N ARG A 439 16.11 -4.39 7.84
CA ARG A 439 15.86 -3.02 7.46
C ARG A 439 15.67 -2.85 5.95
N VAL A 440 16.31 -3.71 5.14
CA VAL A 440 16.37 -3.54 3.69
C VAL A 440 15.90 -4.83 3.04
N ASN A 441 14.68 -4.84 2.51
CA ASN A 441 14.14 -6.04 1.88
C ASN A 441 12.90 -5.70 1.06
N VAL A 442 12.51 -6.61 0.17
CA VAL A 442 11.49 -6.27 -0.82
C VAL A 442 10.10 -6.14 -0.18
N GLN A 443 9.76 -7.05 0.73
CA GLN A 443 8.40 -7.03 1.27
C GLN A 443 8.14 -5.74 2.05
N SER A 444 9.14 -5.29 2.81
CA SER A 444 9.02 -4.03 3.55
C SER A 444 8.81 -2.85 2.60
N GLN A 445 9.63 -2.78 1.55
CA GLN A 445 9.55 -1.70 0.59
C GLN A 445 8.29 -1.74 -0.26
N LEU A 446 7.55 -2.85 -0.24
CA LEU A 446 6.29 -2.89 -0.96
C LEU A 446 5.19 -2.22 -0.15
N GLN A 447 5.32 -2.25 1.17
CA GLN A 447 4.33 -1.64 2.04
C GLN A 447 4.70 -0.24 2.46
N ASP A 448 5.97 0.13 2.38
CA ASP A 448 6.39 1.49 2.64
C ASP A 448 6.01 2.37 1.47
N PRO A 449 5.21 3.43 1.68
CA PRO A 449 4.72 4.20 0.53
C PRO A 449 5.83 4.83 -0.27
N SER A 450 6.94 5.15 0.35
CA SER A 450 7.96 5.93 -0.33
C SER A 450 9.26 5.17 -0.40
N SER A 451 9.19 3.85 -0.45
CA SER A 451 10.42 3.06 -0.46
C SER A 451 11.24 3.32 -1.72
N LEU A 452 12.55 3.10 -1.60
CA LEU A 452 13.40 3.14 -2.79
C LEU A 452 12.94 2.16 -3.86
N LEU A 453 12.38 1.02 -3.47
CA LEU A 453 11.84 0.09 -4.46
C LEU A 453 10.74 0.75 -5.28
N LYS A 454 9.77 1.37 -4.61
CA LYS A 454 8.72 2.05 -5.35
C LYS A 454 9.30 3.21 -6.12
N TRP A 455 10.19 3.97 -5.49
CA TRP A 455 10.74 5.12 -6.21
C TRP A 455 11.27 4.69 -7.56
N THR A 456 11.96 3.53 -7.59
CA THR A 456 12.61 3.05 -8.79
C THR A 456 11.60 2.57 -9.81
N ALA A 457 10.59 1.80 -9.37
CA ALA A 457 9.54 1.34 -10.26
C ALA A 457 8.93 2.53 -10.98
N ARG A 458 8.63 3.57 -10.24
CA ARG A 458 7.95 4.72 -10.82
C ARG A 458 8.85 5.45 -11.79
N GLN A 459 10.13 5.60 -11.45
CA GLN A 459 11.06 6.32 -12.32
C GLN A 459 11.24 5.61 -13.66
N LEU A 460 11.30 4.28 -13.63
CA LEU A 460 11.22 3.48 -14.84
C LEU A 460 9.87 3.66 -15.54
N GLU A 461 8.78 3.63 -14.77
CA GLU A 461 7.47 3.84 -15.37
C GLU A 461 7.37 5.23 -16.00
N LEU A 462 8.11 6.19 -15.47
CA LEU A 462 8.07 7.52 -16.04
C LEU A 462 8.95 7.60 -17.29
N ARG A 463 10.14 7.01 -17.22
CA ARG A 463 10.96 6.88 -18.43
C ARG A 463 10.26 6.10 -19.52
N ARG A 464 9.29 5.22 -19.19
CA ARG A 464 8.57 4.45 -20.22
C ARG A 464 7.81 5.38 -21.17
N ALA A 465 7.23 6.46 -20.62
CA ALA A 465 6.33 7.33 -21.37
C ALA A 465 7.05 8.30 -22.29
N HIS A 466 8.39 8.30 -22.30
CA HIS A 466 9.17 9.29 -23.02
C HIS A 466 10.26 8.59 -23.79
N PRO A 467 9.95 8.09 -24.99
CA PRO A 467 10.95 7.36 -25.79
C PRO A 467 12.23 8.14 -26.04
N ALA A 468 12.20 9.47 -25.94
CA ALA A 468 13.41 10.23 -26.14
C ALA A 468 14.53 9.77 -25.20
N PHE A 469 14.20 9.14 -24.07
CA PHE A 469 15.25 8.55 -23.23
C PHE A 469 15.89 7.37 -23.93
N ALA A 470 15.06 6.46 -24.47
CA ALA A 470 15.61 5.23 -25.04
C ALA A 470 16.32 5.51 -26.34
N HIS A 471 15.78 6.43 -27.17
CA HIS A 471 16.19 6.60 -28.54
C HIS A 471 16.73 7.97 -28.89
N GLY A 472 16.55 8.97 -28.03
CA GLY A 472 16.92 10.33 -28.39
C GLY A 472 18.40 10.55 -28.61
N ASP A 473 18.68 11.60 -29.37
CA ASP A 473 20.01 12.16 -29.38
C ASP A 473 20.29 12.80 -28.03
N LEU A 474 21.48 13.37 -27.90
CA LEU A 474 21.94 13.93 -26.64
C LEU A 474 22.63 15.25 -26.93
N THR A 475 22.10 16.35 -26.42
CA THR A 475 22.74 17.64 -26.63
C THR A 475 22.99 18.29 -25.29
N PHE A 476 24.26 18.45 -24.93
CA PHE A 476 24.60 19.09 -23.67
C PHE A 476 24.36 20.60 -23.74
N ILE A 477 23.82 21.14 -22.66
CA ILE A 477 23.50 22.56 -22.55
C ILE A 477 24.41 23.20 -21.50
N GLU A 478 25.10 24.28 -21.87
CA GLU A 478 26.00 24.92 -20.92
C GLU A 478 25.22 25.56 -19.78
N THR A 479 25.85 25.62 -18.60
CA THR A 479 25.16 26.06 -17.40
C THR A 479 25.87 27.20 -16.69
N GLY A 480 27.19 27.29 -16.81
CA GLY A 480 27.95 28.24 -16.03
C GLY A 480 28.25 27.79 -14.62
N ASN A 481 27.65 26.69 -14.17
CA ASN A 481 27.92 26.09 -12.86
C ASN A 481 28.30 24.64 -13.14
N PRO A 482 29.58 24.29 -13.06
CA PRO A 482 29.96 22.88 -13.29
C PRO A 482 29.27 21.92 -12.35
N ALA A 483 28.78 22.39 -11.20
CA ALA A 483 27.93 21.57 -10.34
C ALA A 483 26.73 21.02 -11.11
N ILE A 484 26.18 21.82 -12.01
CA ILE A 484 24.93 21.54 -12.67
C ILE A 484 25.21 20.88 -14.02
N LEU A 485 24.59 19.74 -14.25
CA LEU A 485 24.63 19.03 -15.53
C LEU A 485 23.33 19.25 -16.26
N ALA A 486 23.42 19.57 -17.55
CA ALA A 486 22.24 19.86 -18.34
C ALA A 486 22.38 19.30 -19.74
N PHE A 487 21.32 18.69 -20.24
CA PHE A 487 21.34 18.16 -21.59
C PHE A 487 19.91 17.89 -22.04
N THR A 488 19.73 17.91 -23.35
CA THR A 488 18.45 17.53 -23.95
C THR A 488 18.50 16.13 -24.53
N ARG A 489 17.30 15.57 -24.66
CA ARG A 489 17.06 14.40 -25.48
C ARG A 489 15.95 14.77 -26.46
N GLN A 490 16.19 14.48 -27.75
CA GLN A 490 15.22 14.80 -28.80
C GLN A 490 14.88 13.52 -29.54
N TYR A 491 13.59 13.18 -29.58
CA TYR A 491 13.15 12.03 -30.34
C TYR A 491 11.69 12.17 -30.69
N ASP A 492 11.43 12.07 -32.00
CA ASP A 492 10.08 12.01 -32.55
C ASP A 492 9.26 13.21 -32.11
N GLY A 493 9.89 14.38 -32.04
CA GLY A 493 9.20 15.60 -31.67
C GLY A 493 9.43 16.04 -30.24
N GLU A 494 9.39 15.10 -29.30
CA GLU A 494 9.58 15.42 -27.89
C GLU A 494 10.99 15.92 -27.66
N THR A 495 11.12 17.09 -27.03
CA THR A 495 12.42 17.57 -26.56
C THR A 495 12.38 17.53 -25.03
N LEU A 496 13.21 16.66 -24.45
CA LEU A 496 13.31 16.51 -23.00
C LEU A 496 14.54 17.26 -22.50
N LEU A 497 14.35 18.11 -21.50
CA LEU A 497 15.45 18.85 -20.88
C LEU A 497 15.72 18.26 -19.51
N ILE A 498 16.91 17.67 -19.34
CA ILE A 498 17.31 17.00 -18.10
C ILE A 498 18.39 17.85 -17.45
N VAL A 499 18.17 18.25 -16.20
CA VAL A 499 19.12 19.10 -15.48
C VAL A 499 19.33 18.51 -14.10
N SER A 500 20.57 18.24 -13.74
CA SER A 500 20.86 17.56 -12.50
C SER A 500 21.91 18.31 -11.70
N ASN A 501 21.75 18.33 -10.39
CA ASN A 501 22.69 19.02 -9.50
C ASN A 501 23.53 18.00 -8.76
N PHE A 502 24.84 18.07 -8.98
CA PHE A 502 25.77 17.12 -8.37
C PHE A 502 26.43 17.70 -7.12
N ALA A 503 25.84 18.75 -6.53
CA ALA A 503 26.39 19.40 -5.35
C ALA A 503 25.46 19.23 -4.15
N GLY A 504 26.07 19.10 -2.98
CA GLY A 504 25.36 18.95 -1.72
C GLY A 504 24.73 20.20 -1.14
N ASN A 505 24.67 21.29 -1.89
CA ASN A 505 23.95 22.48 -1.46
C ASN A 505 23.33 23.14 -2.69
N ALA A 506 22.52 24.18 -2.45
CA ALA A 506 21.83 24.85 -3.54
C ALA A 506 22.82 25.48 -4.51
N GLN A 507 22.43 25.47 -5.78
CA GLN A 507 23.28 25.88 -6.89
C GLN A 507 22.43 26.64 -7.88
N ALA A 508 23.04 27.65 -8.50
CA ALA A 508 22.36 28.43 -9.52
C ALA A 508 23.07 28.26 -10.85
N GLY A 509 22.34 28.52 -11.92
CA GLY A 509 22.90 28.32 -13.24
C GLY A 509 22.15 29.14 -14.26
N LEU A 510 22.79 29.34 -15.41
CA LEU A 510 22.25 30.10 -16.53
C LEU A 510 22.23 29.16 -17.72
N LEU A 511 21.15 28.41 -17.88
CA LEU A 511 21.11 27.42 -18.95
C LEU A 511 21.06 28.11 -20.30
N ASP A 512 21.73 27.50 -21.29
CA ASP A 512 21.77 28.05 -22.65
C ASP A 512 20.63 27.44 -23.47
N LEU A 513 19.43 27.98 -23.27
CA LEU A 513 18.25 27.53 -24.00
C LEU A 513 17.94 28.43 -25.18
N ALA A 514 18.96 29.04 -25.78
CA ALA A 514 18.77 29.79 -27.02
C ALA A 514 18.08 28.97 -28.10
N PRO A 515 18.47 27.72 -28.39
CA PRO A 515 17.77 26.98 -29.44
C PRO A 515 16.32 26.69 -29.13
N PHE A 516 15.78 27.28 -28.06
CA PHE A 516 14.45 26.88 -27.59
C PHE A 516 13.63 28.06 -27.10
N VAL A 517 13.80 29.25 -27.68
CA VAL A 517 13.09 30.40 -27.15
C VAL A 517 11.64 30.35 -27.57
N GLY A 518 10.74 30.66 -26.63
CA GLY A 518 9.33 30.51 -26.83
C GLY A 518 8.77 29.20 -26.36
N ARG A 519 9.63 28.24 -26.01
CA ARG A 519 9.19 26.95 -25.53
C ARG A 519 8.93 27.03 -24.04
N ALA A 520 7.94 26.25 -23.59
CA ALA A 520 7.58 26.28 -22.18
C ALA A 520 8.06 25.01 -21.49
N PRO A 521 9.11 25.08 -20.68
CA PRO A 521 9.47 23.91 -19.87
C PRO A 521 8.37 23.60 -18.86
N VAL A 522 7.89 22.36 -18.88
CA VAL A 522 7.06 21.81 -17.80
C VAL A 522 7.72 20.53 -17.32
N THR A 523 7.36 20.13 -16.13
CA THR A 523 7.95 18.93 -15.53
C THR A 523 7.30 17.69 -16.11
N LEU A 524 8.12 16.66 -16.36
CA LEU A 524 7.58 15.41 -16.89
C LEU A 524 6.50 14.82 -15.97
N SER A 525 6.56 15.12 -14.67
CA SER A 525 5.68 14.53 -13.66
C SER A 525 4.78 15.62 -13.08
N GLY A 526 3.54 15.71 -13.57
CA GLY A 526 2.61 16.73 -13.13
C GLY A 526 2.53 17.97 -14.01
N ALA A 527 3.50 18.17 -14.91
CA ALA A 527 3.46 19.24 -15.89
C ALA A 527 3.37 20.61 -15.21
N SER A 528 4.06 20.77 -14.11
CA SER A 528 4.16 22.09 -13.54
C SER A 528 5.03 22.95 -14.44
N PRO A 529 4.62 24.17 -14.76
CA PRO A 529 5.38 25.00 -15.70
C PRO A 529 6.45 25.86 -15.03
N LEU A 530 7.57 25.99 -15.73
CA LEU A 530 8.59 26.99 -15.48
C LEU A 530 8.47 28.11 -16.50
N PRO A 531 8.97 29.32 -16.20
CA PRO A 531 8.94 30.41 -17.17
C PRO A 531 9.18 29.99 -18.62
N VAL A 532 8.52 30.69 -19.55
CA VAL A 532 8.79 30.49 -20.97
C VAL A 532 10.19 31.00 -21.27
N VAL A 533 10.95 30.22 -22.03
CA VAL A 533 12.22 30.73 -22.53
C VAL A 533 11.93 31.97 -23.37
N THR A 534 12.48 33.10 -22.94
CA THR A 534 12.33 34.39 -23.63
C THR A 534 13.71 34.87 -24.06
N GLY A 535 13.75 36.08 -24.62
CA GLY A 535 15.02 36.76 -24.89
C GLY A 535 16.01 35.96 -25.72
N ASN A 536 17.27 35.97 -25.28
CA ASN A 536 18.34 35.23 -25.92
C ASN A 536 18.43 33.77 -25.46
N GLY A 537 17.47 33.32 -24.66
CA GLY A 537 17.48 31.96 -24.20
C GLY A 537 18.48 31.61 -23.10
N GLN A 538 19.03 32.60 -22.37
CA GLN A 538 19.84 32.32 -21.19
C GLN A 538 18.91 32.15 -20.01
N TYR A 539 18.48 30.92 -19.79
CA TYR A 539 17.48 30.59 -18.78
C TYR A 539 18.11 30.50 -17.39
N PRO A 540 17.69 31.34 -16.43
CA PRO A 540 18.18 31.18 -15.05
C PRO A 540 17.48 30.01 -14.37
N VAL A 541 18.26 29.28 -13.57
CA VAL A 541 17.73 28.15 -12.82
C VAL A 541 18.46 28.07 -11.48
N VAL A 542 17.70 27.68 -10.45
CA VAL A 542 18.25 27.36 -9.15
C VAL A 542 17.86 25.92 -8.81
N MET A 543 18.67 25.26 -8.00
CA MET A 543 18.51 23.84 -7.72
C MET A 543 18.89 23.57 -6.28
N GLY A 544 18.18 22.67 -5.63
CA GLY A 544 18.66 22.15 -4.37
C GLY A 544 19.70 21.07 -4.58
N LYS A 545 20.34 20.70 -3.49
CA LYS A 545 21.29 19.58 -3.52
C LYS A 545 20.64 18.35 -4.15
N TYR A 546 21.42 17.66 -4.98
CA TYR A 546 21.09 16.32 -5.48
C TYR A 546 19.74 16.30 -6.20
N ASP A 547 19.42 17.42 -6.82
CA ASP A 547 18.11 17.64 -7.41
C ASP A 547 18.12 17.27 -8.89
N TYR A 548 17.04 16.65 -9.34
CA TYR A 548 16.88 16.32 -10.75
C TYR A 548 15.59 16.92 -11.28
N TYR A 549 15.71 17.78 -12.27
CA TYR A 549 14.58 18.33 -13.00
C TYR A 549 14.46 17.54 -14.29
N TRP A 550 13.37 16.79 -14.45
CA TRP A 550 13.05 16.15 -15.73
C TRP A 550 11.92 16.94 -16.34
N LEU A 551 12.23 17.63 -17.43
CA LEU A 551 11.32 18.54 -18.07
C LEU A 551 11.10 18.11 -19.50
N ARG A 552 9.97 18.53 -20.06
CA ARG A 552 9.80 18.61 -21.49
C ARG A 552 9.73 20.08 -21.91
N LEU A 553 9.96 20.32 -23.20
CA LEU A 553 9.75 21.63 -23.81
C LEU A 553 8.85 21.42 -25.01
N ASN A 554 7.65 21.99 -24.97
CA ASN A 554 6.73 21.79 -26.09
C ASN A 554 7.07 22.69 -27.29
N SER A 555 6.10 23.48 -27.78
CA SER A 555 6.36 24.21 -29.02
C SER A 555 5.62 25.54 -29.16
N PRO B 8 -42.63 7.48 -23.83
CA PRO B 8 -41.59 8.48 -24.06
C PRO B 8 -40.58 8.17 -25.19
N GLU B 9 -39.42 8.80 -25.14
CA GLU B 9 -38.40 8.67 -26.18
C GLU B 9 -37.41 7.59 -25.80
N TRP B 10 -36.96 6.83 -26.80
CA TRP B 10 -36.19 5.65 -26.50
C TRP B 10 -34.93 5.93 -25.68
N TYR B 11 -34.48 7.19 -25.63
CA TYR B 11 -33.28 7.50 -24.89
C TYR B 11 -33.55 7.84 -23.43
N LYS B 12 -34.74 8.36 -23.14
CA LYS B 12 -35.09 8.66 -21.75
C LYS B 12 -35.05 7.41 -20.90
N SER B 13 -35.04 6.23 -21.52
CA SER B 13 -35.07 4.96 -20.84
C SER B 13 -33.85 4.10 -21.10
N ALA B 14 -32.96 4.51 -21.99
CA ALA B 14 -31.84 3.65 -22.30
C ALA B 14 -30.89 3.60 -21.11
N VAL B 15 -30.20 2.47 -20.99
CA VAL B 15 -28.96 2.39 -20.24
C VAL B 15 -27.84 2.43 -21.27
N PHE B 16 -26.92 3.40 -21.13
CA PHE B 16 -25.87 3.67 -22.10
C PHE B 16 -24.57 2.97 -21.68
N TYR B 17 -23.71 2.67 -22.65
CA TYR B 17 -22.46 1.94 -22.35
C TYR B 17 -21.37 2.41 -23.29
N GLU B 18 -20.35 3.08 -22.76
CA GLU B 18 -19.32 3.69 -23.60
C GLU B 18 -18.14 2.73 -23.81
N LEU B 19 -17.79 2.48 -25.06
CA LEU B 19 -16.67 1.58 -25.34
C LEU B 19 -15.87 2.04 -26.56
N SER B 20 -14.64 1.57 -26.65
CA SER B 20 -13.77 1.86 -27.77
C SER B 20 -13.55 0.58 -28.58
N VAL B 21 -13.89 0.62 -29.86
CA VAL B 21 -13.86 -0.60 -30.67
C VAL B 21 -12.45 -1.17 -30.72
N ARG B 22 -11.45 -0.27 -30.82
CA ARG B 22 -10.02 -0.60 -30.85
C ARG B 22 -9.54 -1.21 -29.56
N THR B 23 -10.38 -1.13 -28.53
CA THR B 23 -10.05 -1.49 -27.18
C THR B 23 -10.90 -2.64 -26.63
N PHE B 24 -12.03 -2.94 -27.26
CA PHE B 24 -13.02 -3.84 -26.64
C PHE B 24 -12.72 -5.32 -26.93
N GLN B 25 -12.84 -5.73 -28.19
CA GLN B 25 -12.56 -7.11 -28.56
C GLN B 25 -11.78 -7.16 -29.86
N ASP B 26 -10.74 -7.96 -29.89
CA ASP B 26 -9.98 -8.19 -31.10
C ASP B 26 -10.33 -9.57 -31.61
N GLY B 27 -10.96 -9.61 -32.79
CA GLY B 27 -11.45 -10.85 -33.33
C GLY B 27 -10.49 -11.53 -34.29
N ASN B 28 -9.50 -10.80 -34.81
CA ASN B 28 -8.65 -11.33 -35.87
C ASN B 28 -7.18 -11.46 -35.50
N GLY B 29 -6.78 -11.00 -34.32
CA GLY B 29 -5.49 -11.34 -33.74
C GLY B 29 -4.42 -10.28 -33.84
N ASP B 30 -4.66 -9.17 -34.53
CA ASP B 30 -3.62 -8.16 -34.77
C ASP B 30 -3.39 -7.24 -33.58
N GLY B 31 -3.99 -7.50 -32.44
CA GLY B 31 -3.73 -6.68 -31.29
C GLY B 31 -4.55 -5.43 -31.21
N LYS B 32 -5.27 -5.09 -32.28
CA LYS B 32 -6.20 -3.97 -32.33
C LYS B 32 -7.63 -4.47 -32.32
N GLY B 33 -8.47 -3.84 -31.51
CA GLY B 33 -9.88 -4.19 -31.51
C GLY B 33 -10.58 -3.78 -32.79
N ASP B 34 -11.61 -4.54 -33.16
CA ASP B 34 -12.27 -4.32 -34.43
C ASP B 34 -13.76 -4.63 -34.26
N PHE B 35 -14.51 -4.34 -35.32
CA PHE B 35 -15.95 -4.47 -35.26
C PHE B 35 -16.35 -5.93 -35.23
N PRO B 36 -15.72 -6.81 -36.02
CA PRO B 36 -16.04 -8.24 -35.88
C PRO B 36 -15.98 -8.70 -34.43
N GLY B 37 -14.94 -8.30 -33.70
CA GLY B 37 -14.84 -8.66 -32.29
C GLY B 37 -15.98 -8.11 -31.46
N LEU B 38 -16.29 -6.82 -31.64
CA LEU B 38 -17.36 -6.17 -30.88
C LEU B 38 -18.68 -6.90 -31.09
N THR B 39 -19.01 -7.17 -32.37
CA THR B 39 -20.24 -7.90 -32.73
C THR B 39 -20.36 -9.18 -31.93
N SER B 40 -19.26 -9.91 -31.78
CA SER B 40 -19.19 -11.15 -31.03
C SER B 40 -19.34 -10.96 -29.53
N ARG B 41 -19.31 -9.72 -29.05
CA ARG B 41 -19.53 -9.45 -27.63
C ARG B 41 -20.89 -8.79 -27.38
N LEU B 42 -21.73 -8.69 -28.41
CA LEU B 42 -22.98 -7.95 -28.28
C LEU B 42 -23.90 -8.55 -27.22
N ASP B 43 -23.91 -9.88 -27.09
CA ASP B 43 -24.77 -10.53 -26.10
C ASP B 43 -24.31 -10.27 -24.66
N TYR B 44 -22.99 -10.22 -24.43
CA TYR B 44 -22.49 -9.82 -23.11
C TYR B 44 -23.14 -8.53 -22.69
N LEU B 45 -23.13 -7.54 -23.60
CA LEU B 45 -23.69 -6.23 -23.30
C LEU B 45 -25.19 -6.30 -23.11
N LYS B 46 -25.89 -6.97 -24.03
CA LYS B 46 -27.32 -7.17 -23.88
C LYS B 46 -27.64 -7.75 -22.49
N ASN B 47 -26.92 -8.82 -22.11
CA ASN B 47 -27.20 -9.46 -20.83
C ASN B 47 -26.89 -8.55 -19.66
N LEU B 48 -25.88 -7.69 -19.80
CA LEU B 48 -25.52 -6.78 -18.72
C LEU B 48 -26.72 -5.92 -18.34
N GLY B 49 -27.52 -5.56 -19.32
CA GLY B 49 -28.65 -4.69 -19.07
C GLY B 49 -28.48 -3.38 -19.81
N VAL B 50 -27.73 -3.44 -20.92
CA VAL B 50 -27.43 -2.26 -21.73
C VAL B 50 -28.42 -2.14 -22.88
N ASP B 51 -28.78 -0.88 -23.19
CA ASP B 51 -29.69 -0.53 -24.26
C ASP B 51 -28.98 0.11 -25.44
N CYS B 52 -28.09 1.06 -25.18
CA CYS B 52 -27.48 1.87 -26.23
C CYS B 52 -25.96 1.80 -26.11
N LEU B 53 -25.31 1.38 -27.17
CA LEU B 53 -23.87 1.42 -27.21
C LEU B 53 -23.46 2.80 -27.71
N TRP B 54 -22.40 3.33 -27.13
CA TRP B 54 -21.80 4.55 -27.64
C TRP B 54 -20.34 4.25 -27.93
N LEU B 55 -19.98 4.38 -29.19
CA LEU B 55 -18.66 4.02 -29.68
C LEU B 55 -17.83 5.30 -29.79
N LEU B 56 -16.63 5.26 -29.22
CA LEU B 56 -15.67 6.32 -29.42
C LEU B 56 -15.27 6.34 -30.90
N PRO B 57 -14.73 7.47 -31.40
CA PRO B 57 -14.50 7.61 -32.85
C PRO B 57 -13.92 6.39 -33.56
N TRP B 58 -14.59 5.98 -34.64
CA TRP B 58 -14.26 4.81 -35.45
C TRP B 58 -13.77 5.18 -36.85
N PHE B 59 -13.44 6.46 -37.10
CA PHE B 59 -13.03 6.99 -38.38
C PHE B 59 -11.52 6.84 -38.63
N PRO B 60 -11.09 6.91 -39.90
CA PRO B 60 -9.65 6.91 -40.21
C PRO B 60 -8.95 8.12 -39.62
N SER B 61 -7.81 7.87 -38.99
CA SER B 61 -7.25 8.88 -38.10
C SER B 61 -5.80 8.53 -37.82
N PRO B 62 -4.89 9.50 -37.79
CA PRO B 62 -3.51 9.19 -37.36
C PRO B 62 -3.44 8.87 -35.88
N LEU B 63 -4.53 9.07 -35.13
CA LEU B 63 -4.71 8.58 -33.78
C LEU B 63 -3.91 9.39 -32.75
N ARG B 64 -3.61 10.66 -33.07
CA ARG B 64 -2.81 11.48 -32.15
C ARG B 64 -3.62 11.82 -30.89
N ASP B 65 -4.94 11.97 -31.02
CA ASP B 65 -5.81 12.07 -29.86
C ASP B 65 -6.82 10.92 -29.88
N ASP B 66 -6.31 9.71 -30.09
CA ASP B 66 -7.07 8.47 -29.96
C ASP B 66 -8.27 8.45 -30.89
N GLY B 67 -8.06 8.89 -32.13
CA GLY B 67 -9.11 8.93 -33.11
C GLY B 67 -10.05 10.11 -33.04
N TYR B 68 -9.91 10.96 -32.04
CA TYR B 68 -10.65 12.22 -32.02
C TYR B 68 -10.03 13.29 -32.91
N ASP B 69 -8.90 12.97 -33.58
CA ASP B 69 -8.39 13.74 -34.71
C ASP B 69 -8.86 12.98 -35.93
N VAL B 70 -10.00 13.40 -36.47
CA VAL B 70 -10.64 12.67 -37.56
C VAL B 70 -9.95 12.99 -38.88
N ALA B 71 -9.59 11.97 -39.65
CA ALA B 71 -9.03 12.21 -40.97
C ALA B 71 -9.95 11.84 -42.13
N ASP B 72 -11.05 11.13 -41.89
CA ASP B 72 -12.09 10.90 -42.89
C ASP B 72 -13.41 10.66 -42.16
N TYR B 73 -14.36 11.59 -42.31
CA TYR B 73 -15.67 11.48 -41.65
C TYR B 73 -16.57 10.39 -42.23
N ARG B 74 -16.21 9.79 -43.36
CA ARG B 74 -17.08 8.84 -44.02
C ARG B 74 -16.33 7.55 -44.29
N GLY B 75 -15.64 7.05 -43.26
CA GLY B 75 -14.84 5.84 -43.37
C GLY B 75 -14.80 5.06 -42.08
N ILE B 76 -14.10 3.92 -42.12
CA ILE B 76 -13.92 3.05 -40.96
C ILE B 76 -12.43 2.76 -40.85
N HIS B 77 -11.76 3.47 -39.95
CA HIS B 77 -10.36 3.25 -39.61
C HIS B 77 -9.97 1.80 -39.79
N PRO B 78 -8.97 1.50 -40.62
CA PRO B 78 -8.73 0.11 -41.00
C PRO B 78 -8.34 -0.79 -39.84
N ASP B 79 -7.93 -0.20 -38.71
CA ASP B 79 -7.75 -0.95 -37.48
C ASP B 79 -9.01 -1.72 -37.10
N LEU B 80 -10.16 -1.19 -37.45
CA LEU B 80 -11.43 -1.62 -36.88
C LEU B 80 -12.24 -2.54 -37.80
N GLY B 81 -11.72 -2.85 -38.97
CA GLY B 81 -12.54 -3.50 -39.97
C GLY B 81 -12.96 -2.53 -41.05
N THR B 82 -13.92 -2.95 -41.85
CA THR B 82 -14.36 -2.18 -43.00
C THR B 82 -15.81 -1.72 -42.78
N LEU B 83 -16.27 -0.81 -43.66
CA LEU B 83 -17.67 -0.38 -43.64
C LEU B 83 -18.61 -1.56 -43.62
N ASP B 84 -18.26 -2.62 -44.37
CA ASP B 84 -18.97 -3.89 -44.29
C ASP B 84 -19.06 -4.38 -42.86
N ASP B 85 -17.93 -4.41 -42.16
CA ASP B 85 -17.93 -4.92 -40.81
C ASP B 85 -18.77 -4.05 -39.88
N PHE B 86 -18.74 -2.72 -40.09
CA PHE B 86 -19.58 -1.82 -39.30
C PHE B 86 -21.07 -2.13 -39.52
N LYS B 87 -21.49 -2.21 -40.80
CA LYS B 87 -22.88 -2.44 -41.14
C LYS B 87 -23.41 -3.72 -40.51
N VAL B 88 -22.64 -4.80 -40.58
CA VAL B 88 -23.05 -6.05 -39.92
C VAL B 88 -23.15 -5.85 -38.42
N PHE B 89 -22.11 -5.23 -37.82
CA PHE B 89 -22.18 -4.88 -36.40
C PHE B 89 -23.48 -4.14 -36.11
N LEU B 90 -23.73 -3.08 -36.87
CA LEU B 90 -24.90 -2.25 -36.61
C LEU B 90 -26.16 -3.07 -36.70
N ARG B 91 -26.28 -3.88 -37.76
CA ARG B 91 -27.42 -4.78 -37.92
C ARG B 91 -27.57 -5.72 -36.73
N GLU B 92 -26.48 -6.38 -36.36
CA GLU B 92 -26.50 -7.35 -35.27
C GLU B 92 -26.88 -6.74 -33.91
N ALA B 93 -26.50 -5.47 -33.66
CA ALA B 93 -26.94 -4.81 -32.43
C ALA B 93 -28.43 -4.51 -32.47
N HIS B 94 -28.89 -3.90 -33.57
CA HIS B 94 -30.32 -3.69 -33.79
C HIS B 94 -31.10 -5.00 -33.76
N ALA B 95 -30.48 -6.08 -34.22
CA ALA B 95 -31.07 -7.42 -34.12
C ALA B 95 -31.41 -7.83 -32.70
N ARG B 96 -30.83 -7.16 -31.69
CA ARG B 96 -31.01 -7.52 -30.29
C ARG B 96 -31.66 -6.39 -29.50
N GLY B 97 -32.29 -5.43 -30.18
CA GLY B 97 -32.81 -4.27 -29.45
C GLY B 97 -31.72 -3.42 -28.87
N LEU B 98 -30.59 -3.32 -29.55
CA LEU B 98 -29.48 -2.47 -29.12
C LEU B 98 -29.46 -1.21 -29.97
N TRP B 99 -29.33 -0.06 -29.31
CA TRP B 99 -29.12 1.20 -29.98
C TRP B 99 -27.62 1.47 -30.03
N VAL B 100 -27.14 2.01 -31.16
CA VAL B 100 -25.76 2.45 -31.30
C VAL B 100 -25.73 3.91 -31.67
N ILE B 101 -24.84 4.67 -31.03
CA ILE B 101 -24.58 6.06 -31.37
C ILE B 101 -23.07 6.20 -31.55
N GLY B 102 -22.65 7.18 -32.37
CA GLY B 102 -21.26 7.41 -32.64
C GLY B 102 -20.80 8.75 -32.05
N ASP B 103 -19.48 8.93 -32.01
CA ASP B 103 -18.88 10.22 -31.66
C ASP B 103 -18.73 11.07 -32.91
N LEU B 104 -19.33 12.24 -32.92
CA LEU B 104 -19.21 13.19 -34.02
C LEU B 104 -18.27 14.32 -33.59
N VAL B 105 -17.04 14.30 -34.13
CA VAL B 105 -16.03 15.32 -33.80
C VAL B 105 -16.28 16.52 -34.73
N THR B 106 -16.96 17.53 -34.22
CA THR B 106 -17.36 18.65 -35.06
C THR B 106 -16.49 19.89 -34.91
N ASN B 107 -15.87 20.09 -33.75
CA ASN B 107 -15.15 21.35 -33.53
C ASN B 107 -13.91 21.47 -34.40
N HIS B 108 -13.34 20.36 -34.85
CA HIS B 108 -12.02 20.35 -35.46
C HIS B 108 -11.89 19.06 -36.23
N THR B 109 -10.97 19.03 -37.19
CA THR B 109 -10.57 17.79 -37.84
C THR B 109 -9.11 17.51 -37.51
N SER B 110 -8.57 16.47 -38.12
CA SER B 110 -7.14 16.22 -37.99
C SER B 110 -6.36 17.09 -38.95
N SER B 111 -5.13 17.42 -38.55
CA SER B 111 -4.18 18.04 -39.45
C SER B 111 -3.84 17.16 -40.63
N ASP B 112 -4.29 15.90 -40.63
CA ASP B 112 -4.09 14.98 -41.74
C ASP B 112 -5.36 14.80 -42.58
N HIS B 113 -6.44 15.49 -42.20
CA HIS B 113 -7.65 15.47 -43.01
C HIS B 113 -7.38 16.12 -44.37
N PRO B 114 -7.91 15.55 -45.45
CA PRO B 114 -7.73 16.18 -46.77
C PRO B 114 -8.09 17.66 -46.79
N TRP B 115 -9.12 18.08 -46.05
CA TRP B 115 -9.49 19.48 -46.02
C TRP B 115 -8.33 20.35 -45.58
N PHE B 116 -7.62 19.93 -44.55
CA PHE B 116 -6.56 20.80 -44.05
C PHE B 116 -5.36 20.79 -44.99
N GLN B 117 -4.90 19.60 -45.37
CA GLN B 117 -3.79 19.41 -46.31
C GLN B 117 -3.94 20.33 -47.52
N ALA B 118 -5.19 20.57 -47.93
CA ALA B 118 -5.51 21.60 -48.91
C ALA B 118 -5.46 22.99 -48.28
N ALA B 119 -6.32 23.22 -47.29
CA ALA B 119 -6.43 24.47 -46.54
C ALA B 119 -5.07 25.06 -46.21
N ARG B 120 -4.11 24.22 -45.87
CA ARG B 120 -2.82 24.78 -45.52
C ARG B 120 -2.08 25.29 -46.74
N ARG B 121 -2.44 24.85 -47.95
CA ARG B 121 -1.74 25.35 -49.15
C ARG B 121 -1.85 26.87 -49.34
N GLY B 122 -2.65 27.57 -48.53
CA GLY B 122 -2.70 29.01 -48.56
C GLY B 122 -4.00 29.49 -49.18
N PRO B 123 -4.17 30.81 -49.31
CA PRO B 123 -5.44 31.30 -49.87
C PRO B 123 -5.59 31.07 -51.36
N THR B 124 -4.48 31.02 -52.12
CA THR B 124 -4.59 30.95 -53.56
C THR B 124 -3.83 29.76 -54.12
N LEU B 125 -4.48 29.00 -55.02
CA LEU B 125 -3.84 27.86 -55.66
C LEU B 125 -2.80 28.33 -56.68
N PRO B 126 -1.89 27.45 -57.08
CA PRO B 126 -0.95 27.75 -58.16
C PRO B 126 -1.47 28.61 -59.30
N ASP B 127 -2.73 28.41 -59.71
CA ASP B 127 -3.30 29.04 -60.90
C ASP B 127 -4.10 30.32 -60.60
N GLY B 128 -3.82 30.99 -59.48
CA GLY B 128 -4.53 32.22 -59.17
C GLY B 128 -5.97 32.07 -58.72
N SER B 129 -6.56 30.86 -58.81
CA SER B 129 -7.94 30.68 -58.36
C SER B 129 -8.02 30.56 -56.84
N PRO B 130 -9.15 30.94 -56.25
CA PRO B 130 -9.29 30.87 -54.79
C PRO B 130 -9.43 29.43 -54.32
N ASN B 131 -8.79 29.13 -53.19
CA ASN B 131 -8.79 27.79 -52.59
C ASN B 131 -9.98 27.65 -51.64
N GLU B 132 -10.97 26.85 -52.05
CA GLU B 132 -12.22 26.80 -51.29
C GLU B 132 -12.01 26.19 -49.91
N TYR B 133 -11.01 25.31 -49.77
CA TYR B 133 -10.73 24.64 -48.51
C TYR B 133 -9.96 25.48 -47.51
N HIS B 134 -9.40 26.62 -47.92
CA HIS B 134 -8.61 27.42 -46.98
C HIS B 134 -9.47 27.97 -45.86
N ASP B 135 -10.68 28.42 -46.16
CA ASP B 135 -11.53 28.98 -45.11
C ASP B 135 -12.29 27.93 -44.33
N TYR B 136 -11.99 26.64 -44.53
CA TYR B 136 -12.59 25.61 -43.67
C TYR B 136 -12.04 25.66 -42.26
N TYR B 137 -10.86 26.26 -42.08
CA TYR B 137 -10.22 26.46 -40.78
C TYR B 137 -10.09 27.95 -40.49
N VAL B 138 -9.57 28.27 -39.30
CA VAL B 138 -9.51 29.66 -38.87
C VAL B 138 -8.04 30.06 -38.80
N TRP B 139 -7.66 30.99 -39.69
CA TRP B 139 -6.29 31.43 -39.84
C TRP B 139 -6.09 32.83 -39.26
N SER B 140 -4.83 33.17 -39.07
CA SER B 140 -4.44 34.50 -38.63
C SER B 140 -3.05 34.76 -39.17
N ASP B 141 -2.72 36.05 -39.34
CA ASP B 141 -1.39 36.43 -39.81
C ASP B 141 -0.42 36.53 -38.66
N GLU B 142 -0.85 37.09 -37.54
CA GLU B 142 -0.02 37.31 -36.36
C GLU B 142 -0.36 36.42 -35.18
N GLY B 143 -1.62 36.02 -35.02
CA GLY B 143 -2.02 35.16 -33.92
C GLY B 143 -2.41 35.91 -32.67
N LYS B 144 -2.72 37.20 -32.77
CA LYS B 144 -3.08 38.00 -31.61
C LYS B 144 -4.56 37.93 -31.26
N GLU B 145 -5.43 37.56 -32.20
CA GLU B 145 -6.85 37.48 -31.90
C GLU B 145 -7.12 36.42 -30.85
N TYR B 146 -8.35 36.45 -30.33
CA TYR B 146 -8.84 35.41 -29.43
C TYR B 146 -7.89 35.18 -28.27
N ALA B 147 -7.34 36.27 -27.72
CA ALA B 147 -6.73 36.14 -26.41
C ALA B 147 -7.88 36.13 -25.42
N ASP B 148 -7.62 36.40 -24.15
CA ASP B 148 -8.67 36.26 -23.12
C ASP B 148 -9.35 34.90 -23.21
N THR B 149 -8.66 33.92 -23.79
CA THR B 149 -9.26 32.63 -24.05
C THR B 149 -8.40 31.55 -23.45
N ARG B 150 -9.07 30.56 -22.90
CA ARG B 150 -8.48 29.51 -22.10
C ARG B 150 -7.79 28.50 -23.01
N ILE B 151 -6.72 27.86 -22.51
CA ILE B 151 -6.08 26.75 -23.22
C ILE B 151 -6.46 25.46 -22.51
N ILE B 152 -7.37 24.69 -23.13
CA ILE B 152 -7.85 23.44 -22.53
C ILE B 152 -6.71 22.45 -22.24
N PHE B 153 -5.77 22.30 -23.16
CA PHE B 153 -4.74 21.27 -23.03
C PHE B 153 -3.44 21.91 -22.54
N THR B 154 -3.49 22.45 -21.32
CA THR B 154 -2.40 23.28 -20.82
C THR B 154 -1.08 22.54 -20.69
N ASP B 155 -1.12 21.22 -20.48
CA ASP B 155 0.12 20.52 -20.22
C ASP B 155 0.96 20.37 -21.48
N THR B 156 0.33 20.39 -22.65
CA THR B 156 1.00 20.18 -23.93
C THR B 156 1.09 21.40 -24.80
N GLU B 157 0.07 22.26 -24.78
CA GLU B 157 -0.06 23.36 -25.74
C GLU B 157 0.21 24.70 -25.07
N VAL B 158 1.14 25.46 -25.65
CA VAL B 158 1.44 26.80 -25.16
C VAL B 158 0.49 27.86 -25.68
N SER B 159 -0.23 27.58 -26.77
CA SER B 159 -1.16 28.53 -27.35
C SER B 159 -2.28 27.79 -28.06
N ASN B 160 -3.42 28.46 -28.18
CA ASN B 160 -4.45 28.02 -29.09
C ASN B 160 -4.10 28.32 -30.55
N TRP B 161 -3.14 29.22 -30.80
CA TRP B 161 -2.65 29.49 -32.14
C TRP B 161 -1.35 28.76 -32.38
N THR B 162 -1.16 28.31 -33.61
CA THR B 162 0.07 27.63 -34.01
C THR B 162 0.38 28.00 -35.46
N LEU B 163 1.62 28.39 -35.68
CA LEU B 163 2.08 28.68 -37.03
C LEU B 163 2.13 27.39 -37.82
N ASP B 164 1.65 27.44 -39.06
CA ASP B 164 1.81 26.35 -40.01
C ASP B 164 3.00 26.67 -40.90
N GLU B 165 3.93 25.71 -40.98
CA GLU B 165 5.18 25.93 -41.71
C GLU B 165 4.94 26.12 -43.20
N GLN B 166 3.89 25.52 -43.75
CA GLN B 166 3.61 25.60 -45.17
C GLN B 166 2.57 26.68 -45.50
N ALA B 167 1.60 26.89 -44.63
CA ALA B 167 0.62 27.96 -44.85
C ALA B 167 1.19 29.32 -44.54
N GLY B 168 2.35 29.36 -43.88
CA GLY B 168 2.95 30.60 -43.42
C GLY B 168 2.12 31.41 -42.44
N LYS B 169 1.05 30.85 -41.90
CA LYS B 169 0.15 31.56 -40.99
C LYS B 169 -0.17 30.73 -39.75
N TYR B 170 -1.04 31.29 -38.92
CA TYR B 170 -1.40 30.76 -37.61
C TYR B 170 -2.80 30.20 -37.70
N TYR B 171 -2.96 28.90 -37.54
CA TYR B 171 -4.30 28.35 -37.37
C TYR B 171 -4.57 28.13 -35.88
N TRP B 172 -5.83 27.88 -35.58
CA TRP B 172 -6.32 27.94 -34.21
C TRP B 172 -7.04 26.66 -33.87
N HIS B 173 -6.61 26.05 -32.77
CA HIS B 173 -7.13 24.77 -32.31
C HIS B 173 -7.42 24.91 -30.83
N ARG B 174 -8.64 24.60 -30.43
CA ARG B 174 -8.91 24.57 -29.00
C ARG B 174 -8.33 23.34 -28.33
N PHE B 175 -7.87 22.36 -29.10
CA PHE B 175 -7.23 21.19 -28.49
C PHE B 175 -5.81 21.00 -29.02
N PHE B 176 -5.44 19.77 -29.36
CA PHE B 176 -4.10 19.50 -29.84
C PHE B 176 -3.82 20.28 -31.13
N ALA B 177 -2.54 20.63 -31.27
CA ALA B 177 -2.11 21.41 -32.41
C ALA B 177 -2.27 20.66 -33.73
N SER B 178 -2.41 19.33 -33.69
CA SER B 178 -2.79 18.57 -34.87
C SER B 178 -4.30 18.38 -34.98
N GLN B 179 -5.07 19.19 -34.26
CA GLN B 179 -6.52 19.18 -34.36
C GLN B 179 -7.01 20.59 -34.70
N PRO B 180 -6.80 21.05 -35.93
CA PRO B 180 -7.14 22.43 -36.28
C PRO B 180 -8.64 22.66 -36.27
N ASP B 181 -9.07 23.72 -35.58
CA ASP B 181 -10.50 24.00 -35.45
C ASP B 181 -11.11 24.27 -36.82
N LEU B 182 -12.27 23.66 -37.06
CA LEU B 182 -13.03 24.04 -38.24
C LEU B 182 -13.68 25.40 -38.02
N ASN B 183 -13.94 26.08 -39.14
CA ASN B 183 -14.45 27.45 -39.13
C ASN B 183 -15.96 27.41 -39.37
N TYR B 184 -16.73 27.61 -38.31
CA TYR B 184 -18.17 27.51 -38.42
C TYR B 184 -18.82 28.84 -38.75
N ASP B 185 -18.03 29.79 -39.25
CA ASP B 185 -18.57 30.97 -39.91
C ASP B 185 -18.61 30.82 -41.43
N ASN B 186 -17.76 29.96 -42.00
CA ASN B 186 -17.91 29.50 -43.38
C ASN B 186 -19.04 28.47 -43.48
N PRO B 187 -20.14 28.76 -44.18
CA PRO B 187 -21.26 27.80 -44.22
C PRO B 187 -21.01 26.56 -45.09
N LYS B 188 -19.94 26.50 -45.88
CA LYS B 188 -19.55 25.21 -46.42
C LYS B 188 -19.27 24.24 -45.30
N VAL B 189 -18.68 24.73 -44.21
CA VAL B 189 -18.37 23.85 -43.08
C VAL B 189 -19.65 23.34 -42.42
N VAL B 190 -20.63 24.22 -42.20
CA VAL B 190 -21.87 23.73 -41.60
C VAL B 190 -22.51 22.70 -42.50
N GLU B 191 -22.39 22.91 -43.82
CA GLU B 191 -22.84 21.91 -44.77
C GLU B 191 -22.06 20.63 -44.63
N GLU B 192 -20.72 20.72 -44.50
CA GLU B 192 -19.89 19.53 -44.52
C GLU B 192 -20.24 18.59 -43.37
N LEU B 193 -20.67 19.18 -42.26
CA LEU B 193 -20.97 18.45 -41.05
C LEU B 193 -22.32 17.77 -41.12
N HIS B 194 -23.35 18.54 -41.50
CA HIS B 194 -24.64 17.94 -41.83
C HIS B 194 -24.46 16.79 -42.80
N GLY B 195 -23.61 16.98 -43.81
CA GLY B 195 -23.30 15.89 -44.70
C GLY B 195 -22.67 14.72 -43.98
N ALA B 196 -21.64 14.98 -43.19
CA ALA B 196 -21.01 13.93 -42.41
C ALA B 196 -22.03 13.16 -41.61
N ALA B 197 -22.89 13.88 -40.86
CA ALA B 197 -23.90 13.21 -40.04
C ALA B 197 -24.89 12.43 -40.89
N ARG B 198 -25.38 13.04 -41.99
CA ARG B 198 -26.27 12.33 -42.90
C ARG B 198 -25.71 10.96 -43.25
N PHE B 199 -24.43 10.92 -43.62
CA PHE B 199 -23.83 9.69 -44.13
C PHE B 199 -24.05 8.54 -43.18
N TRP B 200 -23.98 8.81 -41.88
CA TRP B 200 -24.10 7.76 -40.87
C TRP B 200 -25.55 7.55 -40.48
N LEU B 201 -26.26 8.62 -40.19
CA LEU B 201 -27.70 8.57 -40.03
C LEU B 201 -28.36 7.71 -41.11
N ASP B 202 -27.91 7.85 -42.36
CA ASP B 202 -28.46 7.06 -43.46
C ASP B 202 -28.06 5.60 -43.41
N LEU B 203 -27.08 5.23 -42.61
CA LEU B 203 -26.69 3.83 -42.52
C LEU B 203 -27.44 3.08 -41.42
N GLY B 204 -28.28 3.74 -40.65
CA GLY B 204 -28.93 3.12 -39.52
C GLY B 204 -28.53 3.66 -38.15
N LEU B 205 -27.56 4.58 -38.06
CA LEU B 205 -27.08 4.99 -36.76
C LEU B 205 -28.17 5.73 -36.00
N ASP B 206 -28.29 5.41 -34.72
CA ASP B 206 -29.38 5.91 -33.91
C ASP B 206 -29.15 7.34 -33.44
N GLY B 207 -27.99 7.91 -33.72
CA GLY B 207 -27.67 9.25 -33.28
C GLY B 207 -26.18 9.38 -33.02
N PHE B 208 -25.83 10.54 -32.43
CA PHE B 208 -24.45 10.94 -32.19
C PHE B 208 -24.25 11.52 -30.80
N ARG B 209 -23.11 11.17 -30.19
CA ARG B 209 -22.51 11.99 -29.14
C ARG B 209 -21.62 13.02 -29.81
N VAL B 210 -22.01 14.29 -29.69
CA VAL B 210 -21.30 15.39 -30.35
C VAL B 210 -20.22 15.92 -29.43
N ASP B 211 -19.06 16.23 -29.99
CA ASP B 211 -17.87 16.50 -29.20
C ASP B 211 -17.53 17.99 -29.15
N ALA B 212 -17.13 18.44 -27.96
CA ALA B 212 -16.56 19.76 -27.76
C ALA B 212 -17.46 20.84 -28.34
N VAL B 213 -18.76 20.70 -28.11
CA VAL B 213 -19.76 21.55 -28.76
C VAL B 213 -19.86 22.97 -28.19
N PRO B 214 -19.12 23.38 -27.16
CA PRO B 214 -19.08 24.82 -26.83
C PRO B 214 -18.08 25.65 -27.63
N TYR B 215 -17.25 25.01 -28.44
CA TYR B 215 -16.06 25.63 -28.98
C TYR B 215 -16.15 25.91 -30.47
N LEU B 216 -17.35 25.79 -31.04
CA LEU B 216 -17.46 25.89 -32.49
C LEU B 216 -17.10 27.28 -32.97
N ILE B 217 -17.82 28.29 -32.51
CA ILE B 217 -17.60 29.66 -32.95
C ILE B 217 -16.81 30.41 -31.88
N GLU B 218 -15.77 31.10 -32.32
CA GLU B 218 -15.03 32.05 -31.49
C GLU B 218 -15.36 33.48 -31.90
N ARG B 219 -15.45 34.39 -30.92
CA ARG B 219 -15.64 35.81 -31.18
C ARG B 219 -14.65 36.60 -30.35
N GLU B 220 -14.05 37.63 -30.95
CA GLU B 220 -13.10 38.46 -30.22
C GLU B 220 -13.79 39.10 -29.02
N GLY B 221 -13.09 39.12 -27.89
CA GLY B 221 -13.61 39.75 -26.70
C GLY B 221 -14.68 38.96 -25.98
N THR B 222 -14.68 37.62 -26.14
CA THR B 222 -15.55 36.70 -25.42
C THR B 222 -14.71 35.55 -24.88
N SER B 223 -15.37 34.63 -24.18
CA SER B 223 -14.69 33.44 -23.70
C SER B 223 -14.59 32.37 -24.77
N CYS B 224 -15.20 32.62 -25.94
CA CYS B 224 -15.19 31.68 -27.05
C CYS B 224 -15.78 30.34 -26.65
N GLU B 225 -16.70 30.37 -25.67
CA GLU B 225 -17.43 29.20 -25.21
C GLU B 225 -18.88 29.60 -25.03
N ASN B 226 -19.78 28.73 -25.46
CA ASN B 226 -21.21 28.87 -25.23
C ASN B 226 -21.77 30.11 -25.91
N LEU B 227 -21.07 30.63 -26.92
CA LEU B 227 -21.56 31.77 -27.67
C LEU B 227 -22.87 31.42 -28.37
N PRO B 228 -23.81 32.37 -28.48
CA PRO B 228 -25.08 32.05 -29.16
C PRO B 228 -24.88 31.70 -30.62
N GLU B 229 -23.84 32.25 -31.25
CA GLU B 229 -23.46 31.82 -32.59
C GLU B 229 -23.20 30.31 -32.61
N THR B 230 -22.53 29.79 -31.58
CA THR B 230 -22.40 28.35 -31.43
C THR B 230 -23.78 27.70 -31.28
N HIS B 231 -24.54 28.11 -30.25
CA HIS B 231 -25.87 27.55 -30.04
C HIS B 231 -26.72 27.60 -31.29
N GLU B 232 -26.66 28.70 -32.06
CA GLU B 232 -27.42 28.76 -33.30
C GLU B 232 -27.07 27.57 -34.17
N ILE B 233 -25.77 27.39 -34.45
CA ILE B 233 -25.35 26.30 -35.32
C ILE B 233 -25.88 24.97 -34.82
N LEU B 234 -25.92 24.79 -33.49
CA LEU B 234 -26.47 23.57 -32.91
C LEU B 234 -27.96 23.45 -33.20
N LYS B 235 -28.71 24.53 -32.99
CA LYS B 235 -30.14 24.52 -33.32
C LYS B 235 -30.35 24.08 -34.77
N GLY B 236 -29.55 24.64 -35.68
CA GLY B 236 -29.67 24.23 -37.07
C GLY B 236 -29.37 22.77 -37.25
N PHE B 237 -28.38 22.27 -36.51
CA PHE B 237 -28.09 20.83 -36.52
C PHE B 237 -29.26 20.02 -35.98
N ARG B 238 -29.89 20.49 -34.92
CA ARG B 238 -31.06 19.78 -34.40
C ARG B 238 -32.16 19.77 -35.44
N ALA B 239 -32.41 20.94 -36.05
CA ALA B 239 -33.42 21.08 -37.09
C ALA B 239 -33.29 20.00 -38.15
N MET B 240 -32.07 19.81 -38.66
CA MET B 240 -31.89 18.88 -39.77
C MET B 240 -32.27 17.46 -39.35
N VAL B 241 -31.87 17.05 -38.13
CA VAL B 241 -32.12 15.67 -37.71
C VAL B 241 -33.59 15.43 -37.44
N ASP B 242 -34.30 16.43 -36.92
CA ASP B 242 -35.72 16.24 -36.68
C ASP B 242 -36.49 16.10 -37.98
N ARG B 243 -36.08 16.83 -39.02
CA ARG B 243 -36.82 16.82 -40.27
C ARG B 243 -36.42 15.64 -41.15
N GLU B 244 -35.16 15.19 -41.07
CA GLU B 244 -34.69 14.15 -41.95
C GLU B 244 -34.58 12.78 -41.29
N TYR B 245 -34.29 12.71 -39.98
CA TYR B 245 -34.10 11.44 -39.29
C TYR B 245 -34.76 11.49 -37.92
N PRO B 246 -36.09 11.49 -37.88
CA PRO B 246 -36.79 11.65 -36.61
C PRO B 246 -36.66 10.41 -35.75
N GLY B 247 -36.70 10.64 -34.44
CA GLY B 247 -36.45 9.61 -33.46
C GLY B 247 -35.00 9.49 -33.02
N ARG B 248 -34.09 10.19 -33.68
CA ARG B 248 -32.66 10.02 -33.46
C ARG B 248 -32.18 10.80 -32.24
N LEU B 249 -31.06 10.34 -31.68
CA LEU B 249 -30.53 10.92 -30.44
C LEU B 249 -29.38 11.88 -30.71
N LEU B 250 -29.43 13.04 -30.08
CA LEU B 250 -28.34 14.00 -30.11
C LEU B 250 -27.90 14.23 -28.67
N LEU B 251 -26.64 13.87 -28.37
CA LEU B 251 -26.09 13.87 -27.00
C LEU B 251 -24.90 14.83 -26.96
N ALA B 252 -25.03 15.90 -26.18
CA ALA B 252 -23.99 16.91 -26.06
C ALA B 252 -23.04 16.58 -24.92
N GLU B 253 -21.76 16.77 -25.17
CA GLU B 253 -20.75 16.89 -24.12
C GLU B 253 -20.50 18.38 -23.93
N ALA B 254 -21.16 18.99 -22.95
CA ALA B 254 -20.85 20.36 -22.52
C ALA B 254 -20.60 20.38 -21.02
N ASN B 255 -19.33 20.55 -20.65
CA ASN B 255 -18.89 20.55 -19.26
C ASN B 255 -18.70 22.01 -18.86
N GLN B 256 -19.77 22.62 -18.37
CA GLN B 256 -19.82 24.06 -18.15
C GLN B 256 -20.53 24.30 -16.81
N TRP B 257 -20.78 25.57 -16.50
CA TRP B 257 -21.50 25.87 -15.29
C TRP B 257 -22.98 25.55 -15.47
N PRO B 258 -23.68 25.22 -14.39
CA PRO B 258 -25.03 24.66 -14.52
C PRO B 258 -26.00 25.49 -15.35
N GLU B 259 -25.90 26.82 -15.34
CA GLU B 259 -26.82 27.62 -16.16
C GLU B 259 -26.43 27.53 -17.63
N GLU B 260 -25.13 27.53 -17.91
CA GLU B 260 -24.65 27.42 -19.28
C GLU B 260 -24.98 26.07 -19.89
N VAL B 261 -24.96 25.02 -19.09
CA VAL B 261 -25.11 23.67 -19.63
C VAL B 261 -26.54 23.44 -20.14
N VAL B 262 -27.54 23.88 -19.38
CA VAL B 262 -28.95 23.76 -19.78
C VAL B 262 -29.23 24.52 -21.08
N GLU B 263 -28.41 25.51 -21.40
CA GLU B 263 -28.56 26.20 -22.68
C GLU B 263 -28.37 25.23 -23.87
N TYR B 264 -27.57 24.18 -23.70
CA TYR B 264 -27.35 23.25 -24.81
C TYR B 264 -28.56 22.34 -25.09
N PHE B 265 -29.63 22.42 -24.28
CA PHE B 265 -30.86 21.69 -24.58
C PHE B 265 -31.78 22.45 -25.53
N GLY B 266 -31.53 23.75 -25.74
CA GLY B 266 -32.46 24.58 -26.48
C GLY B 266 -33.71 24.87 -25.67
N THR B 267 -34.76 25.28 -26.39
CA THR B 267 -36.06 25.50 -25.79
C THR B 267 -37.09 24.69 -26.57
N GLU B 268 -38.31 24.68 -26.03
CA GLU B 268 -39.40 24.02 -26.73
C GLU B 268 -39.65 24.67 -28.09
N ALA B 269 -39.47 25.98 -28.18
CA ALA B 269 -39.59 26.66 -29.46
C ALA B 269 -38.45 26.29 -30.39
N GLU B 270 -37.22 26.29 -29.88
CA GLU B 270 -36.03 26.05 -30.70
C GLU B 270 -35.21 24.94 -30.05
N PRO B 271 -35.57 23.69 -30.31
CA PRO B 271 -34.85 22.57 -29.70
C PRO B 271 -33.40 22.56 -30.12
N GLU B 272 -32.54 22.19 -29.17
CA GLU B 272 -31.14 21.87 -29.44
C GLU B 272 -30.90 20.38 -29.16
N PHE B 273 -30.15 20.07 -28.12
CA PHE B 273 -29.78 18.69 -27.85
C PHE B 273 -30.87 17.94 -27.06
N HIS B 274 -31.05 16.66 -27.39
CA HIS B 274 -32.00 15.85 -26.65
C HIS B 274 -31.50 15.57 -25.24
N MET B 275 -30.21 15.25 -25.11
CA MET B 275 -29.64 14.97 -23.80
C MET B 275 -28.24 15.54 -23.70
N CYS B 276 -27.82 15.73 -22.46
CA CYS B 276 -26.56 16.37 -22.10
C CYS B 276 -25.95 15.66 -20.91
N PHE B 277 -24.65 15.41 -20.97
CA PHE B 277 -23.96 14.84 -19.81
C PHE B 277 -24.09 15.76 -18.61
N ASN B 278 -24.50 15.21 -17.47
CA ASN B 278 -24.60 15.93 -16.20
C ASN B 278 -23.22 16.12 -15.58
N PHE B 279 -22.38 16.84 -16.33
CA PHE B 279 -21.03 17.14 -15.88
C PHE B 279 -20.94 17.85 -14.53
N PRO B 280 -21.88 18.72 -14.13
CA PRO B 280 -21.73 19.38 -12.82
C PRO B 280 -21.88 18.45 -11.63
N VAL B 281 -22.68 17.39 -11.75
CA VAL B 281 -22.86 16.51 -10.59
C VAL B 281 -21.65 15.65 -10.37
N MET B 282 -21.08 15.12 -11.45
CA MET B 282 -20.09 14.05 -11.35
C MET B 282 -19.00 14.37 -10.33
N PRO B 283 -18.30 15.51 -10.39
CA PRO B 283 -17.22 15.73 -9.44
C PRO B 283 -17.73 15.89 -8.03
N ARG B 284 -18.93 16.45 -7.85
CA ARG B 284 -19.49 16.57 -6.51
C ARG B 284 -19.81 15.22 -5.90
N LEU B 285 -19.98 14.17 -6.71
CA LEU B 285 -20.08 12.83 -6.15
C LEU B 285 -18.79 12.46 -5.43
N TYR B 286 -17.67 12.49 -6.16
CA TYR B 286 -16.37 12.10 -5.61
C TYR B 286 -15.96 12.99 -4.46
N MET B 287 -16.14 14.28 -4.62
CA MET B 287 -15.73 15.22 -3.59
C MET B 287 -16.56 15.01 -2.33
N SER B 288 -17.81 14.57 -2.48
CA SER B 288 -18.67 14.43 -1.33
C SER B 288 -18.46 13.10 -0.62
N LEU B 289 -17.91 12.11 -1.32
CA LEU B 289 -17.51 10.86 -0.66
C LEU B 289 -16.36 11.08 0.30
N LYS B 290 -15.32 11.80 -0.15
CA LYS B 290 -14.19 12.05 0.72
C LYS B 290 -14.56 12.95 1.90
N ARG B 291 -15.49 13.88 1.70
CA ARG B 291 -15.86 14.79 2.77
C ARG B 291 -16.91 14.21 3.70
N GLU B 292 -17.48 13.06 3.37
CA GLU B 292 -18.64 12.52 4.09
C GLU B 292 -19.76 13.55 4.20
N ASP B 293 -19.84 14.47 3.23
CA ASP B 293 -20.80 15.57 3.24
C ASP B 293 -21.44 15.71 1.86
N THR B 294 -22.75 15.50 1.80
CA THR B 294 -23.50 15.50 0.54
C THR B 294 -24.19 16.84 0.24
N SER B 295 -23.70 17.94 0.81
CA SER B 295 -24.31 19.24 0.54
C SER B 295 -23.94 19.74 -0.85
N SER B 296 -22.69 19.49 -1.27
CA SER B 296 -22.26 19.93 -2.59
C SER B 296 -23.16 19.33 -3.66
N ILE B 297 -23.69 18.15 -3.42
CA ILE B 297 -24.52 17.52 -4.42
C ILE B 297 -25.88 18.19 -4.47
N ARG B 298 -26.52 18.38 -3.31
CA ARG B 298 -27.81 19.06 -3.30
C ARG B 298 -27.69 20.47 -3.85
N GLU B 299 -26.53 21.10 -3.67
CA GLU B 299 -26.38 22.48 -4.09
C GLU B 299 -26.19 22.59 -5.61
N ILE B 300 -25.47 21.65 -6.19
CA ILE B 300 -25.23 21.73 -7.64
C ILE B 300 -26.46 21.28 -8.41
N MET B 301 -27.23 20.31 -7.87
CA MET B 301 -28.53 19.94 -8.44
C MET B 301 -29.50 21.13 -8.42
N GLY B 302 -29.51 21.89 -7.32
CA GLY B 302 -30.40 23.00 -7.15
C GLY B 302 -30.01 24.24 -7.92
N ARG B 303 -28.96 24.15 -8.74
CA ARG B 303 -28.51 25.24 -9.60
C ARG B 303 -28.82 24.98 -11.06
N LEU B 304 -29.41 23.83 -11.37
CA LEU B 304 -29.70 23.45 -12.75
C LEU B 304 -31.12 23.87 -13.07
N PRO B 305 -31.34 24.82 -13.99
CA PRO B 305 -32.70 25.15 -14.38
C PRO B 305 -33.40 23.93 -14.93
N LYS B 306 -34.73 23.99 -14.96
CA LYS B 306 -35.47 22.92 -15.60
C LYS B 306 -35.07 22.80 -17.06
N ILE B 307 -35.09 21.57 -17.56
CA ILE B 307 -34.71 21.30 -18.94
C ILE B 307 -35.98 21.05 -19.75
N PRO B 308 -35.96 21.20 -21.10
CA PRO B 308 -37.19 21.02 -21.87
C PRO B 308 -37.79 19.63 -21.75
N SER B 309 -38.97 19.45 -22.36
CA SER B 309 -39.71 18.21 -22.18
C SER B 309 -38.95 17.02 -22.74
N PHE B 310 -38.58 17.10 -24.01
CA PHE B 310 -37.79 16.08 -24.68
C PHE B 310 -36.43 15.90 -24.07
N GLY B 311 -35.99 16.82 -23.21
CA GLY B 311 -34.67 16.72 -22.62
C GLY B 311 -34.63 15.62 -21.57
N GLN B 312 -33.49 14.94 -21.51
CA GLN B 312 -33.18 13.96 -20.49
C GLN B 312 -31.71 14.17 -20.11
N TRP B 313 -31.37 14.08 -18.81
CA TRP B 313 -29.94 14.17 -18.54
C TRP B 313 -29.24 12.84 -18.77
N CYS B 314 -27.92 12.91 -18.93
CA CYS B 314 -27.09 11.72 -19.01
C CYS B 314 -26.14 11.71 -17.81
N ILE B 315 -26.24 10.66 -16.95
CA ILE B 315 -25.43 10.57 -15.73
C ILE B 315 -24.27 9.60 -15.96
N PHE B 316 -23.14 9.92 -15.33
CA PHE B 316 -21.94 9.10 -15.45
C PHE B 316 -21.03 9.36 -14.26
N LEU B 317 -20.24 8.33 -13.90
CA LEU B 317 -19.16 8.44 -12.93
C LEU B 317 -17.83 8.73 -13.60
N ARG B 318 -17.49 7.99 -14.67
CA ARG B 318 -16.21 8.16 -15.34
C ARG B 318 -16.43 8.07 -16.83
N ASN B 319 -15.35 8.21 -17.59
CA ASN B 319 -15.42 7.97 -19.03
C ASN B 319 -14.00 7.82 -19.57
N HIS B 320 -13.84 8.04 -20.88
CA HIS B 320 -12.56 7.90 -21.57
C HIS B 320 -11.62 9.07 -21.34
N ASP B 321 -12.13 10.20 -20.88
CA ASP B 321 -11.24 11.29 -20.50
C ASP B 321 -10.96 11.19 -19.02
N GLU B 322 -9.99 11.98 -18.59
CA GLU B 322 -9.71 12.16 -17.18
C GLU B 322 -10.93 12.74 -16.46
N LEU B 323 -10.96 12.51 -15.15
CA LEU B 323 -11.88 13.23 -14.29
C LEU B 323 -11.56 14.71 -14.38
N THR B 324 -12.53 15.52 -14.76
CA THR B 324 -12.29 16.95 -14.93
C THR B 324 -12.72 17.74 -13.70
N LEU B 325 -11.91 18.73 -13.35
CA LEU B 325 -12.08 19.66 -12.25
C LEU B 325 -11.86 21.07 -12.74
N ASP B 326 -12.49 21.46 -13.84
CA ASP B 326 -12.35 22.82 -14.28
C ASP B 326 -13.61 23.61 -13.99
N MET B 327 -14.65 22.94 -13.50
CA MET B 327 -15.90 23.60 -13.15
C MET B 327 -16.31 23.24 -11.73
N VAL B 328 -15.30 23.11 -10.87
CA VAL B 328 -15.45 23.22 -9.43
C VAL B 328 -14.70 24.49 -9.05
N THR B 329 -14.69 24.84 -7.77
CA THR B 329 -13.97 26.03 -7.35
C THR B 329 -12.47 25.81 -7.39
N ASP B 330 -11.72 26.86 -7.09
CA ASP B 330 -10.30 26.66 -6.87
C ASP B 330 -10.07 25.88 -5.59
N ASP B 331 -10.93 26.07 -4.59
CA ASP B 331 -10.82 25.29 -3.36
C ASP B 331 -11.27 23.85 -3.58
N GLU B 332 -12.48 23.66 -4.12
CA GLU B 332 -12.94 22.30 -4.42
C GLU B 332 -11.92 21.50 -5.22
N ARG B 333 -11.31 22.12 -6.25
CA ARG B 333 -10.30 21.44 -7.04
C ARG B 333 -9.06 21.09 -6.22
N ALA B 334 -8.67 21.97 -5.29
CA ALA B 334 -7.56 21.65 -4.38
C ALA B 334 -7.89 20.42 -3.54
N PHE B 335 -9.07 20.40 -2.93
CA PHE B 335 -9.46 19.27 -2.12
C PHE B 335 -9.42 17.98 -2.92
N MET B 336 -9.94 18.01 -4.16
CA MET B 336 -9.99 16.83 -5.00
C MET B 336 -8.59 16.26 -5.26
N TYR B 337 -7.65 17.14 -5.56
CA TYR B 337 -6.29 16.69 -5.81
C TYR B 337 -5.73 16.01 -4.57
N ALA B 338 -5.92 16.63 -3.41
CA ALA B 338 -5.34 16.09 -2.18
C ALA B 338 -5.95 14.75 -1.82
N ALA B 339 -7.17 14.49 -2.27
CA ALA B 339 -7.87 13.30 -1.84
C ALA B 339 -7.92 12.22 -2.90
N TYR B 340 -7.58 12.51 -4.15
CA TYR B 340 -7.65 11.50 -5.18
C TYR B 340 -6.42 11.43 -6.08
N ALA B 341 -5.42 12.27 -5.89
CA ALA B 341 -4.27 12.27 -6.78
C ALA B 341 -2.97 12.43 -5.99
N PRO B 342 -2.66 11.45 -5.12
CA PRO B 342 -1.43 11.55 -4.30
C PRO B 342 -0.16 11.58 -5.12
N ASP B 343 -0.24 11.33 -6.43
CA ASP B 343 0.90 11.33 -7.32
C ASP B 343 0.65 12.41 -8.37
N ALA B 344 1.55 13.40 -8.46
CA ALA B 344 1.40 14.43 -9.49
C ALA B 344 1.24 13.80 -10.88
N ARG B 345 1.75 12.59 -11.06
CA ARG B 345 1.60 11.92 -12.35
C ARG B 345 0.13 11.62 -12.64
N MET B 346 -0.69 11.45 -11.61
CA MET B 346 -2.10 11.20 -11.89
C MET B 346 -2.87 12.49 -12.20
N LYS B 347 -2.24 13.64 -12.09
CA LYS B 347 -2.86 14.87 -12.55
C LYS B 347 -2.65 15.06 -14.05
N ILE B 348 -3.64 15.69 -14.71
CA ILE B 348 -3.50 16.06 -16.13
C ILE B 348 -4.55 17.11 -16.51
N ASN B 349 -4.11 18.16 -17.21
CA ASN B 349 -5.03 19.08 -17.90
C ASN B 349 -6.21 19.47 -17.02
N VAL B 350 -5.90 19.84 -15.78
CA VAL B 350 -6.88 20.19 -14.75
C VAL B 350 -7.82 19.03 -14.49
N GLY B 351 -7.27 17.91 -14.04
CA GLY B 351 -8.07 16.77 -13.63
C GLY B 351 -7.21 15.58 -13.28
N ILE B 352 -7.86 14.58 -12.68
CA ILE B 352 -7.21 13.34 -12.25
C ILE B 352 -7.55 12.25 -13.25
N ARG B 353 -6.53 11.68 -13.89
CA ARG B 353 -6.71 10.66 -14.93
C ARG B 353 -6.58 9.28 -14.31
N ARG B 354 -7.66 8.82 -13.71
CA ARG B 354 -7.66 7.51 -13.09
C ARG B 354 -8.97 6.80 -13.42
N ARG B 355 -8.99 5.50 -13.17
CA ARG B 355 -10.21 4.73 -13.35
C ARG B 355 -11.09 4.81 -12.09
N LEU B 356 -12.39 4.57 -12.30
CA LEU B 356 -13.35 4.56 -11.19
C LEU B 356 -12.86 3.75 -9.99
N ALA B 357 -12.44 2.50 -10.22
CA ALA B 357 -12.06 1.60 -9.12
C ALA B 357 -10.82 2.07 -8.35
N PRO B 358 -9.70 2.44 -8.97
CA PRO B 358 -8.61 3.02 -8.16
C PRO B 358 -9.04 4.23 -7.37
N LEU B 359 -9.71 5.21 -7.98
CA LEU B 359 -10.18 6.37 -7.25
C LEU B 359 -10.85 5.97 -5.96
N LEU B 360 -11.62 4.89 -6.00
CA LEU B 360 -12.39 4.43 -4.85
C LEU B 360 -11.62 3.44 -3.99
N ASP B 361 -10.31 3.32 -4.19
CA ASP B 361 -9.43 2.42 -3.43
C ASP B 361 -9.85 0.96 -3.53
N ASN B 362 -10.37 0.58 -4.72
CA ASN B 362 -10.91 -0.75 -5.01
C ASN B 362 -11.85 -1.23 -3.90
N ASP B 363 -12.56 -0.29 -3.29
CA ASP B 363 -13.53 -0.60 -2.26
C ASP B 363 -14.87 -0.85 -2.95
N ARG B 364 -15.29 -2.11 -3.02
CA ARG B 364 -16.57 -2.40 -3.64
C ARG B 364 -17.72 -1.66 -2.96
N ARG B 365 -17.75 -1.66 -1.63
CA ARG B 365 -18.73 -0.87 -0.89
C ARG B 365 -18.79 0.55 -1.42
N ARG B 366 -17.64 1.13 -1.68
CA ARG B 366 -17.61 2.43 -2.32
C ARG B 366 -18.07 2.33 -3.77
N ILE B 367 -17.46 1.41 -4.53
CA ILE B 367 -17.79 1.29 -5.96
C ILE B 367 -19.30 1.13 -6.16
N GLU B 368 -19.90 0.18 -5.43
CA GLU B 368 -21.34 -0.01 -5.49
C GLU B 368 -22.08 1.29 -5.16
N LEU B 369 -21.66 2.00 -4.12
CA LEU B 369 -22.44 3.16 -3.70
C LEU B 369 -22.57 4.18 -4.82
N LEU B 370 -21.46 4.56 -5.43
CA LEU B 370 -21.54 5.58 -6.47
C LEU B 370 -22.43 5.13 -7.62
N ASN B 371 -22.37 3.83 -7.98
CA ASN B 371 -23.20 3.34 -9.08
C ASN B 371 -24.68 3.40 -8.74
N THR B 372 -25.03 3.16 -7.49
CA THR B 372 -26.43 3.26 -7.12
C THR B 372 -26.89 4.71 -7.18
N VAL B 373 -26.03 5.68 -6.84
CA VAL B 373 -26.42 7.07 -7.06
C VAL B 373 -26.44 7.39 -8.56
N LEU B 374 -25.59 6.74 -9.35
CA LEU B 374 -25.65 6.87 -10.81
C LEU B 374 -26.96 6.34 -11.36
N LEU B 375 -27.38 5.17 -10.89
CA LEU B 375 -28.65 4.60 -11.31
C LEU B 375 -29.87 5.33 -10.74
N ALA B 376 -29.71 6.08 -9.63
CA ALA B 376 -30.86 6.65 -8.96
C ALA B 376 -31.01 8.16 -9.16
N LEU B 377 -30.03 8.84 -9.73
CA LEU B 377 -30.24 10.24 -10.04
C LEU B 377 -31.07 10.37 -11.33
N PRO B 378 -31.71 11.52 -11.53
CA PRO B 378 -32.61 11.66 -12.69
C PRO B 378 -31.86 11.83 -13.99
N GLY B 379 -31.79 10.76 -14.77
CA GLY B 379 -31.14 10.80 -16.07
C GLY B 379 -31.29 9.45 -16.74
N SER B 380 -30.47 9.21 -17.74
CA SER B 380 -30.18 7.87 -18.20
C SER B 380 -28.70 7.61 -17.96
N PRO B 381 -28.34 6.52 -17.30
CA PRO B 381 -26.95 6.32 -16.89
C PRO B 381 -26.12 5.80 -18.04
N VAL B 382 -24.86 6.21 -18.08
CA VAL B 382 -23.89 5.60 -18.97
C VAL B 382 -22.85 4.87 -18.12
N LEU B 383 -22.43 3.71 -18.60
CA LEU B 383 -21.37 2.93 -17.99
C LEU B 383 -20.14 3.04 -18.87
N TYR B 384 -19.00 3.36 -18.27
CA TYR B 384 -17.74 3.30 -18.99
C TYR B 384 -17.28 1.85 -19.01
N TYR B 385 -16.99 1.32 -20.19
CA TYR B 385 -16.68 -0.10 -20.31
C TYR B 385 -15.61 -0.48 -19.29
N GLY B 386 -15.76 -1.68 -18.71
CA GLY B 386 -14.79 -2.20 -17.77
C GLY B 386 -14.99 -1.79 -16.34
N ASP B 387 -15.74 -0.73 -16.07
CA ASP B 387 -16.10 -0.41 -14.70
C ASP B 387 -16.94 -1.51 -14.10
N GLU B 388 -17.73 -2.22 -14.91
CA GLU B 388 -18.64 -3.22 -14.38
C GLU B 388 -17.92 -4.46 -13.89
N ILE B 389 -16.60 -4.56 -14.07
CA ILE B 389 -15.84 -5.68 -13.56
C ILE B 389 -14.69 -5.25 -12.67
N GLY B 390 -14.54 -3.95 -12.40
CA GLY B 390 -13.50 -3.45 -11.52
C GLY B 390 -12.18 -3.07 -12.16
N MET B 391 -12.17 -2.81 -13.48
CA MET B 391 -10.92 -2.54 -14.19
C MET B 391 -10.20 -1.34 -13.60
N GLY B 392 -8.87 -1.44 -13.53
CA GLY B 392 -8.00 -0.35 -13.11
C GLY B 392 -7.42 0.41 -14.28
N ASP B 393 -6.24 1.00 -14.07
CA ASP B 393 -5.63 1.87 -15.05
C ASP B 393 -4.13 1.62 -15.12
N ASP B 394 -3.50 2.15 -16.16
CA ASP B 394 -2.04 2.16 -16.29
C ASP B 394 -1.57 3.60 -16.52
N LEU B 395 -1.18 4.27 -15.44
CA LEU B 395 -0.64 5.62 -15.51
C LEU B 395 0.83 5.63 -15.87
N GLY B 396 1.25 4.65 -16.68
CA GLY B 396 2.50 4.72 -17.41
C GLY B 396 2.20 5.03 -18.87
N LEU B 397 0.94 4.85 -19.24
CA LEU B 397 0.45 5.26 -20.53
C LEU B 397 0.30 6.78 -20.59
N PRO B 398 0.60 7.41 -21.72
CA PRO B 398 0.51 8.87 -21.83
C PRO B 398 -0.94 9.34 -21.94
N ASP B 399 -1.10 10.66 -21.96
CA ASP B 399 -2.37 11.37 -22.02
C ASP B 399 -3.38 10.68 -21.11
N ARG B 400 -4.59 10.43 -21.63
CA ARG B 400 -5.63 9.73 -20.89
C ARG B 400 -5.72 8.27 -21.28
N ASN B 401 -4.69 7.73 -21.93
CA ASN B 401 -4.72 6.37 -22.43
C ASN B 401 -4.58 5.32 -21.34
N GLY B 402 -4.32 5.72 -20.09
CA GLY B 402 -4.27 4.78 -19.00
C GLY B 402 -5.62 4.22 -18.63
N VAL B 403 -6.70 4.86 -19.07
CA VAL B 403 -8.04 4.40 -18.77
C VAL B 403 -8.67 3.77 -19.97
N ARG B 404 -7.90 3.54 -21.02
CA ARG B 404 -8.38 3.02 -22.30
C ARG B 404 -7.69 1.70 -22.60
N THR B 405 -7.28 1.00 -21.55
CA THR B 405 -6.63 -0.27 -21.70
C THR B 405 -7.60 -1.30 -22.27
N PRO B 406 -7.08 -2.37 -22.88
CA PRO B 406 -7.96 -3.42 -23.42
C PRO B 406 -8.90 -4.01 -22.38
N MET B 407 -10.13 -4.30 -22.82
CA MET B 407 -11.09 -5.05 -22.03
C MET B 407 -10.46 -6.31 -21.44
N GLN B 408 -11.00 -6.75 -20.33
CA GLN B 408 -10.42 -7.90 -19.64
C GLN B 408 -11.51 -8.95 -19.54
N TRP B 409 -11.51 -9.86 -20.49
CA TRP B 409 -12.58 -10.82 -20.65
C TRP B 409 -12.33 -12.09 -19.85
N ASN B 410 -11.12 -12.60 -19.89
CA ASN B 410 -10.78 -13.79 -19.14
C ASN B 410 -9.36 -13.60 -18.63
N ALA B 411 -8.72 -14.70 -18.25
CA ALA B 411 -7.36 -14.64 -17.77
C ALA B 411 -6.38 -15.31 -18.72
N GLY B 412 -6.82 -15.63 -19.94
CA GLY B 412 -5.93 -16.15 -20.96
C GLY B 412 -5.13 -15.03 -21.60
N THR B 413 -4.59 -15.33 -22.78
CA THR B 413 -3.65 -14.43 -23.45
C THR B 413 -4.21 -13.02 -23.56
N SER B 414 -3.50 -12.06 -22.98
CA SER B 414 -3.91 -10.65 -23.01
C SER B 414 -5.33 -10.46 -22.46
N GLY B 415 -5.68 -11.20 -21.41
CA GLY B 415 -6.98 -11.08 -20.79
C GLY B 415 -8.13 -11.40 -21.71
N GLY B 416 -7.90 -12.21 -22.74
CA GLY B 416 -8.93 -12.53 -23.68
C GLY B 416 -9.31 -11.41 -24.63
N PHE B 417 -8.61 -10.26 -24.57
CA PHE B 417 -8.90 -9.22 -25.54
C PHE B 417 -8.34 -9.58 -26.89
N SER B 418 -7.24 -10.32 -26.92
CA SER B 418 -6.61 -10.62 -28.19
C SER B 418 -5.71 -11.82 -28.01
N THR B 419 -5.41 -12.48 -29.11
CA THR B 419 -4.43 -13.55 -29.08
C THR B 419 -3.03 -13.03 -29.32
N ALA B 420 -2.90 -11.73 -29.56
CA ALA B 420 -1.61 -11.09 -29.66
C ALA B 420 -0.98 -10.96 -28.28
N GLN B 421 0.34 -10.83 -28.26
CA GLN B 421 1.01 -10.63 -26.99
C GLN B 421 0.56 -9.33 -26.35
N PRO B 422 0.49 -9.29 -25.02
CA PRO B 422 0.14 -8.03 -24.36
C PRO B 422 0.98 -6.88 -24.88
N SER B 423 2.30 -7.09 -24.99
CA SER B 423 3.23 -6.14 -25.59
C SER B 423 2.83 -5.72 -27.00
N ASP B 424 2.03 -6.53 -27.69
CA ASP B 424 1.71 -6.28 -29.09
C ASP B 424 0.30 -5.74 -29.29
N CYS B 425 -0.49 -5.55 -28.23
CA CYS B 425 -1.83 -4.95 -28.31
C CYS B 425 -1.73 -3.43 -28.31
N PHE B 426 -2.81 -2.79 -28.79
CA PHE B 426 -2.76 -1.38 -29.12
C PHE B 426 -2.45 -0.51 -27.90
N PHE B 427 -3.02 -0.85 -26.75
CA PHE B 427 -2.58 -0.41 -25.43
C PHE B 427 -2.38 -1.69 -24.65
N PRO B 428 -1.47 -1.71 -23.68
CA PRO B 428 -1.17 -2.98 -22.96
C PRO B 428 -2.29 -3.36 -22.01
N PRO B 429 -2.85 -4.56 -22.14
CA PRO B 429 -3.77 -5.07 -21.11
C PRO B 429 -3.11 -5.08 -19.74
N ILE B 430 -3.86 -4.63 -18.72
CA ILE B 430 -3.32 -4.40 -17.38
C ILE B 430 -3.07 -5.72 -16.66
N GLN B 431 -1.89 -5.84 -16.03
CA GLN B 431 -1.43 -7.10 -15.48
C GLN B 431 -0.77 -6.94 -14.12
N ASP B 432 -1.17 -5.95 -13.34
CA ASP B 432 -0.58 -5.79 -12.01
C ASP B 432 -1.26 -6.72 -11.01
N PRO B 433 -0.71 -6.82 -9.80
CA PRO B 433 -1.30 -7.71 -8.78
C PRO B 433 -2.74 -7.42 -8.40
N VAL B 434 -3.26 -6.22 -8.63
CA VAL B 434 -4.53 -5.81 -8.03
C VAL B 434 -5.66 -5.79 -9.06
N TYR B 435 -5.42 -5.15 -10.19
CA TYR B 435 -6.44 -5.07 -11.24
C TYR B 435 -6.06 -5.76 -12.55
N GLY B 436 -4.89 -6.39 -12.63
CA GLY B 436 -4.56 -7.15 -13.81
C GLY B 436 -5.59 -8.21 -14.08
N PHE B 437 -5.47 -8.84 -15.27
CA PHE B 437 -6.56 -9.65 -15.80
C PHE B 437 -6.61 -11.06 -15.23
N GLY B 438 -5.52 -11.56 -14.67
CA GLY B 438 -5.61 -12.75 -13.86
C GLY B 438 -6.54 -12.59 -12.68
N ARG B 439 -6.76 -11.37 -12.22
CA ARG B 439 -7.65 -11.07 -11.10
C ARG B 439 -8.99 -10.47 -11.52
N VAL B 440 -9.01 -9.66 -12.58
CA VAL B 440 -10.17 -8.89 -12.97
C VAL B 440 -10.45 -9.20 -14.43
N ASN B 441 -11.48 -10.03 -14.66
CA ASN B 441 -11.89 -10.46 -15.99
C ASN B 441 -13.34 -10.91 -15.97
N VAL B 442 -13.91 -10.98 -17.16
CA VAL B 442 -15.34 -11.31 -17.29
C VAL B 442 -15.62 -12.77 -16.95
N GLN B 443 -14.72 -13.69 -17.34
CA GLN B 443 -14.90 -15.11 -17.03
C GLN B 443 -15.09 -15.31 -15.54
N SER B 444 -14.18 -14.75 -14.76
CA SER B 444 -14.25 -14.84 -13.31
C SER B 444 -15.61 -14.38 -12.79
N GLN B 445 -16.03 -13.18 -13.19
CA GLN B 445 -17.26 -12.58 -12.70
C GLN B 445 -18.52 -13.24 -13.26
N LEU B 446 -18.41 -14.07 -14.29
CA LEU B 446 -19.59 -14.78 -14.74
C LEU B 446 -19.79 -16.07 -13.96
N GLN B 447 -18.75 -16.57 -13.32
CA GLN B 447 -18.84 -17.76 -12.49
C GLN B 447 -18.89 -17.45 -11.00
N ASP B 448 -18.48 -16.26 -10.62
CA ASP B 448 -18.64 -15.78 -9.27
C ASP B 448 -20.10 -15.44 -9.04
N PRO B 449 -20.84 -16.18 -8.18
CA PRO B 449 -22.26 -15.86 -7.94
C PRO B 449 -22.46 -14.48 -7.34
N SER B 450 -21.37 -13.78 -7.01
CA SER B 450 -21.45 -12.57 -6.21
C SER B 450 -20.52 -11.49 -6.75
N SER B 451 -20.13 -11.58 -8.01
CA SER B 451 -19.16 -10.66 -8.57
C SER B 451 -19.76 -9.28 -8.81
N LEU B 452 -18.86 -8.30 -9.03
CA LEU B 452 -19.31 -6.95 -9.31
C LEU B 452 -20.13 -6.92 -10.60
N LEU B 453 -19.73 -7.72 -11.59
CA LEU B 453 -20.49 -7.83 -12.84
C LEU B 453 -21.92 -8.22 -12.58
N LYS B 454 -22.12 -9.32 -11.87
CA LYS B 454 -23.47 -9.78 -11.59
C LYS B 454 -24.22 -8.78 -10.70
N TRP B 455 -23.52 -8.14 -9.76
CA TRP B 455 -24.17 -7.14 -8.91
C TRP B 455 -24.74 -6.00 -9.74
N THR B 456 -24.01 -5.60 -10.80
CA THR B 456 -24.39 -4.50 -11.68
C THR B 456 -25.62 -4.85 -12.50
N ALA B 457 -25.58 -6.02 -13.14
CA ALA B 457 -26.71 -6.47 -13.92
C ALA B 457 -27.92 -6.61 -13.03
N ARG B 458 -27.72 -7.10 -11.80
CA ARG B 458 -28.84 -7.17 -10.90
C ARG B 458 -29.34 -5.77 -10.57
N GLN B 459 -28.43 -4.80 -10.43
CA GLN B 459 -28.85 -3.44 -10.10
C GLN B 459 -29.57 -2.78 -11.27
N LEU B 460 -29.09 -3.01 -12.51
CA LEU B 460 -29.80 -2.54 -13.69
C LEU B 460 -31.18 -3.19 -13.79
N GLU B 461 -31.28 -4.48 -13.52
CA GLU B 461 -32.58 -5.13 -13.53
C GLU B 461 -33.52 -4.51 -12.50
N LEU B 462 -32.99 -4.14 -11.33
CA LEU B 462 -33.81 -3.47 -10.34
C LEU B 462 -34.20 -2.07 -10.79
N ARG B 463 -33.34 -1.40 -11.56
CA ARG B 463 -33.72 -0.12 -12.14
C ARG B 463 -34.84 -0.28 -13.18
N ARG B 464 -34.87 -1.36 -13.95
CA ARG B 464 -35.89 -1.48 -14.98
C ARG B 464 -37.28 -1.57 -14.39
N ALA B 465 -37.40 -2.11 -13.17
CA ALA B 465 -38.69 -2.35 -12.56
C ALA B 465 -39.41 -1.07 -12.18
N HIS B 466 -38.76 0.08 -12.31
CA HIS B 466 -39.24 1.32 -11.70
C HIS B 466 -38.98 2.49 -12.63
N PRO B 467 -39.91 2.75 -13.58
CA PRO B 467 -39.74 3.88 -14.50
C PRO B 467 -39.47 5.23 -13.81
N ALA B 468 -39.85 5.38 -12.53
CA ALA B 468 -39.57 6.63 -11.85
C ALA B 468 -38.07 6.92 -11.79
N PHE B 469 -37.21 5.89 -11.83
CA PHE B 469 -35.76 6.11 -11.89
C PHE B 469 -35.37 6.87 -13.15
N ALA B 470 -36.00 6.55 -14.28
CA ALA B 470 -35.62 7.17 -15.53
C ALA B 470 -36.40 8.43 -15.78
N HIS B 471 -37.66 8.48 -15.37
CA HIS B 471 -38.54 9.57 -15.77
C HIS B 471 -39.03 10.45 -14.62
N GLY B 472 -38.98 9.97 -13.38
CA GLY B 472 -39.57 10.70 -12.29
C GLY B 472 -38.83 11.98 -11.94
N ASP B 473 -39.44 12.77 -11.05
CA ASP B 473 -38.86 14.02 -10.57
C ASP B 473 -37.83 13.74 -9.47
N LEU B 474 -37.25 14.83 -8.94
CA LEU B 474 -36.27 14.74 -7.87
C LEU B 474 -36.59 15.77 -6.79
N THR B 475 -36.71 15.30 -5.55
CA THR B 475 -37.18 16.09 -4.41
C THR B 475 -36.28 15.70 -3.25
N PHE B 476 -35.20 16.46 -3.06
CA PHE B 476 -34.27 16.11 -2.00
C PHE B 476 -34.99 16.15 -0.65
N ILE B 477 -34.71 15.16 0.19
CA ILE B 477 -35.26 15.04 1.53
C ILE B 477 -34.12 15.43 2.48
N GLU B 478 -34.46 16.12 3.57
CA GLU B 478 -33.46 16.44 4.57
C GLU B 478 -33.32 15.30 5.56
N THR B 479 -32.10 15.11 6.06
CA THR B 479 -31.71 13.99 6.91
C THR B 479 -31.15 14.38 8.27
N GLY B 480 -30.74 15.63 8.46
CA GLY B 480 -30.11 15.98 9.70
C GLY B 480 -28.78 15.32 9.91
N ASN B 481 -28.04 15.10 8.83
CA ASN B 481 -26.74 14.44 8.85
C ASN B 481 -26.16 14.59 7.45
N PRO B 482 -25.16 15.46 7.28
CA PRO B 482 -24.63 15.72 5.94
C PRO B 482 -24.11 14.47 5.20
N ALA B 483 -23.86 13.37 5.89
CA ALA B 483 -23.34 12.18 5.23
C ALA B 483 -24.43 11.32 4.60
N ILE B 484 -25.69 11.68 4.80
CA ILE B 484 -26.82 10.93 4.29
C ILE B 484 -27.48 11.80 3.24
N LEU B 485 -27.31 11.40 1.98
CA LEU B 485 -28.03 11.98 0.86
C LEU B 485 -29.33 11.19 0.63
N ALA B 486 -30.45 11.91 0.57
CA ALA B 486 -31.77 11.29 0.58
C ALA B 486 -32.70 12.09 -0.29
N PHE B 487 -33.25 11.46 -1.33
CA PHE B 487 -34.21 12.09 -2.23
C PHE B 487 -35.30 11.11 -2.62
N THR B 488 -36.43 11.66 -3.07
CA THR B 488 -37.51 10.89 -3.69
C THR B 488 -37.49 11.07 -5.20
N ARG B 489 -38.00 10.05 -5.90
CA ARG B 489 -38.35 10.14 -7.31
C ARG B 489 -39.81 9.75 -7.45
N GLN B 490 -40.60 10.58 -8.14
CA GLN B 490 -42.04 10.37 -8.26
C GLN B 490 -42.41 10.32 -9.73
N TYR B 491 -43.14 9.29 -10.13
CA TYR B 491 -43.61 9.19 -11.51
C TYR B 491 -44.70 8.14 -11.58
N ASP B 492 -45.83 8.52 -12.16
CA ASP B 492 -46.95 7.61 -12.42
C ASP B 492 -47.38 6.90 -11.14
N GLY B 493 -47.66 7.69 -10.12
CA GLY B 493 -48.19 7.11 -8.87
C GLY B 493 -47.16 6.62 -7.88
N GLU B 494 -46.23 5.80 -8.35
CA GLU B 494 -45.17 5.27 -7.49
C GLU B 494 -44.28 6.39 -6.97
N THR B 495 -43.88 6.28 -5.71
CA THR B 495 -42.88 7.15 -5.12
C THR B 495 -41.71 6.31 -4.66
N LEU B 496 -40.52 6.62 -5.15
CA LEU B 496 -39.29 5.98 -4.70
C LEU B 496 -38.61 6.88 -3.69
N LEU B 497 -37.94 6.26 -2.72
CA LEU B 497 -37.15 6.96 -1.70
C LEU B 497 -35.75 6.35 -1.66
N ILE B 498 -34.78 7.08 -2.18
CA ILE B 498 -33.40 6.60 -2.28
C ILE B 498 -32.59 7.25 -1.18
N VAL B 499 -32.08 6.44 -0.25
CA VAL B 499 -31.30 6.89 0.89
C VAL B 499 -29.90 6.30 0.78
N SER B 500 -28.89 7.16 0.69
CA SER B 500 -27.52 6.70 0.52
C SER B 500 -26.63 7.24 1.64
N ASN B 501 -25.64 6.45 2.06
CA ASN B 501 -24.67 6.90 3.05
C ASN B 501 -23.32 7.05 2.37
N PHE B 502 -22.79 8.29 2.36
CA PHE B 502 -21.49 8.60 1.78
C PHE B 502 -20.36 8.59 2.81
N ALA B 503 -20.57 8.00 3.97
CA ALA B 503 -19.54 7.93 4.98
C ALA B 503 -19.11 6.48 5.17
N GLY B 504 -17.90 6.32 5.66
CA GLY B 504 -17.32 5.00 5.83
C GLY B 504 -17.55 4.35 7.18
N ASN B 505 -18.44 4.87 8.00
CA ASN B 505 -18.77 4.25 9.28
C ASN B 505 -20.25 4.48 9.50
N ALA B 506 -20.82 3.77 10.47
CA ALA B 506 -22.28 3.83 10.64
C ALA B 506 -22.74 5.26 10.89
N GLN B 507 -23.96 5.55 10.44
CA GLN B 507 -24.46 6.91 10.39
C GLN B 507 -25.93 6.92 10.73
N ALA B 508 -26.31 7.88 11.55
CA ALA B 508 -27.70 8.10 11.93
C ALA B 508 -28.22 9.29 11.16
N GLY B 509 -29.51 9.25 10.87
CA GLY B 509 -30.19 10.37 10.24
C GLY B 509 -31.63 10.36 10.69
N LEU B 510 -32.28 11.51 10.51
CA LEU B 510 -33.69 11.71 10.82
C LEU B 510 -34.32 12.36 9.60
N LEU B 511 -35.02 11.55 8.80
CA LEU B 511 -35.47 11.95 7.47
C LEU B 511 -36.81 12.69 7.58
N ASP B 512 -36.87 13.87 6.94
CA ASP B 512 -38.09 14.68 6.87
C ASP B 512 -39.10 14.06 5.89
N LEU B 513 -39.70 12.93 6.26
CA LEU B 513 -40.78 12.31 5.49
C LEU B 513 -42.15 12.73 6.00
N ALA B 514 -42.29 13.99 6.37
CA ALA B 514 -43.60 14.51 6.74
C ALA B 514 -44.62 14.39 5.61
N PRO B 515 -44.29 14.69 4.35
CA PRO B 515 -45.31 14.52 3.30
C PRO B 515 -45.73 13.07 3.07
N PHE B 516 -45.35 12.12 3.92
CA PHE B 516 -45.71 10.75 3.63
C PHE B 516 -46.22 9.98 4.85
N VAL B 517 -46.69 10.68 5.89
CA VAL B 517 -47.14 10.00 7.10
C VAL B 517 -48.20 8.98 6.76
N GLY B 518 -48.16 7.83 7.43
CA GLY B 518 -49.11 6.76 7.16
C GLY B 518 -48.76 5.85 6.00
N ARG B 519 -47.80 6.25 5.18
CA ARG B 519 -47.24 5.39 4.13
C ARG B 519 -46.01 4.66 4.68
N ALA B 520 -45.71 3.52 4.09
CA ALA B 520 -44.64 2.70 4.60
C ALA B 520 -43.51 2.55 3.58
N PRO B 521 -42.26 2.78 3.97
CA PRO B 521 -41.15 2.33 3.14
C PRO B 521 -41.14 0.82 3.10
N VAL B 522 -40.99 0.27 1.90
CA VAL B 522 -40.71 -1.14 1.66
C VAL B 522 -39.56 -1.20 0.68
N THR B 523 -38.63 -2.13 0.90
CA THR B 523 -37.47 -2.26 0.02
C THR B 523 -37.88 -2.57 -1.41
N LEU B 524 -37.29 -1.84 -2.37
CA LEU B 524 -37.44 -2.16 -3.79
C LEU B 524 -36.98 -3.58 -4.11
N SER B 525 -36.21 -4.21 -3.23
CA SER B 525 -35.71 -5.54 -3.46
C SER B 525 -36.10 -6.40 -2.26
N GLY B 526 -36.86 -7.45 -2.51
CA GLY B 526 -37.26 -8.33 -1.44
C GLY B 526 -38.48 -7.89 -0.65
N ALA B 527 -39.03 -6.72 -0.96
CA ALA B 527 -40.33 -6.29 -0.44
C ALA B 527 -40.39 -6.35 1.09
N SER B 528 -39.40 -5.75 1.74
CA SER B 528 -39.38 -5.76 3.19
C SER B 528 -39.90 -4.42 3.71
N PRO B 529 -41.06 -4.39 4.37
CA PRO B 529 -41.59 -3.10 4.84
C PRO B 529 -40.78 -2.57 6.01
N LEU B 530 -40.55 -1.26 5.98
CA LEU B 530 -40.02 -0.54 7.12
C LEU B 530 -41.16 0.02 7.93
N PRO B 531 -40.91 0.50 9.16
CA PRO B 531 -42.00 1.04 9.97
C PRO B 531 -42.79 2.10 9.23
N VAL B 532 -44.09 2.14 9.52
CA VAL B 532 -44.94 3.16 8.93
C VAL B 532 -44.55 4.53 9.47
N VAL B 533 -44.46 5.52 8.58
CA VAL B 533 -44.18 6.88 9.00
C VAL B 533 -45.32 7.38 9.89
N THR B 534 -44.98 7.87 11.08
CA THR B 534 -45.98 8.27 12.04
C THR B 534 -45.80 9.74 12.42
N GLY B 535 -46.73 10.23 13.24
CA GLY B 535 -46.70 11.55 13.83
C GLY B 535 -46.30 12.71 12.95
N ASN B 536 -45.15 13.31 13.25
CA ASN B 536 -44.61 14.45 12.53
C ASN B 536 -43.81 14.04 11.30
N GLY B 537 -43.68 12.73 11.04
CA GLY B 537 -42.97 12.30 9.85
C GLY B 537 -41.47 12.46 9.89
N GLN B 538 -40.90 12.79 11.04
CA GLN B 538 -39.45 12.81 11.18
C GLN B 538 -39.03 11.39 11.55
N TYR B 539 -38.43 10.70 10.56
CA TYR B 539 -38.20 9.27 10.53
C TYR B 539 -36.79 8.95 10.99
N PRO B 540 -36.59 8.23 12.08
CA PRO B 540 -35.24 7.81 12.47
C PRO B 540 -34.76 6.72 11.53
N VAL B 541 -33.49 6.82 11.12
CA VAL B 541 -32.87 5.85 10.24
C VAL B 541 -31.40 5.72 10.60
N VAL B 542 -30.88 4.50 10.56
CA VAL B 542 -29.45 4.28 10.69
C VAL B 542 -28.97 3.62 9.41
N MET B 543 -27.70 3.84 9.07
CA MET B 543 -27.08 3.20 7.91
C MET B 543 -25.72 2.64 8.29
N GLY B 544 -25.38 1.52 7.67
CA GLY B 544 -24.02 1.05 7.68
C GLY B 544 -23.14 1.93 6.82
N LYS B 545 -21.87 1.57 6.73
CA LYS B 545 -20.94 2.33 5.90
C LYS B 545 -21.28 2.16 4.43
N TYR B 546 -21.30 3.27 3.69
CA TYR B 546 -21.47 3.27 2.23
C TYR B 546 -22.75 2.54 1.80
N ASP B 547 -23.71 2.47 2.71
CA ASP B 547 -24.96 1.76 2.47
C ASP B 547 -25.81 2.49 1.43
N TYR B 548 -26.72 1.73 0.82
CA TYR B 548 -27.75 2.28 -0.03
C TYR B 548 -29.08 1.58 0.26
N TYR B 549 -30.09 2.38 0.61
CA TYR B 549 -31.45 1.90 0.81
C TYR B 549 -32.29 2.29 -0.40
N TRP B 550 -32.79 1.30 -1.13
CA TRP B 550 -33.67 1.55 -2.28
C TRP B 550 -35.07 1.09 -1.90
N LEU B 551 -35.98 2.06 -1.81
CA LEU B 551 -37.23 1.96 -1.09
C LEU B 551 -38.40 2.47 -1.93
N ARG B 552 -39.55 1.86 -1.73
CA ARG B 552 -40.82 2.31 -2.29
C ARG B 552 -41.68 2.86 -1.15
N LEU B 553 -42.41 3.94 -1.43
CA LEU B 553 -43.44 4.47 -0.53
C LEU B 553 -44.81 4.06 -1.06
N ASN B 554 -45.50 3.17 -0.34
CA ASN B 554 -46.84 2.73 -0.74
C ASN B 554 -47.85 3.83 -0.48
N SER B 555 -49.09 3.45 -0.15
CA SER B 555 -50.16 4.43 0.01
C SER B 555 -50.99 4.22 1.27
N PRO C 8 20.03 37.29 26.29
CA PRO C 8 18.62 36.93 26.40
C PRO C 8 18.35 35.76 27.34
N GLU C 9 17.17 35.16 27.19
CA GLU C 9 16.69 34.11 28.08
C GLU C 9 17.09 32.75 27.57
N TRP C 10 17.30 31.81 28.50
CA TRP C 10 17.76 30.47 28.10
C TRP C 10 16.70 29.70 27.34
N TYR C 11 15.42 29.91 27.66
CA TYR C 11 14.38 29.25 26.88
C TYR C 11 14.26 29.85 25.48
N LYS C 12 14.84 31.03 25.23
CA LYS C 12 14.71 31.60 23.89
C LYS C 12 15.60 30.90 22.88
N SER C 13 16.77 30.43 23.28
CA SER C 13 17.73 29.89 22.33
C SER C 13 17.82 28.37 22.40
N ALA C 14 16.86 27.71 23.06
CA ALA C 14 16.96 26.30 23.41
C ALA C 14 16.11 25.42 22.49
N VAL C 15 16.63 24.23 22.17
CA VAL C 15 15.91 23.20 21.43
C VAL C 15 15.27 22.23 22.43
N PHE C 16 13.94 22.06 22.38
CA PHE C 16 13.19 21.27 23.35
C PHE C 16 12.84 19.89 22.80
N TYR C 17 12.63 18.94 23.70
CA TYR C 17 12.46 17.55 23.30
C TYR C 17 11.47 16.88 24.25
N GLU C 18 10.35 16.42 23.70
CA GLU C 18 9.24 15.93 24.48
C GLU C 18 9.36 14.42 24.61
N LEU C 19 9.28 13.91 25.83
CA LEU C 19 9.38 12.47 26.02
C LEU C 19 8.63 12.08 27.28
N SER C 20 8.33 10.79 27.35
CA SER C 20 7.57 10.20 28.44
C SER C 20 8.45 9.17 29.11
N VAL C 21 8.74 9.38 30.39
CA VAL C 21 9.69 8.53 31.09
C VAL C 21 9.30 7.07 31.00
N ARG C 22 7.98 6.79 31.05
CA ARG C 22 7.50 5.40 31.11
C ARG C 22 7.79 4.65 29.83
N THR C 23 8.16 5.37 28.80
CA THR C 23 8.20 4.87 27.44
C THR C 23 9.58 5.00 26.82
N PHE C 24 10.49 5.76 27.45
CA PHE C 24 11.75 6.11 26.81
C PHE C 24 12.79 5.00 26.99
N GLN C 25 12.95 4.49 28.21
CA GLN C 25 14.00 3.51 28.48
C GLN C 25 13.82 2.87 29.85
N ASP C 26 13.79 1.55 29.90
CA ASP C 26 13.53 0.81 31.12
C ASP C 26 14.82 0.12 31.56
N GLY C 27 15.34 0.51 32.74
CA GLY C 27 16.59 -0.02 33.26
C GLY C 27 16.52 -1.29 34.09
N ASN C 28 15.41 -1.58 34.74
CA ASN C 28 15.32 -2.76 35.57
C ASN C 28 14.59 -3.91 34.90
N GLY C 29 14.06 -3.71 33.69
CA GLY C 29 13.55 -4.82 32.92
C GLY C 29 12.13 -5.24 33.23
N ASP C 30 11.36 -4.40 33.92
CA ASP C 30 9.98 -4.67 34.27
C ASP C 30 8.99 -4.24 33.20
N GLY C 31 9.48 -3.78 32.05
CA GLY C 31 8.62 -3.36 30.99
C GLY C 31 8.16 -1.92 31.06
N LYS C 32 8.47 -1.18 32.13
CA LYS C 32 8.11 0.24 32.26
C LYS C 32 9.36 1.11 32.21
N GLY C 33 9.30 2.22 31.49
CA GLY C 33 10.44 3.13 31.46
C GLY C 33 10.64 3.84 32.79
N ASP C 34 11.89 3.92 33.23
CA ASP C 34 12.17 4.43 34.55
C ASP C 34 13.23 5.53 34.52
N PHE C 35 13.29 6.28 35.63
CA PHE C 35 14.22 7.39 35.70
C PHE C 35 15.68 6.98 35.56
N PRO C 36 16.15 5.86 36.15
CA PRO C 36 17.51 5.41 35.81
C PRO C 36 17.72 5.19 34.32
N GLY C 37 16.81 4.48 33.66
CA GLY C 37 16.90 4.33 32.22
C GLY C 37 17.09 5.67 31.53
N LEU C 38 16.19 6.62 31.82
CA LEU C 38 16.26 7.92 31.17
C LEU C 38 17.59 8.61 31.46
N THR C 39 18.12 8.43 32.66
CA THR C 39 19.42 9.03 32.97
C THR C 39 20.51 8.48 32.05
N SER C 40 20.45 7.17 31.78
CA SER C 40 21.45 6.51 30.95
C SER C 40 21.47 7.06 29.52
N ARG C 41 20.36 7.64 29.08
CA ARG C 41 20.19 8.07 27.70
C ARG C 41 20.40 9.58 27.49
N LEU C 42 20.83 10.31 28.53
CA LEU C 42 21.02 11.75 28.38
C LEU C 42 22.20 12.08 27.48
N ASP C 43 23.21 11.18 27.44
CA ASP C 43 24.29 11.32 26.45
C ASP C 43 23.74 11.37 25.02
N TYR C 44 22.76 10.51 24.72
CA TYR C 44 22.06 10.55 23.44
C TYR C 44 21.52 11.94 23.17
N LEU C 45 20.61 12.40 24.02
CA LEU C 45 19.89 13.64 23.78
C LEU C 45 20.82 14.83 23.61
N LYS C 46 21.95 14.84 24.32
CA LYS C 46 22.86 15.99 24.26
C LYS C 46 23.59 16.03 22.93
N ASN C 47 23.97 14.87 22.37
CA ASN C 47 24.66 14.88 21.08
C ASN C 47 23.73 15.20 19.94
N LEU C 48 22.42 15.01 20.13
CA LEU C 48 21.48 15.29 19.06
C LEU C 48 21.41 16.77 18.76
N GLY C 49 21.68 17.59 19.76
CA GLY C 49 21.39 19.00 19.71
C GLY C 49 20.28 19.46 20.64
N VAL C 50 19.93 18.67 21.62
CA VAL C 50 18.83 19.01 22.50
C VAL C 50 19.36 19.85 23.65
N ASP C 51 18.54 20.81 24.07
CA ASP C 51 18.90 21.70 25.16
C ASP C 51 18.01 21.53 26.39
N CYS C 52 16.72 21.27 26.22
CA CYS C 52 15.83 21.13 27.36
C CYS C 52 14.88 19.97 27.15
N LEU C 53 14.96 18.97 28.01
CA LEU C 53 14.00 17.88 28.02
C LEU C 53 12.69 18.36 28.65
N TRP C 54 11.57 17.89 28.11
CA TRP C 54 10.26 18.12 28.71
C TRP C 54 9.62 16.76 28.96
N LEU C 55 9.25 16.52 30.20
CA LEU C 55 8.79 15.22 30.65
C LEU C 55 7.29 15.26 30.89
N LEU C 56 6.58 14.31 30.31
CA LEU C 56 5.17 14.14 30.57
C LEU C 56 4.99 13.73 32.03
N PRO C 57 3.77 13.82 32.56
CA PRO C 57 3.57 13.69 34.02
C PRO C 57 4.15 12.43 34.64
N TRP C 58 4.96 12.63 35.70
CA TRP C 58 5.67 11.54 36.34
C TRP C 58 5.12 11.21 37.72
N PHE C 59 4.02 11.71 38.06
CA PHE C 59 3.34 11.68 39.34
C PHE C 59 2.49 10.42 39.52
N PRO C 60 2.41 9.94 40.76
CA PRO C 60 1.53 8.82 41.08
C PRO C 60 0.13 9.05 40.51
N SER C 61 -0.47 7.99 40.00
CA SER C 61 -1.67 8.14 39.20
C SER C 61 -2.16 6.77 38.76
N PRO C 62 -3.48 6.59 38.62
CA PRO C 62 -3.98 5.34 38.02
C PRO C 62 -3.74 5.27 36.52
N LEU C 63 -3.21 6.32 35.91
CA LEU C 63 -2.87 6.31 34.48
C LEU C 63 -4.10 6.12 33.60
N ARG C 64 -5.25 6.62 34.05
CA ARG C 64 -6.44 6.57 33.21
C ARG C 64 -6.26 7.43 31.97
N ASP C 65 -5.67 8.61 32.13
CA ASP C 65 -5.26 9.42 30.99
C ASP C 65 -3.73 9.52 31.00
N ASP C 66 -3.10 8.35 31.07
CA ASP C 66 -1.64 8.16 30.96
C ASP C 66 -0.86 9.00 31.96
N GLY C 67 -1.48 9.33 33.08
CA GLY C 67 -0.81 10.05 34.13
C GLY C 67 -1.07 11.52 34.15
N TYR C 68 -1.90 12.04 33.24
CA TYR C 68 -2.47 13.37 33.38
C TYR C 68 -3.63 13.40 34.37
N ASP C 69 -4.00 12.26 34.94
CA ASP C 69 -4.94 12.19 36.06
C ASP C 69 -4.11 12.00 37.35
N VAL C 70 -3.49 13.10 37.78
CA VAL C 70 -2.52 13.07 38.89
C VAL C 70 -3.21 12.69 40.19
N ALA C 71 -2.56 11.81 40.95
CA ALA C 71 -3.07 11.42 42.27
C ALA C 71 -2.15 11.84 43.42
N ASP C 72 -1.14 12.69 43.14
CA ASP C 72 -0.19 13.21 44.13
C ASP C 72 0.86 14.02 43.40
N TYR C 73 0.82 15.34 43.56
CA TYR C 73 1.75 16.23 42.86
C TYR C 73 3.17 16.18 43.40
N ARG C 74 3.43 15.42 44.46
CA ARG C 74 4.66 15.59 45.20
C ARG C 74 5.50 14.34 45.31
N GLY C 75 5.08 13.24 44.67
CA GLY C 75 5.86 12.03 44.64
C GLY C 75 6.21 11.64 43.21
N ILE C 76 6.99 10.58 43.10
CA ILE C 76 7.27 9.96 41.81
C ILE C 76 6.37 8.75 41.65
N HIS C 77 5.88 8.53 40.43
CA HIS C 77 5.07 7.34 40.16
C HIS C 77 5.94 6.10 40.34
N PRO C 78 5.49 5.10 41.10
CA PRO C 78 6.34 3.91 41.33
C PRO C 78 6.90 3.32 40.04
N ASP C 79 6.12 3.36 38.97
CA ASP C 79 6.55 2.82 37.69
C ASP C 79 7.91 3.35 37.29
N LEU C 80 8.19 4.61 37.60
CA LEU C 80 9.32 5.32 37.01
C LEU C 80 10.51 5.42 37.95
N GLY C 81 10.51 4.64 39.04
CA GLY C 81 11.58 4.73 40.01
C GLY C 81 11.16 5.50 41.24
N THR C 82 12.08 6.22 41.84
CA THR C 82 11.88 6.84 43.14
C THR C 82 12.18 8.34 43.06
N LEU C 83 12.01 9.03 44.18
CA LEU C 83 12.41 10.43 44.25
C LEU C 83 13.92 10.58 44.20
N ASP C 84 14.65 9.64 44.81
CA ASP C 84 16.09 9.56 44.62
C ASP C 84 16.43 9.39 43.14
N ASP C 85 15.79 8.41 42.49
CA ASP C 85 15.90 8.26 41.05
C ASP C 85 15.63 9.57 40.33
N PHE C 86 14.55 10.26 40.69
CA PHE C 86 14.28 11.56 40.09
C PHE C 86 15.39 12.55 40.41
N LYS C 87 15.76 12.65 41.68
CA LYS C 87 16.79 13.59 42.05
C LYS C 87 18.08 13.34 41.28
N VAL C 88 18.54 12.08 41.25
CA VAL C 88 19.78 11.77 40.54
C VAL C 88 19.66 12.13 39.05
N PHE C 89 18.50 11.86 38.44
CA PHE C 89 18.33 12.18 37.02
C PHE C 89 18.52 13.66 36.78
N LEU C 90 17.85 14.51 37.57
CA LEU C 90 17.91 15.93 37.31
C LEU C 90 19.32 16.47 37.52
N ARG C 91 20.12 15.82 38.38
CA ARG C 91 21.52 16.20 38.53
C ARG C 91 22.31 15.86 37.28
N GLU C 92 22.30 14.57 36.91
CA GLU C 92 22.98 14.08 35.73
C GLU C 92 22.54 14.78 34.45
N ALA C 93 21.36 15.40 34.43
CA ALA C 93 21.00 16.20 33.27
C ALA C 93 21.57 17.61 33.37
N HIS C 94 21.67 18.13 34.59
CA HIS C 94 22.22 19.45 34.75
C HIS C 94 23.73 19.46 34.56
N ALA C 95 24.41 18.38 34.98
CA ALA C 95 25.83 18.23 34.69
C ALA C 95 26.14 18.12 33.21
N ARG C 96 25.12 17.96 32.36
CA ARG C 96 25.33 17.91 30.92
C ARG C 96 24.86 19.17 30.22
N GLY C 97 24.26 20.11 30.96
CA GLY C 97 23.79 21.33 30.36
C GLY C 97 22.41 21.22 29.76
N LEU C 98 21.68 20.17 30.10
CA LEU C 98 20.26 20.08 29.78
C LEU C 98 19.44 20.76 30.88
N TRP C 99 18.49 21.60 30.47
CA TRP C 99 17.38 21.96 31.35
C TRP C 99 16.29 20.91 31.28
N VAL C 100 15.59 20.69 32.38
CA VAL C 100 14.45 19.80 32.40
C VAL C 100 13.24 20.54 32.95
N ILE C 101 12.10 20.36 32.30
CA ILE C 101 10.84 20.91 32.78
C ILE C 101 9.86 19.76 32.92
N GLY C 102 8.83 19.99 33.72
CA GLY C 102 7.82 19.00 34.01
C GLY C 102 6.47 19.44 33.48
N ASP C 103 5.49 18.58 33.71
CA ASP C 103 4.10 18.86 33.37
C ASP C 103 3.34 19.19 34.65
N LEU C 104 2.75 20.37 34.69
CA LEU C 104 1.92 20.77 35.81
C LEU C 104 0.47 20.59 35.38
N VAL C 105 -0.16 19.53 35.87
CA VAL C 105 -1.58 19.32 35.62
C VAL C 105 -2.35 20.21 36.58
N THR C 106 -2.68 21.42 36.15
CA THR C 106 -3.29 22.40 37.04
C THR C 106 -4.82 22.41 36.99
N ASN C 107 -5.43 22.14 35.83
CA ASN C 107 -6.87 22.23 35.73
C ASN C 107 -7.59 21.16 36.56
N HIS C 108 -6.98 20.00 36.77
CA HIS C 108 -7.73 18.87 37.33
C HIS C 108 -6.80 17.89 38.03
N THR C 109 -7.41 16.99 38.80
CA THR C 109 -6.73 15.87 39.45
C THR C 109 -7.54 14.62 39.21
N SER C 110 -6.92 13.46 39.45
CA SER C 110 -7.63 12.19 39.31
C SER C 110 -8.73 12.07 40.34
N SER C 111 -9.72 11.22 40.02
CA SER C 111 -10.71 10.87 41.03
C SER C 111 -10.08 10.09 42.18
N ASP C 112 -8.87 9.55 42.00
CA ASP C 112 -8.18 8.82 43.04
C ASP C 112 -7.20 9.69 43.81
N HIS C 113 -7.21 11.00 43.56
CA HIS C 113 -6.48 11.90 44.44
C HIS C 113 -7.06 11.81 45.85
N PRO C 114 -6.23 11.97 46.90
CA PRO C 114 -6.80 12.04 48.26
C PRO C 114 -7.66 13.27 48.50
N TRP C 115 -7.53 14.32 47.67
CA TRP C 115 -8.43 15.47 47.75
C TRP C 115 -9.85 15.07 47.34
N PHE C 116 -9.99 14.47 46.16
CA PHE C 116 -11.32 14.05 45.73
C PHE C 116 -11.90 13.01 46.68
N GLN C 117 -11.10 12.00 47.02
CA GLN C 117 -11.57 10.90 47.84
C GLN C 117 -12.18 11.39 49.15
N ALA C 118 -11.89 12.63 49.54
CA ALA C 118 -12.52 13.33 50.65
C ALA C 118 -13.65 14.26 50.22
N ALA C 119 -13.49 14.95 49.09
CA ALA C 119 -14.49 15.91 48.64
C ALA C 119 -15.84 15.25 48.37
N ARG C 120 -15.84 13.99 47.93
CA ARG C 120 -17.07 13.28 47.65
C ARG C 120 -17.78 12.78 48.91
N ARG C 121 -17.19 12.97 50.08
CA ARG C 121 -17.85 12.58 51.32
C ARG C 121 -19.05 13.46 51.65
N GLY C 122 -19.07 14.70 51.14
CA GLY C 122 -20.12 15.65 51.45
C GLY C 122 -19.54 16.93 52.03
N PRO C 123 -20.26 18.04 51.89
CA PRO C 123 -19.82 19.29 52.56
C PRO C 123 -19.81 19.19 54.08
N THR C 124 -20.39 18.14 54.66
CA THR C 124 -20.47 17.96 56.09
C THR C 124 -19.89 16.59 56.45
N LEU C 125 -18.86 16.61 57.29
CA LEU C 125 -18.23 15.39 57.74
C LEU C 125 -19.16 14.70 58.75
N PRO C 126 -18.81 13.48 59.19
CA PRO C 126 -19.70 12.78 60.16
C PRO C 126 -20.00 13.58 61.42
N ASP C 127 -18.96 14.14 62.07
CA ASP C 127 -19.16 14.86 63.33
C ASP C 127 -19.98 16.14 63.15
N GLY C 128 -20.14 16.61 61.92
CA GLY C 128 -20.89 17.82 61.64
C GLY C 128 -20.04 18.98 61.16
N SER C 129 -18.71 18.87 61.19
CA SER C 129 -17.86 19.98 60.78
C SER C 129 -17.93 20.17 59.27
N PRO C 130 -17.61 21.36 58.78
CA PRO C 130 -17.46 21.54 57.33
C PRO C 130 -16.22 20.82 56.82
N ASN C 131 -16.38 20.06 55.74
CA ASN C 131 -15.28 19.35 55.10
C ASN C 131 -14.58 20.33 54.16
N GLU C 132 -13.41 20.83 54.57
CA GLU C 132 -12.75 21.87 53.82
C GLU C 132 -12.38 21.43 52.40
N TYR C 133 -12.37 20.12 52.14
CA TYR C 133 -11.94 19.59 50.86
C TYR C 133 -13.04 19.49 49.82
N HIS C 134 -14.32 19.49 50.23
CA HIS C 134 -15.38 19.43 49.23
C HIS C 134 -15.32 20.64 48.29
N ASP C 135 -14.88 21.80 48.79
CA ASP C 135 -14.80 23.00 47.98
C ASP C 135 -13.63 22.98 47.02
N TYR C 136 -12.80 21.94 47.05
CA TYR C 136 -11.65 21.89 46.15
C TYR C 136 -12.09 21.69 44.71
N TYR C 137 -13.15 20.91 44.49
CA TYR C 137 -13.72 20.63 43.18
C TYR C 137 -15.07 21.33 43.05
N VAL C 138 -15.50 21.56 41.82
CA VAL C 138 -16.75 22.26 41.59
C VAL C 138 -17.90 21.26 41.55
N TRP C 139 -19.00 21.60 42.21
CA TRP C 139 -20.16 20.74 42.30
C TRP C 139 -21.43 21.47 41.86
N SER C 140 -22.42 20.66 41.48
CA SER C 140 -23.73 21.15 41.12
C SER C 140 -24.75 20.08 41.51
N ASP C 141 -25.97 20.52 41.83
CA ASP C 141 -26.99 19.61 42.35
C ASP C 141 -27.82 18.97 41.25
N GLU C 142 -28.10 19.73 40.18
CA GLU C 142 -28.81 19.20 39.04
C GLU C 142 -27.93 19.02 37.82
N GLY C 143 -26.81 19.75 37.74
CA GLY C 143 -25.92 19.68 36.61
C GLY C 143 -26.28 20.56 35.45
N LYS C 144 -27.17 21.54 35.65
CA LYS C 144 -27.65 22.37 34.56
C LYS C 144 -26.69 23.52 34.23
N GLU C 145 -25.74 23.82 35.11
CA GLU C 145 -24.92 25.02 34.96
C GLU C 145 -23.83 24.82 33.89
N TYR C 146 -23.17 25.94 33.57
CA TYR C 146 -22.20 26.10 32.49
C TYR C 146 -22.55 25.33 31.22
N ALA C 147 -23.82 25.27 30.82
CA ALA C 147 -24.11 24.77 29.47
C ALA C 147 -23.67 25.85 28.48
N ASP C 148 -23.95 25.64 27.19
CA ASP C 148 -23.32 26.43 26.12
C ASP C 148 -21.79 26.31 26.17
N THR C 149 -21.32 25.11 26.53
CA THR C 149 -19.91 24.85 26.75
C THR C 149 -19.51 23.63 25.93
N ARG C 150 -18.31 23.69 25.37
CA ARG C 150 -17.86 22.70 24.41
C ARG C 150 -17.28 21.48 25.12
N ILE C 151 -17.59 20.27 24.61
CA ILE C 151 -17.02 19.02 25.13
C ILE C 151 -15.73 18.70 24.37
N ILE C 152 -14.70 18.25 25.09
CA ILE C 152 -13.38 18.06 24.51
C ILE C 152 -13.15 16.62 24.09
N PHE C 153 -13.44 15.65 24.96
CA PHE C 153 -13.28 14.23 24.60
C PHE C 153 -14.64 13.63 24.24
N THR C 154 -15.23 14.13 23.14
CA THR C 154 -16.61 13.75 22.79
C THR C 154 -16.75 12.27 22.48
N ASP C 155 -15.66 11.59 22.10
CA ASP C 155 -15.74 10.16 21.77
C ASP C 155 -16.07 9.32 23.00
N THR C 156 -15.76 9.82 24.19
CA THR C 156 -15.95 9.15 25.46
C THR C 156 -17.07 9.76 26.27
N GLU C 157 -17.08 11.09 26.35
CA GLU C 157 -17.79 11.84 27.38
C GLU C 157 -19.03 12.50 26.78
N VAL C 158 -20.20 12.18 27.33
CA VAL C 158 -21.45 12.77 26.87
C VAL C 158 -21.74 14.11 27.55
N SER C 159 -21.23 14.33 28.76
CA SER C 159 -21.61 15.47 29.57
C SER C 159 -20.38 15.97 30.32
N ASN C 160 -20.17 17.28 30.32
CA ASN C 160 -19.09 17.83 31.13
C ASN C 160 -19.37 17.75 32.62
N TRP C 161 -20.51 17.17 33.01
CA TRP C 161 -20.84 16.90 34.40
C TRP C 161 -20.99 15.40 34.57
N THR C 162 -20.79 14.92 35.79
CA THR C 162 -20.96 13.50 36.09
C THR C 162 -21.42 13.38 37.55
N LEU C 163 -22.34 12.45 37.79
CA LEU C 163 -22.87 12.23 39.12
C LEU C 163 -21.94 11.31 39.90
N ASP C 164 -21.65 11.70 41.14
CA ASP C 164 -20.89 10.86 42.05
C ASP C 164 -21.89 10.11 42.91
N GLU C 165 -21.87 8.77 42.85
CA GLU C 165 -22.88 7.98 43.56
C GLU C 165 -22.86 8.19 45.08
N GLN C 166 -21.74 8.69 45.64
CA GLN C 166 -21.63 8.91 47.09
C GLN C 166 -21.70 10.38 47.50
N ALA C 167 -21.30 11.33 46.66
CA ALA C 167 -21.56 12.74 46.91
C ALA C 167 -22.93 13.21 46.44
N GLY C 168 -23.68 12.36 45.75
CA GLY C 168 -25.03 12.68 45.35
C GLY C 168 -25.18 13.93 44.51
N LYS C 169 -24.08 14.61 44.19
CA LYS C 169 -24.08 15.78 43.31
C LYS C 169 -23.38 15.44 42.00
N TYR C 170 -23.33 16.42 41.11
CA TYR C 170 -22.53 16.35 39.90
C TYR C 170 -21.26 17.17 40.10
N TYR C 171 -20.13 16.61 39.70
CA TYR C 171 -18.90 17.37 39.61
C TYR C 171 -18.60 17.71 38.16
N TRP C 172 -17.65 18.61 37.98
CA TRP C 172 -17.35 19.19 36.68
C TRP C 172 -15.98 18.71 36.20
N HIS C 173 -15.89 18.38 34.92
CA HIS C 173 -14.63 17.91 34.35
C HIS C 173 -14.57 18.26 32.87
N ARG C 174 -13.57 19.04 32.48
CA ARG C 174 -13.36 19.36 31.07
C ARG C 174 -12.75 18.20 30.28
N PHE C 175 -12.35 17.12 30.94
CA PHE C 175 -11.83 15.95 30.25
C PHE C 175 -12.46 14.70 30.85
N PHE C 176 -11.69 13.66 31.11
CA PHE C 176 -12.31 12.38 31.47
C PHE C 176 -13.07 12.47 32.80
N ALA C 177 -14.12 11.67 32.91
CA ALA C 177 -14.91 11.62 34.14
C ALA C 177 -14.02 11.47 35.36
N SER C 178 -12.93 10.71 35.23
CA SER C 178 -12.00 10.42 36.33
C SER C 178 -11.08 11.59 36.68
N GLN C 179 -11.20 12.73 35.99
CA GLN C 179 -10.37 13.90 36.22
C GLN C 179 -11.21 15.09 36.67
N PRO C 180 -11.73 15.07 37.90
CA PRO C 180 -12.57 16.17 38.37
C PRO C 180 -11.84 17.51 38.33
N ASP C 181 -12.50 18.50 37.73
CA ASP C 181 -11.92 19.82 37.61
C ASP C 181 -11.72 20.43 38.99
N LEU C 182 -10.73 21.31 39.10
CA LEU C 182 -10.36 21.94 40.35
C LEU C 182 -11.04 23.30 40.44
N ASN C 183 -11.73 23.55 41.56
CA ASN C 183 -12.41 24.82 41.78
C ASN C 183 -11.35 25.88 42.06
N TYR C 184 -11.09 26.72 41.08
CA TYR C 184 -10.09 27.76 41.23
C TYR C 184 -10.68 29.09 41.69
N ASP C 185 -11.98 29.12 41.97
CA ASP C 185 -12.53 30.25 42.72
C ASP C 185 -12.14 30.20 44.20
N ASN C 186 -11.69 29.03 44.68
CA ASN C 186 -11.29 28.71 46.04
C ASN C 186 -9.81 29.00 46.25
N PRO C 187 -9.44 30.14 46.85
CA PRO C 187 -8.01 30.51 46.92
C PRO C 187 -7.17 29.51 47.70
N LYS C 188 -7.77 28.53 48.38
CA LYS C 188 -7.01 27.41 48.92
C LYS C 188 -6.48 26.50 47.82
N VAL C 189 -7.12 26.52 46.65
CA VAL C 189 -6.69 25.72 45.51
C VAL C 189 -5.55 26.42 44.77
N VAL C 190 -5.54 27.75 44.71
CA VAL C 190 -4.41 28.43 44.13
C VAL C 190 -3.16 28.23 44.97
N GLU C 191 -3.33 27.89 46.25
CA GLU C 191 -2.19 27.72 47.13
C GLU C 191 -1.67 26.30 47.14
N GLU C 192 -2.57 25.31 47.09
CA GLU C 192 -2.14 23.94 46.88
C GLU C 192 -1.38 23.80 45.56
N LEU C 193 -1.80 24.54 44.53
CA LEU C 193 -1.11 24.52 43.25
C LEU C 193 0.22 25.26 43.33
N HIS C 194 0.22 26.48 43.87
CA HIS C 194 1.46 27.20 44.09
C HIS C 194 2.44 26.34 44.89
N GLY C 195 1.92 25.48 45.75
CA GLY C 195 2.75 24.58 46.52
C GLY C 195 3.30 23.46 45.67
N ALA C 196 2.41 22.81 44.90
CA ALA C 196 2.84 21.75 44.00
C ALA C 196 3.97 22.22 43.09
N ALA C 197 3.85 23.44 42.55
CA ALA C 197 4.94 23.94 41.71
C ALA C 197 6.18 24.25 42.54
N ARG C 198 5.99 24.84 43.73
CA ARG C 198 7.13 25.15 44.58
C ARG C 198 7.92 23.90 44.89
N PHE C 199 7.23 22.79 45.18
CA PHE C 199 7.92 21.56 45.57
C PHE C 199 8.92 21.11 44.52
N TRP C 200 8.60 21.29 43.25
CA TRP C 200 9.50 20.84 42.19
C TRP C 200 10.54 21.89 41.82
N LEU C 201 10.15 23.16 41.77
CA LEU C 201 11.14 24.23 41.66
C LEU C 201 12.14 24.22 42.82
N ASP C 202 11.69 23.82 44.01
CA ASP C 202 12.62 23.71 45.13
C ASP C 202 13.69 22.66 44.87
N LEU C 203 13.37 21.63 44.08
CA LEU C 203 14.31 20.54 43.79
C LEU C 203 15.33 20.88 42.70
N GLY C 204 15.24 22.05 42.07
CA GLY C 204 16.11 22.42 40.98
C GLY C 204 15.47 22.43 39.60
N LEU C 205 14.20 22.02 39.48
CA LEU C 205 13.54 21.89 38.19
C LEU C 205 13.50 23.23 37.47
N ASP C 206 13.73 23.20 36.16
CA ASP C 206 13.93 24.43 35.41
C ASP C 206 12.65 25.05 34.91
N GLY C 207 11.52 24.33 35.00
CA GLY C 207 10.25 24.96 34.75
C GLY C 207 9.13 23.95 34.57
N PHE C 208 7.97 24.48 34.19
CA PHE C 208 6.80 23.66 33.92
C PHE C 208 6.21 24.01 32.58
N ARG C 209 5.81 22.99 31.83
CA ARG C 209 4.72 23.17 30.90
C ARG C 209 3.43 23.03 31.69
N VAL C 210 2.54 24.01 31.54
CA VAL C 210 1.29 24.04 32.29
C VAL C 210 0.15 23.63 31.38
N ASP C 211 -0.55 22.56 31.78
CA ASP C 211 -1.43 21.83 30.91
C ASP C 211 -2.85 22.40 31.01
N ALA C 212 -3.46 22.66 29.85
CA ALA C 212 -4.89 22.97 29.76
C ALA C 212 -5.21 24.26 30.51
N VAL C 213 -4.46 25.32 30.20
CA VAL C 213 -4.60 26.58 30.92
C VAL C 213 -5.89 27.33 30.60
N PRO C 214 -6.41 27.31 29.35
CA PRO C 214 -7.66 28.04 29.07
C PRO C 214 -8.84 27.67 29.95
N TYR C 215 -8.80 26.54 30.65
CA TYR C 215 -10.00 25.95 31.24
C TYR C 215 -10.02 26.00 32.76
N LEU C 216 -9.18 26.83 33.37
CA LEU C 216 -9.21 26.86 34.83
C LEU C 216 -10.61 27.25 35.32
N ILE C 217 -11.00 28.51 35.10
CA ILE C 217 -12.21 29.07 35.69
C ILE C 217 -13.38 28.90 34.74
N GLU C 218 -14.57 28.68 35.31
CA GLU C 218 -15.80 28.56 34.54
C GLU C 218 -16.82 29.59 35.04
N ARG C 219 -17.21 30.52 34.18
CA ARG C 219 -18.29 31.47 34.47
C ARG C 219 -19.50 31.15 33.59
N GLU C 220 -20.69 31.30 34.17
CA GLU C 220 -21.94 31.09 33.44
C GLU C 220 -22.16 32.21 32.43
N GLY C 221 -22.83 31.86 31.32
CA GLY C 221 -22.98 32.79 30.23
C GLY C 221 -21.73 33.02 29.39
N THR C 222 -20.67 32.24 29.60
CA THR C 222 -19.44 32.31 28.79
C THR C 222 -19.12 30.92 28.25
N SER C 223 -18.02 30.84 27.50
CA SER C 223 -17.50 29.56 27.02
C SER C 223 -16.67 28.82 28.05
N CYS C 224 -16.26 29.50 29.13
CA CYS C 224 -15.37 28.93 30.14
C CYS C 224 -14.04 28.50 29.52
N GLU C 225 -13.54 29.30 28.59
CA GLU C 225 -12.20 29.17 28.06
C GLU C 225 -11.65 30.56 27.81
N ASN C 226 -10.48 30.85 28.38
CA ASN C 226 -9.78 32.12 28.24
C ASN C 226 -10.45 33.23 29.04
N LEU C 227 -11.26 32.87 30.04
CA LEU C 227 -11.84 33.86 30.92
C LEU C 227 -10.74 34.73 31.53
N PRO C 228 -10.92 36.05 31.62
CA PRO C 228 -9.92 36.88 32.29
C PRO C 228 -9.74 36.50 33.76
N GLU C 229 -10.78 35.95 34.38
CA GLU C 229 -10.64 35.33 35.69
C GLU C 229 -9.58 34.23 35.66
N THR C 230 -9.49 33.48 34.55
CA THR C 230 -8.45 32.46 34.41
C THR C 230 -7.07 33.11 34.25
N HIS C 231 -6.96 34.11 33.38
CA HIS C 231 -5.67 34.75 33.14
C HIS C 231 -5.10 35.38 34.39
N GLU C 232 -5.95 35.88 35.29
CA GLU C 232 -5.43 36.46 36.52
C GLU C 232 -4.77 35.39 37.40
N ILE C 233 -5.36 34.18 37.44
CA ILE C 233 -4.77 33.09 38.20
C ILE C 233 -3.38 32.76 37.66
N LEU C 234 -3.27 32.68 36.35
CA LEU C 234 -1.97 32.47 35.74
C LEU C 234 -1.02 33.60 36.13
N LYS C 235 -1.43 34.85 35.94
CA LYS C 235 -0.60 35.99 36.35
C LYS C 235 -0.07 35.82 37.77
N GLY C 236 -0.94 35.37 38.69
CA GLY C 236 -0.50 35.16 40.06
C GLY C 236 0.52 34.05 40.17
N PHE C 237 0.44 33.08 39.27
CA PHE C 237 1.43 32.01 39.21
C PHE C 237 2.79 32.52 38.74
N ARG C 238 2.82 33.20 37.58
CA ARG C 238 4.07 33.80 37.12
C ARG C 238 4.59 34.79 38.15
N ALA C 239 3.69 35.43 38.89
CA ALA C 239 4.09 36.28 40.01
C ALA C 239 4.96 35.51 40.97
N MET C 240 4.43 34.38 41.47
CA MET C 240 5.15 33.57 42.46
C MET C 240 6.44 33.00 41.87
N VAL C 241 6.41 32.61 40.60
CA VAL C 241 7.62 32.08 39.96
C VAL C 241 8.64 33.19 39.73
N ASP C 242 8.18 34.38 39.34
CA ASP C 242 9.11 35.46 39.08
C ASP C 242 9.75 35.95 40.38
N ARG C 243 8.98 35.98 41.47
CA ARG C 243 9.54 36.45 42.74
C ARG C 243 10.43 35.38 43.36
N GLU C 244 9.92 34.16 43.55
CA GLU C 244 10.63 33.17 44.36
C GLU C 244 11.76 32.49 43.62
N TYR C 245 11.58 32.21 42.32
CA TYR C 245 12.49 31.36 41.54
C TYR C 245 12.85 32.01 40.23
N PRO C 246 13.67 33.06 40.24
CA PRO C 246 13.94 33.79 38.98
C PRO C 246 14.58 32.88 37.95
N GLY C 247 14.28 33.16 36.69
CA GLY C 247 14.88 32.44 35.58
C GLY C 247 14.24 31.13 35.18
N ARG C 248 13.36 30.58 36.01
CA ARG C 248 12.67 29.37 35.60
C ARG C 248 11.71 29.69 34.46
N LEU C 249 11.23 28.64 33.79
CA LEU C 249 10.44 28.75 32.57
C LEU C 249 9.02 28.26 32.78
N LEU C 250 8.04 29.09 32.43
CA LEU C 250 6.63 28.70 32.43
C LEU C 250 6.13 28.65 30.99
N LEU C 251 5.71 27.45 30.55
CA LEU C 251 5.33 27.19 29.16
C LEU C 251 3.88 26.75 29.11
N ALA C 252 3.06 27.49 28.36
CA ALA C 252 1.62 27.29 28.29
C ALA C 252 1.24 26.46 27.08
N GLU C 253 0.28 25.57 27.26
CA GLU C 253 -0.32 24.84 26.17
C GLU C 253 -1.69 25.45 25.94
N ALA C 254 -1.77 26.41 25.05
CA ALA C 254 -3.05 27.08 24.76
C ALA C 254 -3.40 26.87 23.30
N ASN C 255 -4.36 25.99 23.03
CA ASN C 255 -4.79 25.75 21.65
C ASN C 255 -6.08 26.53 21.41
N GLN C 256 -5.91 27.81 21.12
CA GLN C 256 -7.03 28.73 20.94
C GLN C 256 -6.66 29.63 19.78
N TRP C 257 -7.62 30.46 19.34
CA TRP C 257 -7.44 31.27 18.13
C TRP C 257 -6.29 32.27 18.32
N PRO C 258 -5.66 32.72 17.22
CA PRO C 258 -4.45 33.56 17.30
C PRO C 258 -4.44 34.61 18.40
N GLU C 259 -5.47 35.46 18.40
CA GLU C 259 -5.57 36.54 19.37
C GLU C 259 -5.67 36.00 20.79
N GLU C 260 -6.56 35.03 21.03
CA GLU C 260 -6.78 34.54 22.39
C GLU C 260 -5.53 33.88 22.97
N VAL C 261 -4.66 33.30 22.13
CA VAL C 261 -3.51 32.58 22.64
C VAL C 261 -2.45 33.55 23.16
N VAL C 262 -2.18 34.62 22.41
CA VAL C 262 -1.18 35.61 22.81
C VAL C 262 -1.56 36.26 24.12
N GLU C 263 -2.85 36.24 24.49
CA GLU C 263 -3.23 36.71 25.80
C GLU C 263 -2.53 35.94 26.92
N TYR C 264 -2.10 34.71 26.66
CA TYR C 264 -1.42 33.88 27.64
C TYR C 264 0.04 34.26 27.86
N PHE C 265 0.59 35.15 27.06
CA PHE C 265 1.88 35.73 27.42
C PHE C 265 1.76 36.78 28.51
N GLY C 266 0.54 37.26 28.80
CA GLY C 266 0.34 38.43 29.62
C GLY C 266 0.92 39.65 28.89
N THR C 267 1.14 40.71 29.67
CA THR C 267 1.71 41.92 29.13
C THR C 267 3.04 42.24 29.82
N GLU C 268 3.80 43.14 29.18
CA GLU C 268 5.01 43.67 29.81
C GLU C 268 4.73 44.06 31.24
N ALA C 269 3.67 44.86 31.44
CA ALA C 269 3.23 45.20 32.77
C ALA C 269 2.90 43.96 33.60
N GLU C 270 2.09 43.05 33.05
CA GLU C 270 1.47 41.96 33.81
C GLU C 270 1.83 40.61 33.19
N PRO C 271 3.03 40.09 33.47
CA PRO C 271 3.47 38.85 32.79
C PRO C 271 2.61 37.64 33.14
N GLU C 272 2.48 36.75 32.14
CA GLU C 272 1.85 35.46 32.33
C GLU C 272 2.88 34.40 31.97
N PHE C 273 2.80 33.79 30.78
CA PHE C 273 3.71 32.71 30.43
C PHE C 273 4.94 33.20 29.67
N HIS C 274 6.05 32.46 29.82
CA HIS C 274 7.25 32.82 29.09
C HIS C 274 7.15 32.42 27.62
N MET C 275 6.71 31.19 27.35
CA MET C 275 6.41 30.78 25.99
C MET C 275 5.08 30.05 25.93
N CYS C 276 4.43 30.09 24.75
CA CYS C 276 3.30 29.24 24.45
C CYS C 276 3.59 28.39 23.23
N PHE C 277 2.82 27.33 23.10
CA PHE C 277 2.85 26.51 21.90
C PHE C 277 2.11 27.25 20.78
N ASN C 278 2.79 27.44 19.65
CA ASN C 278 2.16 28.00 18.47
C ASN C 278 1.21 26.97 17.84
N PHE C 279 0.06 26.73 18.45
CA PHE C 279 -0.87 25.72 18.05
C PHE C 279 -1.64 26.14 16.78
N PRO C 280 -1.75 27.47 16.51
CA PRO C 280 -2.40 27.89 15.27
C PRO C 280 -1.61 27.61 14.00
N VAL C 281 -0.29 27.51 14.02
CA VAL C 281 0.43 27.25 12.77
C VAL C 281 0.52 25.77 12.44
N MET C 282 0.81 24.92 13.43
CA MET C 282 1.06 23.49 13.15
C MET C 282 0.05 22.88 12.18
N PRO C 283 -1.27 23.08 12.32
CA PRO C 283 -2.17 22.47 11.33
C PRO C 283 -2.09 23.16 9.99
N ARG C 284 -1.78 24.45 9.97
CA ARG C 284 -1.55 25.07 8.67
C ARG C 284 -0.33 24.48 7.98
N LEU C 285 0.68 24.06 8.75
CA LEU C 285 1.82 23.38 8.14
C LEU C 285 1.39 22.14 7.38
N TYR C 286 0.57 21.30 8.01
CA TYR C 286 0.14 20.06 7.37
C TYR C 286 -0.78 20.34 6.19
N MET C 287 -1.88 21.07 6.44
CA MET C 287 -2.90 21.23 5.39
C MET C 287 -2.36 22.00 4.19
N SER C 288 -1.33 22.81 4.38
CA SER C 288 -0.73 23.51 3.27
C SER C 288 0.15 22.58 2.44
N LEU C 289 0.65 21.50 3.03
CA LEU C 289 1.54 20.61 2.32
C LEU C 289 0.78 19.76 1.30
N LYS C 290 -0.46 19.40 1.61
CA LYS C 290 -1.27 18.65 0.68
C LYS C 290 -1.90 19.54 -0.39
N ARG C 291 -2.05 20.83 -0.10
CA ARG C 291 -2.65 21.78 -1.03
C ARG C 291 -1.62 22.44 -1.92
N GLU C 292 -0.34 22.20 -1.68
CA GLU C 292 0.72 22.91 -2.39
C GLU C 292 0.43 24.41 -2.41
N ASP C 293 -0.15 24.88 -1.31
CA ASP C 293 -0.53 26.28 -1.13
C ASP C 293 -0.07 26.73 0.26
N THR C 294 0.92 27.61 0.31
CA THR C 294 1.45 28.10 1.57
C THR C 294 0.67 29.28 2.15
N SER C 295 -0.50 29.57 1.59
CA SER C 295 -1.23 30.78 1.98
C SER C 295 -1.71 30.70 3.43
N SER C 296 -2.26 29.55 3.82
CA SER C 296 -2.72 29.34 5.18
C SER C 296 -1.64 29.68 6.21
N ILE C 297 -0.45 29.08 6.06
CA ILE C 297 0.71 29.37 6.91
C ILE C 297 0.82 30.88 7.08
N ARG C 298 0.86 31.61 5.95
CA ARG C 298 1.11 33.06 6.00
C ARG C 298 -0.06 33.82 6.63
N GLU C 299 -1.29 33.38 6.39
CA GLU C 299 -2.43 34.07 6.99
C GLU C 299 -2.34 34.01 8.51
N ILE C 300 -2.43 32.81 9.09
CA ILE C 300 -2.49 32.65 10.54
C ILE C 300 -1.26 33.28 11.20
N MET C 301 -0.15 33.38 10.48
CA MET C 301 1.03 34.01 11.07
C MET C 301 0.85 35.52 11.16
N GLY C 302 0.26 36.13 10.14
CA GLY C 302 -0.10 37.53 10.24
C GLY C 302 -1.04 37.81 11.41
N ARG C 303 -2.02 36.92 11.63
CA ARG C 303 -3.05 37.13 12.65
C ARG C 303 -2.50 37.07 14.07
N LEU C 304 -1.23 36.75 14.24
CA LEU C 304 -0.68 36.62 15.59
C LEU C 304 -0.19 37.97 16.08
N PRO C 305 -0.83 38.55 17.09
CA PRO C 305 -0.37 39.84 17.61
C PRO C 305 1.02 39.67 18.21
N LYS C 306 1.83 40.71 18.07
CA LYS C 306 3.14 40.75 18.71
C LYS C 306 3.02 40.30 20.17
N ILE C 307 3.99 39.51 20.60
CA ILE C 307 4.04 38.96 21.96
C ILE C 307 5.04 39.80 22.76
N PRO C 308 5.07 39.69 24.09
CA PRO C 308 5.96 40.57 24.88
C PRO C 308 7.43 40.38 24.58
N SER C 309 8.24 41.19 25.25
CA SER C 309 9.68 41.04 25.18
C SER C 309 10.11 39.69 25.74
N PHE C 310 9.69 39.37 26.97
CA PHE C 310 10.14 38.14 27.60
C PHE C 310 9.66 36.89 26.88
N GLY C 311 8.59 36.99 26.08
CA GLY C 311 7.99 35.82 25.47
C GLY C 311 8.80 35.28 24.30
N GLN C 312 8.64 33.97 24.08
CA GLN C 312 9.15 33.29 22.90
C GLN C 312 8.11 32.27 22.45
N TRP C 313 8.01 32.04 21.14
CA TRP C 313 7.12 31.00 20.65
C TRP C 313 7.79 29.62 20.79
N CYS C 314 7.00 28.56 20.66
CA CYS C 314 7.51 27.20 20.75
C CYS C 314 6.93 26.39 19.60
N ILE C 315 7.71 26.21 18.52
CA ILE C 315 7.21 25.59 17.29
C ILE C 315 7.27 24.07 17.42
N PHE C 316 6.23 23.40 16.92
CA PHE C 316 6.21 21.94 16.99
C PHE C 316 5.45 21.39 15.80
N LEU C 317 5.73 20.13 15.44
CA LEU C 317 4.98 19.39 14.43
C LEU C 317 4.01 18.40 15.03
N ARG C 318 4.40 17.75 16.13
CA ARG C 318 3.61 16.67 16.68
C ARG C 318 3.93 16.59 18.17
N ASN C 319 3.14 15.81 18.88
CA ASN C 319 3.31 15.65 20.31
C ASN C 319 2.58 14.39 20.72
N HIS C 320 2.58 14.12 22.03
CA HIS C 320 1.90 12.97 22.60
C HIS C 320 0.42 12.93 22.28
N ASP C 321 -0.16 14.05 21.85
CA ASP C 321 -1.58 14.14 21.56
C ASP C 321 -1.84 14.04 20.06
N GLU C 322 -3.11 13.80 19.73
CA GLU C 322 -3.58 13.87 18.35
C GLU C 322 -3.18 15.17 17.67
N LEU C 323 -3.20 15.16 16.34
CA LEU C 323 -3.07 16.38 15.55
C LEU C 323 -4.36 17.17 15.68
N THR C 324 -4.41 18.12 16.62
CA THR C 324 -5.69 18.75 16.94
C THR C 324 -6.18 19.63 15.80
N LEU C 325 -7.50 19.64 15.62
CA LEU C 325 -8.10 20.23 14.44
C LEU C 325 -9.34 21.03 14.80
N ASP C 326 -9.33 21.68 15.95
CA ASP C 326 -10.55 22.36 16.39
C ASP C 326 -10.41 23.88 16.36
N MET C 327 -9.27 24.40 15.92
CA MET C 327 -9.12 25.83 15.67
C MET C 327 -8.79 26.08 14.21
N VAL C 328 -9.40 25.28 13.35
CA VAL C 328 -9.39 25.43 11.90
C VAL C 328 -10.85 25.60 11.48
N THR C 329 -11.05 26.13 10.26
CA THR C 329 -12.42 26.27 9.77
C THR C 329 -13.00 24.89 9.42
N ASP C 330 -14.32 24.88 9.24
CA ASP C 330 -15.00 23.61 8.98
C ASP C 330 -14.55 23.00 7.66
N ASP C 331 -14.28 23.83 6.65
CA ASP C 331 -13.71 23.33 5.40
C ASP C 331 -12.28 22.86 5.61
N GLU C 332 -11.53 23.56 6.44
CA GLU C 332 -10.15 23.18 6.76
C GLU C 332 -10.09 21.81 7.41
N ARG C 333 -10.85 21.59 8.48
CA ARG C 333 -10.81 20.28 9.15
C ARG C 333 -11.32 19.15 8.24
N ALA C 334 -12.26 19.42 7.34
CA ALA C 334 -12.71 18.35 6.46
C ALA C 334 -11.63 18.01 5.44
N PHE C 335 -10.90 19.03 4.96
CA PHE C 335 -9.74 18.78 4.12
C PHE C 335 -8.73 17.95 4.87
N MET C 336 -8.44 18.34 6.12
CA MET C 336 -7.45 17.60 6.90
C MET C 336 -7.81 16.13 6.99
N TYR C 337 -9.07 15.81 7.24
CA TYR C 337 -9.46 14.41 7.32
C TYR C 337 -9.23 13.68 5.99
N ALA C 338 -9.63 14.30 4.86
CA ALA C 338 -9.51 13.66 3.55
C ALA C 338 -8.06 13.45 3.09
N ALA C 339 -7.11 14.24 3.58
CA ALA C 339 -5.73 14.13 3.14
C ALA C 339 -4.84 13.39 4.15
N TYR C 340 -5.34 13.14 5.36
CA TYR C 340 -4.48 12.68 6.44
C TYR C 340 -5.21 11.72 7.38
N ALA C 341 -6.45 11.37 7.13
CA ALA C 341 -7.16 10.38 7.94
C ALA C 341 -8.01 9.48 7.05
N PRO C 342 -7.38 8.69 6.17
CA PRO C 342 -8.17 7.80 5.30
C PRO C 342 -8.96 6.74 6.06
N ASP C 343 -8.52 6.37 7.27
CA ASP C 343 -9.11 5.30 8.06
C ASP C 343 -9.77 5.93 9.27
N ALA C 344 -11.07 5.68 9.45
CA ALA C 344 -11.81 6.33 10.52
C ALA C 344 -11.18 6.08 11.88
N ARG C 345 -10.49 4.94 12.01
CA ARG C 345 -9.71 4.65 13.21
C ARG C 345 -8.69 5.74 13.51
N MET C 346 -8.28 6.52 12.49
CA MET C 346 -7.32 7.58 12.73
C MET C 346 -7.95 8.88 13.22
N LYS C 347 -9.28 9.00 13.27
CA LYS C 347 -9.90 10.16 13.90
C LYS C 347 -10.00 9.96 15.41
N ILE C 348 -9.79 11.06 16.16
CA ILE C 348 -10.04 11.07 17.61
C ILE C 348 -10.25 12.51 18.09
N ASN C 349 -11.42 12.76 18.69
CA ASN C 349 -11.72 14.00 19.42
C ASN C 349 -11.33 15.22 18.60
N VAL C 350 -11.88 15.29 17.38
CA VAL C 350 -11.56 16.33 16.41
C VAL C 350 -10.05 16.40 16.25
N GLY C 351 -9.52 15.44 15.51
CA GLY C 351 -8.09 15.38 15.28
C GLY C 351 -7.71 14.05 14.70
N ILE C 352 -6.44 13.98 14.30
CA ILE C 352 -5.83 12.77 13.75
C ILE C 352 -4.78 12.29 14.73
N ARG C 353 -4.80 11.00 15.06
CA ARG C 353 -3.93 10.42 16.09
C ARG C 353 -2.87 9.55 15.42
N ARG C 354 -2.02 10.22 14.66
CA ARG C 354 -0.97 9.57 13.90
C ARG C 354 0.37 10.22 14.19
N ARG C 355 1.42 9.41 14.15
CA ARG C 355 2.77 9.94 14.25
C ARG C 355 3.07 10.77 13.01
N LEU C 356 4.23 11.46 13.04
CA LEU C 356 4.57 12.38 11.97
C LEU C 356 4.97 11.66 10.68
N ALA C 357 5.92 10.74 10.75
CA ALA C 357 6.29 9.97 9.56
C ALA C 357 5.08 9.33 8.87
N PRO C 358 4.20 8.60 9.58
CA PRO C 358 3.02 8.06 8.88
C PRO C 358 2.14 9.14 8.27
N LEU C 359 2.10 10.33 8.87
CA LEU C 359 1.32 11.41 8.27
C LEU C 359 1.89 11.85 6.94
N LEU C 360 3.20 11.77 6.79
CA LEU C 360 3.84 12.18 5.55
C LEU C 360 4.13 10.99 4.64
N ASP C 361 3.45 9.86 4.86
CA ASP C 361 3.60 8.67 4.02
C ASP C 361 5.04 8.18 3.99
N ASN C 362 5.71 8.33 5.14
CA ASN C 362 7.12 8.02 5.31
C ASN C 362 8.01 8.74 4.29
N ASP C 363 7.55 9.81 3.68
CA ASP C 363 8.39 10.50 2.72
C ASP C 363 9.39 11.39 3.48
N ARG C 364 10.66 10.96 3.52
CA ARG C 364 11.66 11.74 4.23
C ARG C 364 11.92 13.11 3.60
N ARG C 365 11.71 13.25 2.28
CA ARG C 365 11.80 14.58 1.66
C ARG C 365 10.84 15.54 2.33
N ARG C 366 9.62 15.05 2.59
CA ARG C 366 8.61 15.80 3.35
C ARG C 366 8.99 15.92 4.81
N ILE C 367 9.36 14.80 5.43
CA ILE C 367 9.70 14.86 6.85
C ILE C 367 10.81 15.88 7.06
N GLU C 368 11.82 15.88 6.20
CA GLU C 368 12.87 16.89 6.34
C GLU C 368 12.31 18.30 6.17
N LEU C 369 11.41 18.51 5.20
CA LEU C 369 10.99 19.86 4.85
C LEU C 369 10.23 20.52 6.00
N LEU C 370 9.20 19.84 6.51
CA LEU C 370 8.50 20.32 7.70
C LEU C 370 9.46 20.59 8.84
N ASN C 371 10.45 19.71 9.04
CA ASN C 371 11.39 19.92 10.14
C ASN C 371 12.21 21.19 9.94
N THR C 372 12.50 21.57 8.70
CA THR C 372 13.28 22.79 8.52
C THR C 372 12.44 24.03 8.74
N VAL C 373 11.19 24.02 8.26
CA VAL C 373 10.27 25.07 8.63
C VAL C 373 10.25 25.22 10.14
N LEU C 374 10.02 24.11 10.85
CA LEU C 374 10.02 24.08 12.31
C LEU C 374 11.26 24.72 12.93
N LEU C 375 12.41 24.61 12.29
CA LEU C 375 13.58 25.28 12.84
C LEU C 375 13.58 26.76 12.45
N ALA C 376 13.18 27.06 11.22
CA ALA C 376 13.34 28.40 10.68
C ALA C 376 12.18 29.32 11.02
N LEU C 377 11.12 28.79 11.60
CA LEU C 377 10.12 29.75 12.02
C LEU C 377 10.54 30.39 13.34
N PRO C 378 10.04 31.59 13.64
CA PRO C 378 10.45 32.27 14.87
C PRO C 378 9.85 31.61 16.12
N GLY C 379 10.73 31.18 17.01
CA GLY C 379 10.35 30.47 18.21
C GLY C 379 11.51 29.63 18.71
N SER C 380 11.17 28.57 19.41
CA SER C 380 12.14 27.56 19.82
C SER C 380 11.52 26.21 19.54
N PRO C 381 12.18 25.34 18.78
CA PRO C 381 11.52 24.12 18.32
C PRO C 381 11.50 23.04 19.38
N VAL C 382 10.48 22.19 19.32
CA VAL C 382 10.40 21.03 20.20
C VAL C 382 10.17 19.80 19.33
N LEU C 383 11.08 18.83 19.42
CA LEU C 383 10.98 17.56 18.73
C LEU C 383 10.34 16.54 19.64
N TYR C 384 9.30 15.86 19.12
CA TYR C 384 8.67 14.76 19.83
C TYR C 384 9.58 13.54 19.75
N TYR C 385 9.85 12.91 20.88
CA TYR C 385 10.78 11.79 20.93
C TYR C 385 10.39 10.75 19.87
N GLY C 386 11.40 10.10 19.30
CA GLY C 386 11.19 9.11 18.25
C GLY C 386 11.01 9.69 16.84
N ASP C 387 10.31 10.81 16.73
CA ASP C 387 10.18 11.47 15.44
C ASP C 387 11.54 11.71 14.83
N GLU C 388 12.56 12.00 15.65
CA GLU C 388 13.88 12.24 15.10
C GLU C 388 14.56 11.00 14.49
N ILE C 389 13.97 9.81 14.61
CA ILE C 389 14.42 8.64 13.87
C ILE C 389 13.33 8.07 12.97
N GLY C 390 12.18 8.71 12.88
CA GLY C 390 11.19 8.30 11.91
C GLY C 390 10.22 7.27 12.40
N MET C 391 9.98 7.23 13.71
CA MET C 391 9.04 6.30 14.31
C MET C 391 7.63 6.48 13.76
N GLY C 392 6.98 5.36 13.49
CA GLY C 392 5.56 5.34 13.19
C GLY C 392 4.72 5.16 14.43
N ASP C 393 3.48 4.73 14.22
CA ASP C 393 2.47 4.74 15.26
C ASP C 393 1.87 3.35 15.34
N ASP C 394 0.89 3.18 16.21
CA ASP C 394 0.14 1.92 16.27
C ASP C 394 -1.30 2.24 16.66
N LEU C 395 -2.19 2.29 15.67
CA LEU C 395 -3.54 2.71 15.96
C LEU C 395 -4.42 1.58 16.42
N GLY C 396 -3.87 0.40 16.66
CA GLY C 396 -4.60 -0.56 17.45
C GLY C 396 -4.66 -0.22 18.93
N LEU C 397 -3.87 0.73 19.39
CA LEU C 397 -3.93 1.08 20.78
C LEU C 397 -5.03 2.10 21.04
N PRO C 398 -5.59 2.12 22.25
CA PRO C 398 -6.68 3.07 22.55
C PRO C 398 -6.19 4.51 22.62
N ASP C 399 -7.17 5.42 22.67
CA ASP C 399 -7.02 6.87 22.96
C ASP C 399 -5.90 7.46 22.11
N ARG C 400 -4.90 8.10 22.69
CA ARG C 400 -3.79 8.68 21.94
C ARG C 400 -2.50 7.90 22.13
N ASN C 401 -2.55 6.77 22.85
CA ASN C 401 -1.38 5.93 23.10
C ASN C 401 -0.71 5.44 21.82
N GLY C 402 -1.38 5.51 20.67
CA GLY C 402 -0.80 5.01 19.44
C GLY C 402 0.50 5.69 19.04
N VAL C 403 0.70 6.94 19.45
CA VAL C 403 1.93 7.66 19.12
C VAL C 403 2.93 7.63 20.27
N ARG C 404 2.64 6.87 21.32
CA ARG C 404 3.45 6.85 22.52
C ARG C 404 4.20 5.53 22.69
N THR C 405 4.33 4.71 21.64
CA THR C 405 4.95 3.42 21.87
C THR C 405 6.39 3.63 22.33
N PRO C 406 7.02 2.57 22.86
CA PRO C 406 8.41 2.67 23.31
C PRO C 406 9.36 3.17 22.24
N MET C 407 10.25 4.09 22.65
CA MET C 407 11.43 4.46 21.88
C MET C 407 12.14 3.23 21.34
N GLN C 408 12.78 3.39 20.20
CA GLN C 408 13.33 2.26 19.46
C GLN C 408 14.83 2.48 19.30
N TRP C 409 15.60 1.88 20.22
CA TRP C 409 17.05 2.08 20.27
C TRP C 409 17.82 1.10 19.40
N ASN C 410 17.34 -0.12 19.22
CA ASN C 410 18.06 -1.08 18.39
C ASN C 410 17.10 -2.17 17.98
N ALA C 411 17.63 -3.23 17.40
CA ALA C 411 16.80 -4.31 16.91
C ALA C 411 16.78 -5.50 17.87
N GLY C 412 17.30 -5.34 19.09
CA GLY C 412 17.20 -6.35 20.13
C GLY C 412 15.83 -6.37 20.81
N THR C 413 15.75 -7.18 21.86
CA THR C 413 14.51 -7.37 22.62
C THR C 413 13.77 -6.07 22.86
N SER C 414 12.52 -6.02 22.37
CA SER C 414 11.66 -4.83 22.50
C SER C 414 12.37 -3.55 22.07
N GLY C 415 12.98 -3.59 20.88
CA GLY C 415 13.67 -2.44 20.34
C GLY C 415 14.74 -1.87 21.24
N GLY C 416 15.28 -2.69 22.14
CA GLY C 416 16.19 -2.15 23.12
C GLY C 416 15.58 -1.20 24.11
N PHE C 417 14.24 -1.15 24.20
CA PHE C 417 13.65 -0.32 25.24
C PHE C 417 13.57 -1.06 26.57
N SER C 418 13.47 -2.38 26.54
CA SER C 418 13.42 -3.17 27.76
C SER C 418 13.90 -4.58 27.44
N THR C 419 14.30 -5.31 28.49
CA THR C 419 14.60 -6.73 28.35
C THR C 419 13.36 -7.60 28.51
N ALA C 420 12.24 -7.04 28.93
CA ALA C 420 10.98 -7.76 28.93
C ALA C 420 10.48 -7.91 27.50
N GLN C 421 9.71 -8.98 27.27
CA GLN C 421 9.18 -9.22 25.94
C GLN C 421 8.25 -8.08 25.51
N PRO C 422 8.08 -7.89 24.20
CA PRO C 422 7.26 -6.76 23.75
C PRO C 422 5.81 -6.85 24.23
N SER C 423 5.27 -8.06 24.37
CA SER C 423 3.97 -8.30 24.99
C SER C 423 3.89 -7.75 26.40
N ASP C 424 5.02 -7.46 27.03
CA ASP C 424 5.06 -7.08 28.44
C ASP C 424 5.52 -5.65 28.69
N CYS C 425 5.81 -4.89 27.64
CA CYS C 425 6.13 -3.49 27.82
C CYS C 425 4.85 -2.69 27.86
N PHE C 426 4.90 -1.60 28.63
CA PHE C 426 3.68 -0.86 29.00
C PHE C 426 2.82 -0.55 27.79
N PHE C 427 3.46 -0.26 26.66
CA PHE C 427 2.85 -0.18 25.36
C PHE C 427 3.69 -1.08 24.46
N PRO C 428 3.08 -1.72 23.47
CA PRO C 428 3.84 -2.61 22.59
C PRO C 428 4.82 -1.83 21.71
N PRO C 429 6.09 -2.18 21.74
CA PRO C 429 7.03 -1.60 20.77
C PRO C 429 6.65 -1.96 19.35
N ILE C 430 6.56 -0.94 18.49
CA ILE C 430 6.12 -1.16 17.11
C ILE C 430 7.01 -2.18 16.42
N GLN C 431 6.37 -3.14 15.70
CA GLN C 431 7.12 -4.08 14.87
C GLN C 431 6.52 -4.29 13.49
N ASP C 432 5.72 -3.35 12.96
CA ASP C 432 5.19 -3.53 11.61
C ASP C 432 6.37 -3.59 10.64
N PRO C 433 6.17 -4.02 9.39
CA PRO C 433 7.33 -4.19 8.51
C PRO C 433 7.93 -2.89 7.99
N VAL C 434 7.32 -1.76 8.27
CA VAL C 434 7.77 -0.47 7.77
C VAL C 434 8.38 0.40 8.88
N TYR C 435 7.70 0.52 10.01
CA TYR C 435 8.20 1.34 11.11
C TYR C 435 8.70 0.54 12.31
N GLY C 436 8.57 -0.78 12.28
CA GLY C 436 9.01 -1.58 13.42
C GLY C 436 10.48 -1.39 13.72
N PHE C 437 10.85 -1.80 14.94
CA PHE C 437 12.18 -1.46 15.42
C PHE C 437 13.27 -2.28 14.73
N GLY C 438 12.91 -3.34 14.01
CA GLY C 438 13.88 -4.01 13.15
C GLY C 438 14.40 -3.12 12.04
N ARG C 439 13.67 -2.05 11.71
CA ARG C 439 13.98 -1.12 10.64
C ARG C 439 14.23 0.28 11.13
N VAL C 440 13.59 0.69 12.20
CA VAL C 440 13.60 2.08 12.63
C VAL C 440 14.15 2.06 14.06
N ASN C 441 15.45 2.25 14.20
CA ASN C 441 16.04 2.21 15.53
C ASN C 441 17.33 3.02 15.57
N VAL C 442 17.64 3.51 16.77
CA VAL C 442 18.73 4.46 16.95
C VAL C 442 20.07 3.85 16.56
N GLN C 443 20.27 2.57 16.84
CA GLN C 443 21.56 1.97 16.55
C GLN C 443 21.87 2.09 15.07
N SER C 444 20.97 1.59 14.23
CA SER C 444 20.97 1.77 12.79
C SER C 444 21.32 3.18 12.36
N GLN C 445 20.59 4.16 12.89
CA GLN C 445 20.74 5.53 12.42
C GLN C 445 22.01 6.23 12.93
N LEU C 446 22.71 5.69 13.90
CA LEU C 446 24.04 6.21 14.21
C LEU C 446 25.15 5.53 13.41
N GLN C 447 24.87 4.38 12.79
CA GLN C 447 25.79 3.80 11.82
C GLN C 447 25.49 4.25 10.39
N ASP C 448 24.31 4.80 10.15
CA ASP C 448 23.89 5.16 8.81
C ASP C 448 24.34 6.59 8.54
N PRO C 449 25.35 6.80 7.69
CA PRO C 449 25.91 8.17 7.51
C PRO C 449 24.91 9.22 7.08
N SER C 450 23.70 8.81 6.64
CA SER C 450 22.71 9.68 6.02
C SER C 450 21.33 9.41 6.60
N SER C 451 21.29 9.08 7.88
CA SER C 451 20.03 8.78 8.55
C SER C 451 19.27 10.06 8.87
N LEU C 452 17.97 9.90 9.10
CA LEU C 452 17.17 10.99 9.64
C LEU C 452 17.76 11.50 10.96
N LEU C 453 18.43 10.64 11.72
CA LEU C 453 18.98 11.06 13.01
C LEU C 453 20.22 11.92 12.83
N LYS C 454 21.11 11.49 11.94
CA LYS C 454 22.27 12.31 11.58
C LYS C 454 21.84 13.59 10.89
N TRP C 455 20.80 13.51 10.06
CA TRP C 455 20.31 14.72 9.40
C TRP C 455 19.73 15.69 10.42
N THR C 456 18.80 15.21 11.27
CA THR C 456 18.19 16.04 12.30
C THR C 456 19.22 16.73 13.16
N ALA C 457 20.30 16.00 13.50
CA ALA C 457 21.32 16.57 14.36
C ALA C 457 22.16 17.60 13.62
N ARG C 458 22.46 17.34 12.35
CA ARG C 458 23.25 18.28 11.58
C ARG C 458 22.47 19.55 11.32
N GLN C 459 21.16 19.44 11.07
CA GLN C 459 20.35 20.62 10.88
C GLN C 459 20.29 21.45 12.17
N LEU C 460 20.11 20.78 13.30
CA LEU C 460 20.12 21.49 14.56
C LEU C 460 21.44 22.23 14.75
N GLU C 461 22.53 21.64 14.27
CA GLU C 461 23.83 22.29 14.33
C GLU C 461 23.85 23.53 13.44
N LEU C 462 23.17 23.48 12.32
CA LEU C 462 23.16 24.63 11.42
C LEU C 462 22.43 25.78 12.08
N ARG C 463 21.23 25.51 12.60
CA ARG C 463 20.43 26.53 13.27
C ARG C 463 21.18 27.15 14.45
N ARG C 464 21.81 26.30 15.29
CA ARG C 464 22.65 26.79 16.38
C ARG C 464 23.65 27.83 15.89
N ALA C 465 24.15 27.65 14.68
CA ALA C 465 25.16 28.54 14.14
C ALA C 465 24.59 29.86 13.68
N HIS C 466 23.30 30.10 13.85
CA HIS C 466 22.63 31.29 13.33
C HIS C 466 21.57 31.73 14.31
N PRO C 467 21.91 32.65 15.22
CA PRO C 467 20.95 33.05 16.26
C PRO C 467 19.74 33.75 15.70
N ALA C 468 19.79 34.22 14.45
CA ALA C 468 18.59 34.81 13.86
C ALA C 468 17.42 33.83 13.90
N PHE C 469 17.72 32.52 13.81
CA PHE C 469 16.69 31.50 13.95
C PHE C 469 15.99 31.58 15.30
N ALA C 470 16.75 31.82 16.36
CA ALA C 470 16.15 31.94 17.69
C ALA C 470 15.51 33.30 17.91
N HIS C 471 16.24 34.39 17.61
CA HIS C 471 15.84 35.73 17.98
C HIS C 471 15.54 36.66 16.80
N GLY C 472 15.39 36.14 15.61
CA GLY C 472 15.11 37.00 14.49
C GLY C 472 13.65 37.41 14.42
N ASP C 473 13.43 38.52 13.71
CA ASP C 473 12.08 38.91 13.34
C ASP C 473 11.64 38.10 12.11
N LEU C 474 10.39 38.30 11.68
CA LEU C 474 9.82 37.49 10.61
C LEU C 474 9.17 38.38 9.55
N THR C 475 9.72 38.33 8.33
CA THR C 475 9.23 39.10 7.19
C THR C 475 8.94 38.13 6.05
N PHE C 476 7.67 38.02 5.65
CA PHE C 476 7.31 37.11 4.57
C PHE C 476 7.59 37.74 3.21
N ILE C 477 8.29 37.00 2.35
CA ILE C 477 8.67 37.48 1.03
C ILE C 477 7.77 36.84 -0.04
N GLU C 478 7.24 37.67 -0.93
CA GLU C 478 6.41 37.21 -2.03
C GLU C 478 7.26 36.47 -3.07
N THR C 479 6.63 35.47 -3.72
CA THR C 479 7.34 34.56 -4.59
C THR C 479 6.75 34.41 -5.97
N GLY C 480 5.47 34.72 -6.15
CA GLY C 480 4.79 34.44 -7.40
C GLY C 480 4.14 33.08 -7.46
N ASN C 481 4.26 32.29 -6.40
CA ASN C 481 3.96 30.87 -6.44
C ASN C 481 3.46 30.45 -5.07
N PRO C 482 2.18 30.13 -4.93
CA PRO C 482 1.66 29.70 -3.62
C PRO C 482 2.31 28.44 -3.06
N ALA C 483 2.92 27.59 -3.89
CA ALA C 483 3.57 26.44 -3.29
C ALA C 483 4.91 26.80 -2.65
N ILE C 484 5.39 28.02 -2.84
CA ILE C 484 6.68 28.44 -2.32
C ILE C 484 6.46 29.43 -1.17
N LEU C 485 7.05 29.14 -0.03
CA LEU C 485 6.97 29.97 1.17
C LEU C 485 8.35 30.57 1.42
N ALA C 486 8.42 31.90 1.44
CA ALA C 486 9.70 32.58 1.59
C ALA C 486 9.56 33.57 2.74
N PHE C 487 10.62 33.67 3.53
CA PHE C 487 10.63 34.71 4.55
C PHE C 487 12.06 34.98 4.92
N THR C 488 12.31 36.20 5.38
CA THR C 488 13.59 36.59 5.96
C THR C 488 13.49 36.59 7.47
N ARG C 489 14.66 36.47 8.11
CA ARG C 489 14.84 36.59 9.55
C ARG C 489 16.06 37.49 9.79
N GLN C 490 15.87 38.59 10.49
CA GLN C 490 16.95 39.54 10.76
C GLN C 490 17.22 39.62 12.25
N TYR C 491 18.49 39.76 12.61
CA TYR C 491 18.85 39.89 14.01
C TYR C 491 20.33 40.17 14.10
N ASP C 492 20.69 41.32 14.66
CA ASP C 492 22.09 41.64 14.98
C ASP C 492 22.96 41.65 13.72
N GLY C 493 22.44 42.23 12.64
CA GLY C 493 23.17 42.36 11.40
C GLY C 493 22.93 41.27 10.40
N GLU C 494 22.84 40.02 10.87
CA GLU C 494 22.63 38.90 9.96
C GLU C 494 21.18 38.83 9.49
N THR C 495 21.00 38.56 8.20
CA THR C 495 19.69 38.39 7.57
C THR C 495 19.62 37.02 6.91
N LEU C 496 18.70 36.19 7.37
CA LEU C 496 18.44 34.89 6.77
C LEU C 496 17.35 35.00 5.71
N LEU C 497 17.39 34.11 4.73
CA LEU C 497 16.35 34.00 3.70
C LEU C 497 15.99 32.53 3.59
N ILE C 498 14.77 32.18 3.99
CA ILE C 498 14.30 30.78 4.11
C ILE C 498 13.22 30.56 3.05
N VAL C 499 13.61 29.96 1.93
CA VAL C 499 12.71 29.65 0.84
C VAL C 499 12.48 28.15 0.82
N SER C 500 11.22 27.74 0.76
CA SER C 500 10.88 26.33 0.91
C SER C 500 9.72 25.94 0.01
N ASN C 501 9.96 24.90 -0.80
CA ASN C 501 8.94 24.38 -1.71
C ASN C 501 8.01 23.47 -0.94
N PHE C 502 6.71 23.76 -0.97
CA PHE C 502 5.71 22.89 -0.37
C PHE C 502 5.03 21.98 -1.40
N ALA C 503 5.64 21.80 -2.58
CA ALA C 503 5.07 21.02 -3.67
C ALA C 503 5.89 19.76 -3.93
N GLY C 504 5.23 18.76 -4.53
CA GLY C 504 5.83 17.49 -4.90
C GLY C 504 6.58 17.41 -6.23
N ASN C 505 6.68 18.50 -6.98
CA ASN C 505 7.50 18.52 -8.20
C ASN C 505 8.10 19.90 -8.33
N ALA C 506 8.97 20.06 -9.34
CA ALA C 506 9.70 21.31 -9.48
C ALA C 506 8.73 22.48 -9.59
N GLN C 507 8.96 23.52 -8.80
CA GLN C 507 8.21 24.76 -8.86
C GLN C 507 9.12 25.93 -9.21
N ALA C 508 8.54 26.91 -9.90
CA ALA C 508 9.24 28.13 -10.30
C ALA C 508 8.69 29.32 -9.52
N GLY C 509 9.56 30.31 -9.31
CA GLY C 509 9.25 31.36 -8.36
C GLY C 509 9.98 32.63 -8.69
N LEU C 510 9.38 33.75 -8.31
CA LEU C 510 9.94 35.08 -8.53
C LEU C 510 9.88 35.80 -7.18
N LEU C 511 11.00 35.80 -6.47
CA LEU C 511 11.08 36.36 -5.12
C LEU C 511 11.21 37.87 -5.18
N ASP C 512 10.60 38.54 -4.21
CA ASP C 512 10.71 40.00 -4.13
C ASP C 512 11.83 40.38 -3.17
N LEU C 513 13.06 40.32 -3.66
CA LEU C 513 14.21 40.82 -2.93
C LEU C 513 14.54 42.26 -3.30
N ALA C 514 13.54 43.05 -3.67
CA ALA C 514 13.75 44.45 -3.94
C ALA C 514 14.43 45.18 -2.77
N PRO C 515 14.05 44.97 -1.51
CA PRO C 515 14.80 45.59 -0.41
C PRO C 515 16.29 45.30 -0.43
N PHE C 516 16.74 44.29 -1.19
CA PHE C 516 18.06 43.69 -0.99
C PHE C 516 18.95 43.79 -2.22
N VAL C 517 18.59 44.66 -3.18
CA VAL C 517 19.39 44.81 -4.39
C VAL C 517 20.83 45.12 -4.00
N GLY C 518 21.78 44.44 -4.65
CA GLY C 518 23.19 44.59 -4.36
C GLY C 518 23.77 43.46 -3.53
N ARG C 519 22.94 42.74 -2.78
CA ARG C 519 23.42 41.75 -1.81
C ARG C 519 23.41 40.36 -2.43
N ALA C 520 24.28 39.49 -1.93
CA ALA C 520 24.33 38.14 -2.48
C ALA C 520 23.67 37.17 -1.52
N PRO C 521 22.72 36.34 -1.98
CA PRO C 521 22.32 35.18 -1.19
C PRO C 521 23.40 34.12 -1.29
N VAL C 522 23.78 33.57 -0.14
CA VAL C 522 24.74 32.47 -0.08
C VAL C 522 24.17 31.40 0.82
N THR C 523 24.45 30.15 0.50
CA THR C 523 23.84 29.06 1.23
C THR C 523 24.39 29.02 2.65
N LEU C 524 23.49 28.77 3.62
CA LEU C 524 23.89 28.68 5.01
C LEU C 524 24.84 27.53 5.26
N SER C 525 24.91 26.58 4.34
CA SER C 525 25.90 25.50 4.43
C SER C 525 26.57 25.33 3.06
N GLY C 526 27.87 25.13 3.08
CA GLY C 526 28.67 25.09 1.88
C GLY C 526 29.33 26.41 1.51
N ALA C 527 28.84 27.52 2.04
CA ALA C 527 29.26 28.86 1.63
C ALA C 527 29.33 28.93 0.10
N SER C 528 28.14 28.91 -0.49
CA SER C 528 27.97 28.86 -1.93
C SER C 528 27.12 30.05 -2.33
N PRO C 529 27.62 30.94 -3.19
CA PRO C 529 26.85 32.13 -3.56
C PRO C 529 26.01 31.88 -4.79
N LEU C 530 24.83 32.47 -4.78
CA LEU C 530 23.93 32.55 -5.92
C LEU C 530 24.13 33.93 -6.58
N PRO C 531 23.44 34.25 -7.67
CA PRO C 531 23.61 35.58 -8.28
C PRO C 531 23.18 36.70 -7.36
N VAL C 532 23.75 37.89 -7.59
CA VAL C 532 23.47 39.10 -6.80
C VAL C 532 22.13 39.71 -7.17
N VAL C 533 21.35 40.12 -6.16
CA VAL C 533 20.02 40.70 -6.37
C VAL C 533 20.17 42.05 -7.08
N THR C 534 19.54 42.16 -8.25
CA THR C 534 19.91 43.21 -9.19
C THR C 534 18.66 43.86 -9.73
N GLY C 535 18.85 45.03 -10.36
CA GLY C 535 17.74 45.78 -10.91
C GLY C 535 16.54 45.91 -9.98
N ASN C 536 15.41 45.35 -10.40
CA ASN C 536 14.18 45.54 -9.66
C ASN C 536 14.03 44.58 -8.49
N GLY C 537 14.99 43.67 -8.30
CA GLY C 537 14.97 42.73 -7.20
C GLY C 537 14.00 41.58 -7.34
N GLN C 538 13.23 41.49 -8.41
CA GLN C 538 12.42 40.29 -8.67
C GLN C 538 13.37 39.13 -8.91
N TYR C 539 13.61 38.35 -7.88
CA TYR C 539 14.64 37.31 -7.92
C TYR C 539 14.07 36.00 -8.44
N PRO C 540 14.56 35.51 -9.59
CA PRO C 540 13.97 34.30 -10.19
C PRO C 540 14.62 33.04 -9.64
N VAL C 541 13.77 32.05 -9.40
CA VAL C 541 14.15 30.90 -8.57
C VAL C 541 13.35 29.69 -9.06
N VAL C 542 14.01 28.54 -9.09
CA VAL C 542 13.37 27.27 -9.38
C VAL C 542 13.61 26.36 -8.18
N MET C 543 12.65 25.51 -7.88
CA MET C 543 12.81 24.66 -6.71
C MET C 543 12.40 23.23 -7.03
N GLY C 544 13.28 22.28 -6.71
CA GLY C 544 12.93 20.88 -6.77
C GLY C 544 11.91 20.54 -5.72
N LYS C 545 11.46 19.29 -5.76
CA LYS C 545 10.31 18.94 -4.94
C LYS C 545 10.69 18.98 -3.46
N TYR C 546 9.82 19.60 -2.66
CA TYR C 546 9.90 19.57 -1.20
C TYR C 546 11.21 20.16 -0.68
N ASP C 547 11.81 21.08 -1.44
CA ASP C 547 13.13 21.60 -1.13
C ASP C 547 13.07 22.71 -0.11
N TYR C 548 14.23 22.94 0.52
CA TYR C 548 14.42 24.06 1.42
C TYR C 548 15.75 24.75 1.07
N TYR C 549 15.69 26.05 0.90
CA TYR C 549 16.88 26.87 0.69
C TYR C 549 17.12 27.67 1.97
N TRP C 550 18.12 27.30 2.74
CA TRP C 550 18.55 28.14 3.85
C TRP C 550 19.67 29.04 3.36
N LEU C 551 19.40 30.34 3.31
CA LEU C 551 20.33 31.29 2.71
C LEU C 551 20.62 32.45 3.66
N ARG C 552 21.73 33.12 3.39
CA ARG C 552 22.11 34.34 4.06
C ARG C 552 22.15 35.44 3.02
N LEU C 553 21.95 36.68 3.45
CA LEU C 553 22.14 37.83 2.59
C LEU C 553 23.24 38.67 3.21
N ASN C 554 24.42 38.67 2.60
CA ASN C 554 25.51 39.47 3.15
C ASN C 554 25.29 40.93 2.78
N SER C 555 26.33 41.76 2.73
CA SER C 555 26.06 43.20 2.57
C SER C 555 26.83 43.86 1.41
N PRO D 8 -5.88 -12.76 32.98
CA PRO D 8 -6.40 -14.07 32.59
C PRO D 8 -5.34 -14.96 31.94
N GLU D 9 -5.77 -16.13 31.48
CA GLU D 9 -4.86 -17.07 30.86
C GLU D 9 -4.68 -16.72 29.39
N TRP D 10 -3.46 -16.90 28.89
CA TRP D 10 -3.09 -16.43 27.56
C TRP D 10 -4.07 -16.89 26.48
N TYR D 11 -4.62 -18.09 26.63
CA TYR D 11 -5.55 -18.64 25.66
C TYR D 11 -6.91 -17.93 25.67
N LYS D 12 -7.28 -17.34 26.81
CA LYS D 12 -8.51 -16.56 26.85
C LYS D 12 -8.42 -15.32 25.97
N SER D 13 -7.21 -14.87 25.65
CA SER D 13 -7.02 -13.62 24.94
C SER D 13 -6.43 -13.84 23.56
N ALA D 14 -6.26 -15.09 23.15
CA ALA D 14 -5.57 -15.39 21.90
C ALA D 14 -6.53 -15.39 20.71
N VAL D 15 -5.98 -15.10 19.53
CA VAL D 15 -6.66 -15.36 18.26
C VAL D 15 -6.01 -16.61 17.67
N PHE D 16 -6.79 -17.66 17.47
CA PHE D 16 -6.18 -18.91 17.05
C PHE D 16 -6.18 -19.00 15.53
N TYR D 17 -5.22 -19.75 15.01
CA TYR D 17 -5.09 -19.90 13.58
C TYR D 17 -4.71 -21.35 13.33
N GLU D 18 -5.50 -22.03 12.50
CA GLU D 18 -5.35 -23.46 12.24
C GLU D 18 -4.79 -23.70 10.85
N LEU D 19 -3.58 -24.27 10.77
CA LEU D 19 -2.94 -24.57 9.50
C LEU D 19 -2.46 -26.02 9.44
N SER D 20 -2.19 -26.47 8.23
CA SER D 20 -1.67 -27.81 7.97
C SER D 20 -0.27 -27.70 7.39
N VAL D 21 0.73 -28.23 8.10
CA VAL D 21 2.11 -27.95 7.71
C VAL D 21 2.37 -28.48 6.30
N ARG D 22 1.81 -29.64 5.98
CA ARG D 22 2.03 -30.22 4.66
C ARG D 22 1.39 -29.40 3.57
N THR D 23 0.59 -28.43 3.95
CA THR D 23 -0.24 -27.69 3.03
C THR D 23 0.04 -26.18 3.05
N PHE D 24 0.78 -25.68 4.04
CA PHE D 24 0.98 -24.25 4.22
C PHE D 24 2.10 -23.70 3.32
N GLN D 25 3.35 -24.07 3.58
CA GLN D 25 4.46 -23.56 2.80
C GLN D 25 5.53 -24.62 2.60
N ASP D 26 5.80 -24.96 1.35
CA ASP D 26 6.86 -25.91 0.99
C ASP D 26 8.17 -25.16 0.94
N GLY D 27 9.08 -25.42 1.87
CA GLY D 27 10.37 -24.77 1.83
C GLY D 27 11.49 -25.50 1.10
N ASN D 28 11.24 -26.63 0.44
CA ASN D 28 12.36 -27.39 -0.06
C ASN D 28 12.12 -28.01 -1.44
N GLY D 29 11.06 -27.65 -2.13
CA GLY D 29 10.88 -28.02 -3.52
C GLY D 29 10.15 -29.32 -3.80
N ASP D 30 9.81 -30.10 -2.77
CA ASP D 30 9.24 -31.43 -2.94
C ASP D 30 7.71 -31.45 -3.03
N GLY D 31 7.07 -30.30 -3.25
CA GLY D 31 5.63 -30.27 -3.35
C GLY D 31 4.88 -30.52 -2.06
N LYS D 32 5.56 -30.84 -0.96
CA LYS D 32 4.90 -30.94 0.33
C LYS D 32 5.36 -29.80 1.24
N GLY D 33 4.42 -29.26 2.00
CA GLY D 33 4.76 -28.24 2.96
C GLY D 33 5.48 -28.82 4.16
N ASP D 34 6.38 -28.03 4.71
CA ASP D 34 7.25 -28.53 5.76
C ASP D 34 7.56 -27.40 6.72
N PHE D 35 8.07 -27.79 7.90
CA PHE D 35 8.37 -26.82 8.94
C PHE D 35 9.31 -25.70 8.52
N PRO D 36 10.41 -25.94 7.77
CA PRO D 36 11.22 -24.80 7.30
C PRO D 36 10.40 -23.82 6.48
N GLY D 37 9.56 -24.32 5.58
CA GLY D 37 8.63 -23.46 4.90
C GLY D 37 7.74 -22.71 5.86
N LEU D 38 7.17 -23.43 6.83
CA LEU D 38 6.34 -22.75 7.83
C LEU D 38 7.12 -21.65 8.50
N THR D 39 8.36 -21.93 8.90
CA THR D 39 9.08 -20.95 9.71
C THR D 39 9.30 -19.65 8.94
N SER D 40 9.37 -19.74 7.61
CA SER D 40 9.63 -18.58 6.77
C SER D 40 8.38 -17.71 6.57
N ARG D 41 7.25 -18.10 7.15
CA ARG D 41 6.00 -17.34 7.05
C ARG D 41 5.44 -16.92 8.40
N LEU D 42 6.20 -17.08 9.49
CA LEU D 42 5.64 -16.70 10.78
C LEU D 42 5.38 -15.20 10.86
N ASP D 43 6.21 -14.38 10.19
CA ASP D 43 5.91 -12.95 10.12
C ASP D 43 4.51 -12.70 9.57
N TYR D 44 4.09 -13.46 8.55
CA TYR D 44 2.77 -13.30 7.98
C TYR D 44 1.70 -13.57 9.03
N LEU D 45 1.84 -14.63 9.81
CA LEU D 45 0.86 -14.93 10.84
C LEU D 45 0.84 -13.85 11.92
N LYS D 46 2.03 -13.51 12.46
CA LYS D 46 2.09 -12.52 13.54
C LYS D 46 1.53 -11.17 13.08
N ASN D 47 1.76 -10.80 11.82
CA ASN D 47 1.28 -9.53 11.34
C ASN D 47 -0.23 -9.55 11.16
N LEU D 48 -0.77 -10.68 10.72
CA LEU D 48 -2.21 -10.81 10.57
C LEU D 48 -2.94 -10.50 11.88
N GLY D 49 -2.33 -10.78 13.01
CA GLY D 49 -2.98 -10.66 14.29
C GLY D 49 -3.26 -11.96 14.97
N VAL D 50 -2.61 -12.98 14.62
CA VAL D 50 -2.77 -14.28 15.25
C VAL D 50 -1.86 -14.36 16.45
N ASP D 51 -2.31 -15.06 17.50
CA ASP D 51 -1.51 -15.24 18.70
C ASP D 51 -1.11 -16.69 18.94
N CYS D 52 -1.85 -17.64 18.39
CA CYS D 52 -1.56 -19.05 18.66
C CYS D 52 -1.82 -19.84 17.38
N LEU D 53 -0.89 -20.72 17.03
CA LEU D 53 -1.06 -21.64 15.91
C LEU D 53 -1.55 -22.99 16.43
N TRP D 54 -2.60 -23.52 15.80
CA TRP D 54 -2.97 -24.91 15.97
C TRP D 54 -2.55 -25.62 14.69
N LEU D 55 -1.66 -26.59 14.83
CA LEU D 55 -1.09 -27.30 13.70
C LEU D 55 -1.71 -28.69 13.62
N LEU D 56 -2.04 -29.11 12.39
CA LEU D 56 -2.63 -30.41 12.18
C LEU D 56 -1.59 -31.48 12.47
N PRO D 57 -2.04 -32.74 12.75
CA PRO D 57 -1.10 -33.77 13.22
C PRO D 57 0.16 -33.97 12.37
N TRP D 58 1.31 -33.65 12.95
CA TRP D 58 2.55 -33.62 12.20
C TRP D 58 3.33 -34.93 12.27
N PHE D 59 2.68 -36.06 12.87
CA PHE D 59 3.40 -37.29 13.19
C PHE D 59 3.43 -38.24 12.01
N PRO D 60 4.46 -39.09 12.01
CA PRO D 60 4.57 -40.14 11.00
C PRO D 60 3.25 -40.90 10.88
N SER D 61 2.96 -41.33 9.67
CA SER D 61 1.60 -41.67 9.36
C SER D 61 1.49 -42.13 7.90
N PRO D 62 0.73 -43.18 7.61
CA PRO D 62 0.51 -43.56 6.21
C PRO D 62 -0.34 -42.56 5.44
N LEU D 63 -0.91 -41.57 6.13
CA LEU D 63 -1.72 -40.51 5.54
C LEU D 63 -2.94 -41.09 4.83
N ARG D 64 -3.45 -42.19 5.35
CA ARG D 64 -4.75 -42.69 4.95
C ARG D 64 -5.88 -41.85 5.53
N ASP D 65 -5.60 -41.04 6.55
CA ASP D 65 -6.53 -40.02 6.99
C ASP D 65 -5.80 -38.71 7.22
N ASP D 66 -4.90 -38.37 6.30
CA ASP D 66 -4.25 -37.06 6.26
C ASP D 66 -3.35 -36.77 7.47
N GLY D 67 -2.93 -37.79 8.19
CA GLY D 67 -2.11 -37.61 9.38
C GLY D 67 -2.83 -37.81 10.68
N TYR D 68 -4.15 -37.91 10.66
CA TYR D 68 -4.86 -38.28 11.87
C TYR D 68 -4.74 -39.75 12.20
N ASP D 69 -4.16 -40.56 11.30
CA ASP D 69 -3.86 -41.97 11.58
C ASP D 69 -2.37 -42.08 11.92
N VAL D 70 -2.05 -41.90 13.21
CA VAL D 70 -0.67 -41.74 13.63
C VAL D 70 0.06 -43.07 13.73
N ALA D 71 1.30 -43.09 13.25
CA ALA D 71 2.19 -44.23 13.33
C ALA D 71 3.37 -44.04 14.30
N ASP D 72 3.61 -42.82 14.80
CA ASP D 72 4.69 -42.57 15.77
C ASP D 72 4.36 -41.24 16.44
N TYR D 73 3.81 -41.32 17.66
CA TYR D 73 3.44 -40.14 18.44
C TYR D 73 4.62 -39.25 18.82
N ARG D 74 5.86 -39.74 18.68
CA ARG D 74 7.03 -39.04 19.17
C ARG D 74 8.03 -38.70 18.07
N GLY D 75 7.59 -38.66 16.81
CA GLY D 75 8.42 -38.23 15.71
C GLY D 75 7.77 -37.16 14.86
N ILE D 76 8.54 -36.67 13.90
CA ILE D 76 8.06 -35.76 12.86
C ILE D 76 7.89 -36.55 11.57
N HIS D 77 6.74 -36.42 10.92
CA HIS D 77 6.54 -37.12 9.66
C HIS D 77 7.64 -36.72 8.67
N PRO D 78 8.20 -37.67 7.93
CA PRO D 78 9.28 -37.31 6.98
C PRO D 78 8.94 -36.18 6.01
N ASP D 79 7.68 -36.11 5.54
CA ASP D 79 7.27 -35.03 4.64
C ASP D 79 7.65 -33.66 5.17
N LEU D 80 7.44 -33.41 6.46
CA LEU D 80 7.41 -32.07 7.02
C LEU D 80 8.74 -31.59 7.57
N GLY D 81 9.81 -32.36 7.41
CA GLY D 81 11.11 -31.98 7.94
C GLY D 81 11.65 -33.02 8.90
N THR D 82 12.40 -32.55 9.90
CA THR D 82 12.99 -33.37 10.95
C THR D 82 12.62 -32.80 12.32
N LEU D 83 12.98 -33.54 13.39
CA LEU D 83 12.70 -33.06 14.74
C LEU D 83 13.34 -31.70 15.00
N ASP D 84 14.55 -31.50 14.46
CA ASP D 84 15.29 -30.25 14.67
C ASP D 84 14.66 -29.10 13.90
N ASP D 85 14.20 -29.36 12.67
CA ASP D 85 13.38 -28.35 11.99
C ASP D 85 12.18 -27.99 12.84
N PHE D 86 11.61 -28.97 13.54
CA PHE D 86 10.45 -28.70 14.38
C PHE D 86 10.81 -27.81 15.56
N LYS D 87 12.02 -27.96 16.12
CA LYS D 87 12.44 -27.10 17.23
C LYS D 87 12.87 -25.71 16.74
N VAL D 88 13.37 -25.61 15.51
CA VAL D 88 13.62 -24.29 14.95
C VAL D 88 12.32 -23.52 14.87
N PHE D 89 11.33 -24.12 14.21
CA PHE D 89 10.03 -23.46 14.08
C PHE D 89 9.50 -23.02 15.45
N LEU D 90 9.53 -23.92 16.43
CA LEU D 90 8.92 -23.59 17.71
C LEU D 90 9.69 -22.50 18.42
N ARG D 91 11.00 -22.44 18.20
CA ARG D 91 11.80 -21.33 18.68
C ARG D 91 11.36 -20.04 17.98
N GLU D 92 11.40 -20.04 16.64
CA GLU D 92 11.09 -18.83 15.89
C GLU D 92 9.66 -18.36 16.10
N ALA D 93 8.74 -19.30 16.36
CA ALA D 93 7.36 -18.94 16.67
C ALA D 93 7.27 -18.29 18.05
N HIS D 94 7.82 -18.94 19.06
CA HIS D 94 7.90 -18.37 20.38
C HIS D 94 8.54 -16.98 20.34
N ALA D 95 9.64 -16.87 19.59
CA ALA D 95 10.41 -15.63 19.49
C ALA D 95 9.59 -14.44 19.02
N ARG D 96 8.47 -14.66 18.35
CA ARG D 96 7.62 -13.56 17.92
C ARG D 96 6.36 -13.44 18.77
N GLY D 97 6.33 -14.07 19.94
CA GLY D 97 5.15 -13.99 20.77
C GLY D 97 3.98 -14.74 20.19
N LEU D 98 4.23 -15.90 19.60
CA LEU D 98 3.19 -16.81 19.18
C LEU D 98 3.16 -17.99 20.14
N TRP D 99 2.00 -18.64 20.22
CA TRP D 99 1.84 -19.91 20.88
C TRP D 99 1.62 -21.00 19.82
N VAL D 100 2.02 -22.23 20.13
CA VAL D 100 1.86 -23.33 19.18
C VAL D 100 1.30 -24.52 19.94
N ILE D 101 0.16 -25.04 19.49
CA ILE D 101 -0.46 -26.25 20.05
C ILE D 101 -0.61 -27.26 18.91
N GLY D 102 -0.45 -28.55 19.23
CA GLY D 102 -0.55 -29.59 18.23
C GLY D 102 -1.84 -30.40 18.32
N ASP D 103 -1.92 -31.43 17.48
CA ASP D 103 -3.09 -32.30 17.41
C ASP D 103 -2.77 -33.65 18.02
N LEU D 104 -3.30 -33.93 19.20
CA LEU D 104 -3.03 -35.16 19.93
C LEU D 104 -4.16 -36.14 19.68
N VAL D 105 -3.86 -37.23 18.99
CA VAL D 105 -4.87 -38.15 18.50
C VAL D 105 -4.95 -39.29 19.48
N THR D 106 -5.79 -39.11 20.50
CA THR D 106 -5.87 -40.03 21.61
C THR D 106 -6.68 -41.29 21.27
N ASN D 107 -7.80 -41.13 20.58
CA ASN D 107 -8.73 -42.24 20.43
C ASN D 107 -8.15 -43.41 19.66
N HIS D 108 -7.12 -43.20 18.84
CA HIS D 108 -6.74 -44.25 17.90
C HIS D 108 -5.40 -43.94 17.26
N THR D 109 -4.70 -45.00 16.88
CA THR D 109 -3.52 -44.95 16.02
C THR D 109 -3.85 -45.57 14.68
N SER D 110 -2.97 -45.35 13.72
CA SER D 110 -3.04 -46.08 12.47
C SER D 110 -2.74 -47.56 12.70
N SER D 111 -3.25 -48.39 11.80
CA SER D 111 -2.95 -49.82 11.82
C SER D 111 -1.50 -50.13 11.49
N ASP D 112 -0.75 -49.15 10.95
CA ASP D 112 0.69 -49.27 10.73
C ASP D 112 1.50 -48.90 11.97
N HIS D 113 0.84 -48.51 13.06
CA HIS D 113 1.59 -48.24 14.27
C HIS D 113 2.26 -49.52 14.77
N PRO D 114 3.55 -49.48 15.10
CA PRO D 114 4.23 -50.63 15.69
C PRO D 114 3.44 -51.30 16.80
N TRP D 115 2.69 -50.53 17.60
CA TRP D 115 1.79 -51.07 18.59
C TRP D 115 0.83 -52.05 17.94
N PHE D 116 -0.03 -51.54 17.06
CA PHE D 116 -1.07 -52.39 16.51
C PHE D 116 -0.48 -53.56 15.71
N GLN D 117 0.64 -53.33 15.03
CA GLN D 117 1.26 -54.44 14.29
C GLN D 117 1.60 -55.59 15.23
N ALA D 118 1.98 -55.29 16.47
CA ALA D 118 2.18 -56.32 17.49
C ALA D 118 0.85 -56.94 17.88
N ALA D 119 -0.13 -56.10 18.21
CA ALA D 119 -1.39 -56.56 18.81
C ALA D 119 -2.17 -57.50 17.88
N ARG D 120 -2.08 -57.28 16.56
CA ARG D 120 -2.69 -58.20 15.60
C ARG D 120 -1.93 -59.56 15.53
N ARG D 121 -0.99 -59.85 16.43
CA ARG D 121 -0.39 -61.16 16.47
C ARG D 121 -1.23 -62.16 17.26
N GLY D 122 -2.25 -61.69 17.97
CA GLY D 122 -3.04 -62.55 18.81
C GLY D 122 -2.72 -62.27 20.26
N PRO D 123 -3.49 -62.84 21.19
CA PRO D 123 -3.22 -62.59 22.61
C PRO D 123 -1.94 -63.22 23.11
N THR D 124 -1.42 -64.23 22.40
CA THR D 124 -0.25 -65.01 22.78
C THR D 124 0.77 -64.98 21.65
N LEU D 125 2.04 -64.88 22.04
CA LEU D 125 3.17 -64.84 21.13
C LEU D 125 3.50 -66.26 20.68
N PRO D 126 4.56 -66.44 19.85
CA PRO D 126 5.07 -67.78 19.57
C PRO D 126 5.46 -68.57 20.82
N ASP D 127 6.45 -68.06 21.57
CA ASP D 127 6.99 -68.67 22.78
C ASP D 127 5.95 -68.79 23.91
N GLY D 128 4.65 -68.59 23.68
CA GLY D 128 3.62 -68.79 24.69
C GLY D 128 3.47 -67.69 25.73
N SER D 129 4.42 -66.75 25.82
CA SER D 129 4.30 -65.69 26.80
C SER D 129 3.17 -64.73 26.41
N PRO D 130 2.58 -64.04 27.38
CA PRO D 130 1.54 -63.06 27.06
C PRO D 130 2.07 -62.02 26.08
N ASN D 131 1.18 -61.53 25.21
CA ASN D 131 1.48 -60.43 24.28
C ASN D 131 0.84 -59.18 24.88
N GLU D 132 1.64 -58.43 25.64
CA GLU D 132 1.10 -57.31 26.41
C GLU D 132 0.60 -56.18 25.52
N TYR D 133 1.05 -56.14 24.26
CA TYR D 133 0.62 -55.13 23.31
C TYR D 133 -0.70 -55.47 22.64
N HIS D 134 -1.17 -56.72 22.77
CA HIS D 134 -2.46 -57.10 22.19
C HIS D 134 -3.61 -56.34 22.86
N ASP D 135 -3.60 -56.25 24.20
CA ASP D 135 -4.68 -55.59 24.93
C ASP D 135 -4.60 -54.08 24.82
N TYR D 136 -3.83 -53.58 23.85
CA TYR D 136 -3.79 -52.14 23.61
C TYR D 136 -5.00 -51.67 22.82
N TYR D 137 -5.65 -52.58 22.10
CA TYR D 137 -6.78 -52.29 21.23
C TYR D 137 -7.99 -53.10 21.67
N VAL D 138 -9.18 -52.59 21.36
CA VAL D 138 -10.41 -53.30 21.67
C VAL D 138 -10.61 -54.42 20.65
N TRP D 139 -10.66 -55.67 21.14
CA TRP D 139 -10.89 -56.85 20.33
C TRP D 139 -12.24 -57.50 20.69
N SER D 140 -12.64 -58.46 19.85
CA SER D 140 -13.88 -59.19 20.00
C SER D 140 -13.90 -60.40 19.07
N ASP D 141 -14.42 -61.52 19.59
CA ASP D 141 -14.39 -62.75 18.81
C ASP D 141 -15.45 -62.72 17.70
N GLU D 142 -16.64 -62.21 17.99
CA GLU D 142 -17.72 -62.21 17.02
C GLU D 142 -18.25 -60.82 16.71
N GLY D 143 -17.67 -59.77 17.26
CA GLY D 143 -18.03 -58.42 16.86
C GLY D 143 -19.45 -58.01 17.16
N LYS D 144 -20.15 -58.74 18.02
CA LYS D 144 -21.54 -58.44 18.31
C LYS D 144 -21.71 -57.29 19.31
N GLU D 145 -20.64 -56.87 19.97
CA GLU D 145 -20.66 -55.96 21.11
C GLU D 145 -20.81 -54.50 20.65
N TYR D 146 -21.22 -53.65 21.59
CA TYR D 146 -21.40 -52.22 21.35
C TYR D 146 -22.26 -51.95 20.11
N ALA D 147 -23.27 -52.79 19.89
CA ALA D 147 -24.35 -52.41 18.97
C ALA D 147 -25.05 -51.20 19.59
N ASP D 148 -26.11 -50.70 18.95
CA ASP D 148 -26.74 -49.44 19.39
C ASP D 148 -25.70 -48.32 19.45
N THR D 149 -24.90 -48.23 18.40
CA THR D 149 -23.80 -47.28 18.32
C THR D 149 -23.69 -46.82 16.88
N ARG D 150 -23.30 -45.55 16.70
CA ARG D 150 -23.42 -44.85 15.43
C ARG D 150 -22.10 -44.87 14.66
N ILE D 151 -22.19 -45.03 13.34
CA ILE D 151 -21.02 -44.92 12.48
C ILE D 151 -20.82 -43.46 12.10
N ILE D 152 -19.62 -42.93 12.37
CA ILE D 152 -19.30 -41.55 12.00
C ILE D 152 -19.05 -41.41 10.51
N PHE D 153 -18.19 -42.27 9.96
CA PHE D 153 -17.80 -42.20 8.55
C PHE D 153 -18.76 -43.05 7.73
N THR D 154 -20.01 -42.56 7.65
CA THR D 154 -21.11 -43.30 7.02
C THR D 154 -20.78 -43.70 5.59
N ASP D 155 -20.08 -42.83 4.86
CA ASP D 155 -19.74 -43.06 3.45
C ASP D 155 -18.56 -44.02 3.25
N THR D 156 -17.97 -44.58 4.30
CA THR D 156 -16.90 -45.54 4.10
C THR D 156 -17.10 -46.79 4.95
N GLU D 157 -17.33 -46.61 6.24
CA GLU D 157 -17.32 -47.75 7.16
C GLU D 157 -18.75 -48.22 7.36
N VAL D 158 -19.01 -49.48 6.96
CA VAL D 158 -20.32 -50.10 7.20
C VAL D 158 -20.45 -50.68 8.59
N SER D 159 -19.35 -50.87 9.32
CA SER D 159 -19.44 -51.38 10.68
C SER D 159 -18.27 -50.83 11.49
N ASN D 160 -18.51 -50.56 12.77
CA ASN D 160 -17.45 -50.15 13.68
C ASN D 160 -16.58 -51.32 14.15
N TRP D 161 -16.82 -52.53 13.66
CA TRP D 161 -15.98 -53.70 13.92
C TRP D 161 -15.37 -54.16 12.60
N THR D 162 -14.13 -54.62 12.65
CA THR D 162 -13.54 -55.12 11.43
C THR D 162 -12.60 -56.27 11.73
N LEU D 163 -12.64 -57.29 10.87
CA LEU D 163 -11.90 -58.53 11.09
C LEU D 163 -10.44 -58.38 10.66
N ASP D 164 -9.52 -58.60 11.59
CA ASP D 164 -8.10 -58.65 11.26
C ASP D 164 -7.73 -60.05 10.77
N GLU D 165 -7.14 -60.15 9.57
CA GLU D 165 -6.88 -61.46 8.97
C GLU D 165 -5.69 -62.18 9.59
N GLN D 166 -4.77 -61.46 10.25
CA GLN D 166 -3.73 -62.16 10.99
C GLN D 166 -4.14 -62.40 12.44
N ALA D 167 -4.87 -61.47 13.05
CA ALA D 167 -5.33 -61.69 14.42
C ALA D 167 -6.60 -62.53 14.47
N GLY D 168 -7.20 -62.85 13.33
CA GLY D 168 -8.44 -63.63 13.28
C GLY D 168 -9.50 -63.22 14.27
N LYS D 169 -9.63 -61.92 14.57
CA LYS D 169 -10.67 -61.38 15.45
C LYS D 169 -11.12 -60.02 14.93
N TYR D 170 -12.11 -59.45 15.61
CA TYR D 170 -12.70 -58.16 15.24
C TYR D 170 -12.16 -57.07 16.16
N TYR D 171 -11.59 -56.01 15.58
CA TYR D 171 -11.18 -54.83 16.34
C TYR D 171 -12.12 -53.67 16.10
N TRP D 172 -12.06 -52.71 17.02
CA TRP D 172 -13.04 -51.65 17.17
C TRP D 172 -12.46 -50.35 16.64
N HIS D 173 -13.26 -49.63 15.85
CA HIS D 173 -12.78 -48.37 15.28
C HIS D 173 -13.95 -47.42 15.06
N ARG D 174 -13.94 -46.30 15.78
CA ARG D 174 -14.95 -45.29 15.57
C ARG D 174 -14.83 -44.60 14.21
N PHE D 175 -13.63 -44.62 13.62
CA PHE D 175 -13.43 -43.97 12.33
C PHE D 175 -13.04 -45.00 11.28
N PHE D 176 -12.03 -44.71 10.46
CA PHE D 176 -11.66 -45.62 9.39
C PHE D 176 -11.20 -46.97 9.95
N ALA D 177 -11.45 -48.05 9.20
CA ALA D 177 -10.93 -49.35 9.58
C ALA D 177 -9.41 -49.38 9.67
N SER D 178 -8.72 -48.43 9.07
CA SER D 178 -7.27 -48.31 9.24
C SER D 178 -6.89 -47.59 10.53
N GLN D 179 -7.83 -47.33 11.43
CA GLN D 179 -7.60 -46.51 12.62
C GLN D 179 -8.09 -47.18 13.89
N PRO D 180 -7.40 -48.24 14.33
CA PRO D 180 -7.92 -49.02 15.47
C PRO D 180 -7.95 -48.19 16.76
N ASP D 181 -9.12 -48.18 17.40
CA ASP D 181 -9.29 -47.50 18.69
C ASP D 181 -8.36 -48.08 19.76
N LEU D 182 -7.55 -47.21 20.37
CA LEU D 182 -6.83 -47.58 21.58
C LEU D 182 -7.83 -47.95 22.69
N ASN D 183 -7.50 -49.02 23.41
CA ASN D 183 -8.32 -49.51 24.50
C ASN D 183 -7.94 -48.77 25.78
N TYR D 184 -8.83 -47.94 26.27
CA TYR D 184 -8.49 -47.07 27.38
C TYR D 184 -8.93 -47.63 28.72
N ASP D 185 -9.35 -48.88 28.77
CA ASP D 185 -9.54 -49.48 30.08
C ASP D 185 -8.24 -50.09 30.60
N ASN D 186 -7.37 -50.50 29.69
CA ASN D 186 -5.98 -50.79 29.97
C ASN D 186 -5.27 -49.51 30.44
N PRO D 187 -4.74 -49.48 31.67
CA PRO D 187 -4.11 -48.24 32.15
C PRO D 187 -2.70 -48.05 31.64
N LYS D 188 -2.12 -49.10 31.01
CA LYS D 188 -0.88 -48.95 30.25
C LYS D 188 -1.09 -48.04 29.06
N VAL D 189 -2.26 -48.12 28.43
CA VAL D 189 -2.59 -47.23 27.33
C VAL D 189 -2.64 -45.78 27.81
N VAL D 190 -3.33 -45.52 28.92
CA VAL D 190 -3.39 -44.17 29.47
C VAL D 190 -1.98 -43.64 29.74
N GLU D 191 -1.12 -44.46 30.37
CA GLU D 191 0.24 -43.98 30.58
C GLU D 191 1.00 -43.80 29.28
N GLU D 192 0.65 -44.55 28.22
CA GLU D 192 1.28 -44.31 26.92
C GLU D 192 0.87 -42.94 26.38
N LEU D 193 -0.42 -42.59 26.52
CA LEU D 193 -0.90 -41.29 26.10
C LEU D 193 -0.22 -40.18 26.89
N HIS D 194 -0.19 -40.32 28.22
CA HIS D 194 0.50 -39.33 29.04
C HIS D 194 1.95 -39.19 28.62
N GLY D 195 2.58 -40.29 28.23
CA GLY D 195 3.99 -40.24 27.84
C GLY D 195 4.23 -39.53 26.53
N ALA D 196 3.30 -39.68 25.57
CA ALA D 196 3.39 -38.92 24.33
C ALA D 196 3.16 -37.43 24.59
N ALA D 197 2.09 -37.08 25.32
CA ALA D 197 1.84 -35.68 25.65
C ALA D 197 3.02 -35.07 26.37
N ARG D 198 3.63 -35.82 27.31
CA ARG D 198 4.79 -35.30 28.01
C ARG D 198 5.92 -34.99 27.03
N PHE D 199 6.10 -35.85 26.03
CA PHE D 199 7.19 -35.72 25.08
C PHE D 199 7.20 -34.33 24.45
N TRP D 200 6.05 -33.90 23.93
CA TRP D 200 5.98 -32.65 23.20
C TRP D 200 6.02 -31.46 24.15
N LEU D 201 5.32 -31.56 25.28
CA LEU D 201 5.36 -30.50 26.26
C LEU D 201 6.78 -30.22 26.69
N ASP D 202 7.61 -31.27 26.74
CA ASP D 202 9.03 -31.17 27.06
C ASP D 202 9.84 -30.49 25.99
N LEU D 203 9.27 -30.26 24.80
CA LEU D 203 9.93 -29.42 23.81
C LEU D 203 9.38 -28.00 23.82
N GLY D 204 8.48 -27.69 24.75
CA GLY D 204 7.96 -26.34 24.91
C GLY D 204 6.68 -26.04 24.16
N LEU D 205 6.06 -27.05 23.53
CA LEU D 205 4.77 -26.88 22.87
C LEU D 205 3.73 -26.42 23.88
N ASP D 206 3.06 -25.32 23.57
CA ASP D 206 2.22 -24.67 24.57
C ASP D 206 0.92 -25.38 24.84
N GLY D 207 0.58 -26.43 24.10
CA GLY D 207 -0.63 -27.14 24.39
C GLY D 207 -0.96 -28.12 23.28
N PHE D 208 -2.18 -28.64 23.36
CA PHE D 208 -2.69 -29.65 22.46
C PHE D 208 -4.15 -29.37 22.19
N ARG D 209 -4.53 -29.47 20.91
CA ARG D 209 -5.90 -29.80 20.57
C ARG D 209 -6.07 -31.31 20.71
N VAL D 210 -6.94 -31.71 21.62
CA VAL D 210 -7.22 -33.12 21.86
C VAL D 210 -8.36 -33.54 20.96
N ASP D 211 -8.11 -34.50 20.10
CA ASP D 211 -9.02 -34.89 19.04
C ASP D 211 -9.89 -36.07 19.46
N ALA D 212 -11.20 -35.93 19.28
CA ALA D 212 -12.14 -37.06 19.35
C ALA D 212 -12.36 -37.53 20.78
N VAL D 213 -12.44 -36.60 21.71
CA VAL D 213 -12.50 -36.94 23.14
C VAL D 213 -13.73 -37.76 23.54
N PRO D 214 -14.92 -37.62 22.94
CA PRO D 214 -16.07 -38.42 23.44
C PRO D 214 -16.01 -39.91 23.14
N TYR D 215 -14.98 -40.43 22.48
CA TYR D 215 -14.98 -41.81 22.01
C TYR D 215 -13.97 -42.71 22.71
N LEU D 216 -13.29 -42.21 23.74
CA LEU D 216 -12.27 -43.01 24.41
C LEU D 216 -12.84 -44.32 24.91
N ILE D 217 -13.64 -44.26 25.96
CA ILE D 217 -14.19 -45.48 26.54
C ILE D 217 -15.45 -45.88 25.78
N GLU D 218 -15.59 -47.19 25.57
CA GLU D 218 -16.83 -47.81 25.13
C GLU D 218 -17.42 -48.63 26.27
N ARG D 219 -18.75 -48.59 26.39
CA ARG D 219 -19.46 -49.38 27.39
C ARG D 219 -20.65 -50.05 26.72
N GLU D 220 -20.82 -51.35 26.94
CA GLU D 220 -21.94 -52.08 26.38
C GLU D 220 -23.25 -51.55 26.95
N GLY D 221 -24.18 -51.21 26.05
CA GLY D 221 -25.46 -50.66 26.44
C GLY D 221 -25.57 -49.14 26.44
N THR D 222 -24.51 -48.42 26.12
CA THR D 222 -24.59 -46.97 25.96
C THR D 222 -24.19 -46.59 24.55
N SER D 223 -24.33 -45.29 24.27
CA SER D 223 -23.98 -44.71 22.97
C SER D 223 -22.48 -44.76 22.71
N CYS D 224 -21.67 -45.10 23.71
CA CYS D 224 -20.21 -45.11 23.63
C CYS D 224 -19.66 -43.74 23.23
N GLU D 225 -20.42 -42.69 23.55
CA GLU D 225 -20.00 -41.29 23.47
C GLU D 225 -20.25 -40.64 24.82
N ASN D 226 -19.31 -39.79 25.25
CA ASN D 226 -19.48 -38.95 26.44
C ASN D 226 -19.68 -39.74 27.73
N LEU D 227 -19.35 -41.03 27.72
CA LEU D 227 -19.40 -41.85 28.93
C LEU D 227 -18.66 -41.12 30.05
N PRO D 228 -19.01 -41.31 31.32
CA PRO D 228 -18.24 -40.66 32.38
C PRO D 228 -16.91 -41.35 32.63
N GLU D 229 -16.78 -42.62 32.21
CA GLU D 229 -15.48 -43.27 32.21
C GLU D 229 -14.50 -42.53 31.30
N THR D 230 -14.97 -42.02 30.15
CA THR D 230 -14.13 -41.16 29.33
C THR D 230 -13.76 -39.88 30.07
N HIS D 231 -14.77 -39.17 30.58
CA HIS D 231 -14.52 -37.91 31.29
C HIS D 231 -13.48 -38.07 32.38
N GLU D 232 -13.61 -39.13 33.20
CA GLU D 232 -12.64 -39.33 34.26
C GLU D 232 -11.22 -39.47 33.69
N ILE D 233 -11.06 -40.22 32.60
CA ILE D 233 -9.78 -40.27 31.91
C ILE D 233 -9.33 -38.85 31.56
N LEU D 234 -10.20 -38.09 30.90
CA LEU D 234 -9.89 -36.69 30.62
C LEU D 234 -9.56 -35.93 31.90
N LYS D 235 -10.34 -36.16 32.97
CA LYS D 235 -10.10 -35.45 34.23
C LYS D 235 -8.67 -35.64 34.72
N GLY D 236 -8.13 -36.85 34.53
CA GLY D 236 -6.75 -37.11 34.95
C GLY D 236 -5.73 -36.56 34.00
N PHE D 237 -6.06 -36.47 32.71
CA PHE D 237 -5.10 -35.97 31.73
C PHE D 237 -4.82 -34.49 31.94
N ARG D 238 -5.85 -33.71 32.24
CA ARG D 238 -5.59 -32.34 32.65
C ARG D 238 -4.90 -32.29 34.01
N ALA D 239 -5.22 -33.24 34.90
CA ALA D 239 -4.55 -33.29 36.19
C ALA D 239 -3.05 -33.41 36.02
N MET D 240 -2.62 -34.28 35.10
CA MET D 240 -1.20 -34.43 34.78
C MET D 240 -0.62 -33.14 34.22
N VAL D 241 -1.29 -32.56 33.23
CA VAL D 241 -0.68 -31.41 32.57
C VAL D 241 -0.63 -30.20 33.50
N ASP D 242 -1.63 -30.06 34.37
CA ASP D 242 -1.59 -28.97 35.33
C ASP D 242 -0.34 -29.05 36.23
N ARG D 243 -0.04 -30.25 36.74
CA ARG D 243 1.03 -30.43 37.74
C ARG D 243 2.41 -30.33 37.10
N GLU D 244 2.63 -31.04 35.99
CA GLU D 244 3.95 -31.06 35.40
C GLU D 244 4.23 -29.87 34.49
N TYR D 245 3.22 -29.29 33.83
CA TYR D 245 3.43 -28.22 32.83
C TYR D 245 2.41 -27.11 33.01
N PRO D 246 2.53 -26.33 34.07
CA PRO D 246 1.54 -25.26 34.31
C PRO D 246 1.45 -24.29 33.15
N GLY D 247 0.27 -23.70 32.99
CA GLY D 247 0.02 -22.73 31.94
C GLY D 247 -0.17 -23.27 30.53
N ARG D 248 -0.07 -24.58 30.33
CA ARG D 248 -0.29 -25.14 29.00
C ARG D 248 -1.79 -25.27 28.73
N LEU D 249 -2.13 -25.40 27.45
CA LEU D 249 -3.53 -25.36 27.01
C LEU D 249 -4.00 -26.75 26.56
N LEU D 250 -5.17 -27.16 27.05
CA LEU D 250 -5.86 -28.36 26.55
C LEU D 250 -7.18 -27.93 25.93
N LEU D 251 -7.32 -28.17 24.62
CA LEU D 251 -8.50 -27.77 23.85
C LEU D 251 -9.16 -29.02 23.30
N ALA D 252 -10.47 -29.09 23.41
CA ALA D 252 -11.20 -30.31 23.10
C ALA D 252 -11.98 -30.16 21.80
N GLU D 253 -12.07 -31.27 21.05
CA GLU D 253 -12.92 -31.35 19.86
C GLU D 253 -14.14 -32.19 20.19
N ALA D 254 -15.17 -31.55 20.76
CA ALA D 254 -16.36 -32.23 21.28
C ALA D 254 -17.62 -31.76 20.56
N ASN D 255 -17.96 -32.41 19.44
CA ASN D 255 -19.18 -32.05 18.69
C ASN D 255 -20.35 -32.85 19.24
N GLN D 256 -21.04 -32.24 20.20
CA GLN D 256 -22.10 -32.89 20.94
C GLN D 256 -23.14 -31.84 21.28
N TRP D 257 -24.18 -32.26 21.97
CA TRP D 257 -25.25 -31.36 22.33
C TRP D 257 -24.75 -30.34 23.34
N PRO D 258 -25.43 -29.20 23.47
CA PRO D 258 -24.93 -28.15 24.37
C PRO D 258 -24.83 -28.59 25.82
N GLU D 259 -25.75 -29.43 26.31
CA GLU D 259 -25.61 -29.99 27.64
C GLU D 259 -24.32 -30.82 27.77
N GLU D 260 -24.04 -31.65 26.77
CA GLU D 260 -22.93 -32.59 26.84
C GLU D 260 -21.58 -31.93 26.58
N VAL D 261 -21.55 -30.84 25.81
CA VAL D 261 -20.28 -30.25 25.42
C VAL D 261 -19.63 -29.56 26.62
N VAL D 262 -20.39 -28.77 27.37
CA VAL D 262 -19.86 -28.05 28.53
C VAL D 262 -19.27 -29.01 29.56
N GLU D 263 -19.73 -30.27 29.56
CA GLU D 263 -19.18 -31.28 30.47
C GLU D 263 -17.69 -31.48 30.28
N TYR D 264 -17.17 -31.19 29.08
CA TYR D 264 -15.76 -31.45 28.81
C TYR D 264 -14.85 -30.38 29.37
N PHE D 265 -15.39 -29.25 29.83
CA PHE D 265 -14.61 -28.36 30.70
C PHE D 265 -14.34 -29.02 32.04
N GLY D 266 -15.23 -29.89 32.50
CA GLY D 266 -15.17 -30.38 33.85
C GLY D 266 -15.66 -29.31 34.81
N THR D 267 -15.46 -29.58 36.09
CA THR D 267 -15.87 -28.67 37.14
C THR D 267 -14.73 -27.76 37.57
N GLU D 268 -15.05 -26.80 38.45
CA GLU D 268 -14.03 -26.00 39.10
C GLU D 268 -13.08 -26.88 39.90
N ALA D 269 -13.63 -27.88 40.60
CA ALA D 269 -12.90 -28.70 41.56
C ALA D 269 -12.30 -29.95 40.94
N GLU D 270 -12.89 -30.45 39.85
CA GLU D 270 -12.38 -31.60 39.12
C GLU D 270 -12.29 -31.20 37.66
N PRO D 271 -11.24 -30.46 37.29
CA PRO D 271 -11.24 -29.76 36.00
C PRO D 271 -10.81 -30.66 34.86
N GLU D 272 -11.31 -30.32 33.65
CA GLU D 272 -11.07 -31.13 32.47
C GLU D 272 -10.39 -30.27 31.42
N PHE D 273 -11.11 -29.70 30.47
CA PHE D 273 -10.44 -28.97 29.40
C PHE D 273 -10.45 -27.46 29.64
N HIS D 274 -9.50 -26.79 28.99
CA HIS D 274 -9.39 -25.34 29.09
C HIS D 274 -10.38 -24.65 28.18
N MET D 275 -10.38 -25.05 26.92
CA MET D 275 -11.40 -24.62 25.99
C MET D 275 -11.93 -25.81 25.20
N CYS D 276 -13.18 -25.70 24.79
CA CYS D 276 -13.75 -26.55 23.75
C CYS D 276 -14.20 -25.67 22.58
N PHE D 277 -14.41 -26.31 21.44
CA PHE D 277 -15.00 -25.64 20.28
C PHE D 277 -16.51 -25.48 20.48
N ASN D 278 -17.02 -24.29 20.16
CA ASN D 278 -18.46 -24.00 20.17
C ASN D 278 -19.12 -24.63 18.94
N PHE D 279 -19.05 -25.95 18.89
CA PHE D 279 -19.72 -26.69 17.84
C PHE D 279 -21.23 -26.45 17.78
N PRO D 280 -21.96 -26.24 18.89
CA PRO D 280 -23.41 -26.06 18.77
C PRO D 280 -23.83 -24.77 18.09
N VAL D 281 -22.96 -23.77 18.05
CA VAL D 281 -23.27 -22.50 17.40
C VAL D 281 -22.99 -22.56 15.89
N MET D 282 -21.89 -23.18 15.49
CA MET D 282 -21.40 -23.00 14.12
C MET D 282 -22.41 -23.43 13.07
N PRO D 283 -23.13 -24.55 13.18
CA PRO D 283 -24.19 -24.80 12.20
C PRO D 283 -25.29 -23.75 12.22
N ARG D 284 -25.62 -23.20 13.39
CA ARG D 284 -26.77 -22.29 13.49
C ARG D 284 -26.51 -20.97 12.80
N LEU D 285 -25.24 -20.57 12.65
CA LEU D 285 -24.91 -19.33 11.95
C LEU D 285 -25.21 -19.42 10.46
N TYR D 286 -24.95 -20.59 9.85
CA TYR D 286 -25.25 -20.74 8.44
C TYR D 286 -26.74 -20.89 8.22
N MET D 287 -27.39 -21.75 9.02
CA MET D 287 -28.83 -21.95 8.82
C MET D 287 -29.59 -20.67 9.09
N SER D 288 -29.16 -19.91 10.10
CA SER D 288 -29.78 -18.62 10.35
C SER D 288 -29.50 -17.63 9.21
N LEU D 289 -28.35 -17.74 8.54
CA LEU D 289 -28.01 -16.82 7.47
C LEU D 289 -28.87 -17.06 6.24
N LYS D 290 -29.20 -18.31 5.92
CA LYS D 290 -30.02 -18.55 4.73
C LYS D 290 -31.49 -18.30 4.99
N ARG D 291 -31.95 -18.44 6.23
CA ARG D 291 -33.35 -18.19 6.56
C ARG D 291 -33.63 -16.73 6.89
N GLU D 292 -32.61 -15.90 7.02
CA GLU D 292 -32.78 -14.54 7.53
C GLU D 292 -33.55 -14.54 8.85
N ASP D 293 -33.30 -15.57 9.65
CA ASP D 293 -33.85 -15.73 11.00
C ASP D 293 -32.75 -16.24 11.94
N THR D 294 -32.48 -15.49 13.01
CA THR D 294 -31.38 -15.77 13.93
C THR D 294 -31.85 -16.48 15.19
N SER D 295 -33.06 -17.05 15.16
CA SER D 295 -33.63 -17.69 16.35
C SER D 295 -32.77 -18.85 16.80
N SER D 296 -32.42 -19.74 15.87
CA SER D 296 -31.53 -20.86 16.17
C SER D 296 -30.23 -20.44 16.87
N ILE D 297 -29.83 -19.18 16.78
CA ILE D 297 -28.57 -18.78 17.40
C ILE D 297 -28.78 -18.48 18.89
N ARG D 298 -29.78 -17.66 19.23
CA ARG D 298 -30.05 -17.40 20.64
C ARG D 298 -30.52 -18.64 21.37
N GLU D 299 -31.27 -19.52 20.68
CA GLU D 299 -31.79 -20.71 21.36
C GLU D 299 -30.67 -21.69 21.71
N ILE D 300 -29.85 -22.06 20.74
CA ILE D 300 -28.73 -22.98 20.98
C ILE D 300 -27.71 -22.37 21.94
N MET D 301 -27.61 -21.05 21.97
CA MET D 301 -26.74 -20.42 22.96
C MET D 301 -27.39 -20.35 24.31
N GLY D 302 -28.72 -20.22 24.35
CA GLY D 302 -29.39 -20.30 25.63
C GLY D 302 -29.29 -21.66 26.27
N ARG D 303 -28.85 -22.66 25.52
CA ARG D 303 -28.77 -24.04 25.98
C ARG D 303 -27.35 -24.40 26.42
N LEU D 304 -26.46 -23.42 26.56
CA LEU D 304 -25.06 -23.71 26.86
C LEU D 304 -24.80 -23.41 28.32
N PRO D 305 -24.53 -24.40 29.15
CA PRO D 305 -24.34 -24.13 30.57
C PRO D 305 -23.13 -23.25 30.82
N LYS D 306 -23.12 -22.63 31.99
CA LYS D 306 -22.00 -21.81 32.43
C LYS D 306 -20.74 -22.68 32.48
N ILE D 307 -19.74 -22.29 31.72
CA ILE D 307 -18.48 -23.02 31.77
C ILE D 307 -17.69 -22.45 32.95
N PRO D 308 -16.83 -23.25 33.60
CA PRO D 308 -16.14 -22.75 34.79
C PRO D 308 -15.25 -21.54 34.47
N SER D 309 -14.78 -20.90 35.55
CA SER D 309 -13.99 -19.68 35.44
C SER D 309 -12.88 -19.80 34.40
N PHE D 310 -12.07 -20.85 34.52
CA PHE D 310 -10.90 -21.04 33.69
C PHE D 310 -11.22 -21.39 32.25
N GLY D 311 -12.47 -21.74 31.95
CA GLY D 311 -12.82 -22.17 30.62
C GLY D 311 -13.13 -21.04 29.65
N GLN D 312 -12.80 -21.28 28.39
CA GLN D 312 -13.00 -20.32 27.32
C GLN D 312 -13.59 -21.07 26.14
N TRP D 313 -14.39 -20.39 25.33
CA TRP D 313 -14.98 -21.04 24.18
C TRP D 313 -14.10 -20.79 22.96
N CYS D 314 -14.06 -21.76 22.08
CA CYS D 314 -13.37 -21.61 20.81
C CYS D 314 -14.43 -21.45 19.73
N ILE D 315 -14.57 -20.23 19.21
CA ILE D 315 -15.54 -19.91 18.17
C ILE D 315 -14.91 -20.15 16.81
N PHE D 316 -15.61 -20.87 15.93
CA PHE D 316 -15.06 -21.22 14.63
C PHE D 316 -16.16 -21.26 13.59
N LEU D 317 -15.82 -20.83 12.37
CA LEU D 317 -16.72 -20.81 11.22
C LEU D 317 -16.58 -22.06 10.35
N ARG D 318 -15.35 -22.36 9.93
CA ARG D 318 -15.06 -23.58 9.20
C ARG D 318 -13.77 -24.14 9.77
N ASN D 319 -13.36 -25.29 9.28
CA ASN D 319 -12.09 -25.89 9.66
C ASN D 319 -11.71 -26.90 8.59
N HIS D 320 -10.75 -27.77 8.89
CA HIS D 320 -10.27 -28.74 7.93
C HIS D 320 -11.24 -29.90 7.73
N ASP D 321 -12.30 -29.98 8.51
CA ASP D 321 -13.31 -30.99 8.29
C ASP D 321 -14.45 -30.38 7.48
N GLU D 322 -15.40 -31.24 7.12
CA GLU D 322 -16.67 -30.76 6.60
C GLU D 322 -17.43 -30.04 7.72
N LEU D 323 -18.34 -29.15 7.30
CA LEU D 323 -19.33 -28.59 8.20
C LEU D 323 -20.27 -29.70 8.66
N THR D 324 -20.40 -29.89 9.97
CA THR D 324 -21.01 -31.10 10.52
C THR D 324 -22.47 -30.85 10.89
N LEU D 325 -23.35 -31.69 10.33
CA LEU D 325 -24.78 -31.59 10.53
C LEU D 325 -25.33 -32.85 11.20
N ASP D 326 -24.52 -33.53 12.02
CA ASP D 326 -25.07 -34.59 12.85
C ASP D 326 -25.49 -34.09 14.23
N MET D 327 -25.33 -32.80 14.50
CA MET D 327 -25.74 -32.24 15.77
C MET D 327 -26.82 -31.19 15.57
N VAL D 328 -27.66 -31.40 14.54
CA VAL D 328 -28.87 -30.61 14.32
C VAL D 328 -29.99 -31.57 13.94
N THR D 329 -31.23 -31.12 14.15
CA THR D 329 -32.41 -31.95 13.90
C THR D 329 -32.49 -32.36 12.45
N ASP D 330 -33.26 -33.43 12.19
CA ASP D 330 -33.44 -33.91 10.82
C ASP D 330 -33.93 -32.79 9.92
N ASP D 331 -34.91 -32.02 10.39
CA ASP D 331 -35.39 -30.89 9.61
C ASP D 331 -34.27 -29.91 9.32
N GLU D 332 -33.44 -29.60 10.33
CA GLU D 332 -32.33 -28.66 10.16
C GLU D 332 -31.31 -29.18 9.15
N ARG D 333 -30.87 -30.43 9.32
CA ARG D 333 -29.99 -31.03 8.34
C ARG D 333 -30.54 -30.89 6.93
N ALA D 334 -31.82 -31.22 6.74
CA ALA D 334 -32.39 -31.21 5.39
C ALA D 334 -32.42 -29.82 4.79
N PHE D 335 -32.65 -28.80 5.60
CA PHE D 335 -32.62 -27.42 5.14
C PHE D 335 -31.20 -26.99 4.80
N MET D 336 -30.23 -27.39 5.63
CA MET D 336 -28.82 -27.09 5.36
C MET D 336 -28.38 -27.69 4.04
N TYR D 337 -28.70 -28.96 3.81
CA TYR D 337 -28.43 -29.57 2.53
C TYR D 337 -29.09 -28.78 1.41
N ALA D 338 -30.36 -28.42 1.60
CA ALA D 338 -31.10 -27.72 0.55
C ALA D 338 -30.44 -26.39 0.20
N ALA D 339 -29.90 -25.70 1.19
CA ALA D 339 -29.38 -24.36 0.97
C ALA D 339 -27.89 -24.33 0.67
N TYR D 340 -27.12 -25.24 1.23
CA TYR D 340 -25.68 -25.15 1.16
C TYR D 340 -25.05 -26.31 0.44
N ALA D 341 -25.85 -27.26 -0.06
CA ALA D 341 -25.33 -28.44 -0.76
C ALA D 341 -26.20 -28.73 -1.98
N PRO D 342 -26.19 -27.85 -2.96
CA PRO D 342 -26.89 -28.17 -4.22
C PRO D 342 -26.38 -29.44 -4.91
N ASP D 343 -25.08 -29.60 -5.06
CA ASP D 343 -24.56 -30.78 -5.71
C ASP D 343 -24.35 -31.91 -4.71
N ALA D 344 -24.55 -33.15 -5.19
CA ALA D 344 -24.36 -34.30 -4.29
C ALA D 344 -22.90 -34.41 -3.88
N ARG D 345 -21.99 -34.07 -4.78
CA ARG D 345 -20.58 -34.13 -4.45
C ARG D 345 -20.22 -33.21 -3.29
N MET D 346 -21.13 -32.31 -2.89
CA MET D 346 -20.90 -31.46 -1.74
C MET D 346 -21.23 -32.14 -0.43
N LYS D 347 -21.75 -33.36 -0.44
CA LYS D 347 -22.10 -34.04 0.79
C LYS D 347 -21.01 -35.02 1.20
N ILE D 348 -21.04 -35.41 2.47
CA ILE D 348 -20.16 -36.44 3.01
C ILE D 348 -20.54 -36.71 4.47
N ASN D 349 -20.72 -37.98 4.83
CA ASN D 349 -20.88 -38.41 6.23
C ASN D 349 -21.71 -37.42 7.06
N VAL D 350 -22.93 -37.14 6.61
CA VAL D 350 -23.76 -36.20 7.38
C VAL D 350 -23.09 -34.82 7.46
N GLY D 351 -22.69 -34.25 6.33
CA GLY D 351 -21.98 -32.99 6.35
C GLY D 351 -21.79 -32.42 4.96
N ILE D 352 -21.39 -31.16 4.94
CA ILE D 352 -21.15 -30.39 3.71
C ILE D 352 -19.67 -30.10 3.65
N ARG D 353 -18.99 -30.56 2.60
CA ARG D 353 -17.53 -30.53 2.64
C ARG D 353 -16.95 -29.37 1.84
N ARG D 354 -17.51 -28.18 2.03
CA ARG D 354 -17.11 -27.01 1.28
C ARG D 354 -16.50 -25.95 2.21
N ARG D 355 -15.68 -25.07 1.63
CA ARG D 355 -15.01 -23.97 2.32
C ARG D 355 -15.94 -22.76 2.54
N LEU D 356 -15.49 -21.85 3.43
CA LEU D 356 -16.34 -20.73 3.84
C LEU D 356 -16.78 -19.87 2.65
N ALA D 357 -15.83 -19.34 1.87
CA ALA D 357 -16.24 -18.46 0.77
C ALA D 357 -17.19 -19.17 -0.18
N PRO D 358 -16.90 -20.38 -0.68
CA PRO D 358 -17.91 -21.06 -1.49
C PRO D 358 -19.25 -21.24 -0.79
N LEU D 359 -19.25 -21.56 0.52
CA LEU D 359 -20.52 -21.70 1.22
C LEU D 359 -21.34 -20.42 1.17
N LEU D 360 -20.69 -19.27 1.24
CA LEU D 360 -21.43 -18.01 1.25
C LEU D 360 -21.61 -17.42 -0.15
N ASP D 361 -21.46 -18.22 -1.19
CA ASP D 361 -21.54 -17.75 -2.58
C ASP D 361 -20.50 -16.66 -2.85
N ASN D 362 -19.35 -16.74 -2.19
CA ASN D 362 -18.23 -15.83 -2.34
C ASN D 362 -18.60 -14.38 -2.07
N ASP D 363 -19.77 -14.14 -1.46
CA ASP D 363 -20.18 -12.77 -1.17
C ASP D 363 -19.34 -12.20 -0.02
N ARG D 364 -18.64 -11.10 -0.29
CA ARG D 364 -17.82 -10.53 0.78
C ARG D 364 -18.70 -9.95 1.87
N ARG D 365 -19.92 -9.54 1.54
CA ARG D 365 -20.79 -8.98 2.56
C ARG D 365 -21.16 -10.04 3.57
N ARG D 366 -21.44 -11.25 3.11
CA ARG D 366 -21.72 -12.35 4.04
C ARG D 366 -20.42 -12.86 4.66
N ILE D 367 -19.36 -13.00 3.87
CA ILE D 367 -18.07 -13.42 4.43
C ILE D 367 -17.70 -12.54 5.62
N GLU D 368 -17.82 -11.21 5.43
CA GLU D 368 -17.46 -10.26 6.48
C GLU D 368 -18.43 -10.30 7.65
N LEU D 369 -19.73 -10.46 7.38
CA LEU D 369 -20.67 -10.49 8.51
C LEU D 369 -20.41 -11.69 9.41
N LEU D 370 -20.19 -12.87 8.82
CA LEU D 370 -19.97 -14.04 9.65
C LEU D 370 -18.63 -13.99 10.35
N ASN D 371 -17.65 -13.34 9.71
CA ASN D 371 -16.38 -13.16 10.39
C ASN D 371 -16.50 -12.24 11.60
N THR D 372 -17.36 -11.22 11.54
CA THR D 372 -17.48 -10.34 12.70
C THR D 372 -18.25 -11.03 13.82
N VAL D 373 -19.23 -11.87 13.47
CA VAL D 373 -19.94 -12.60 14.52
C VAL D 373 -18.99 -13.57 15.19
N LEU D 374 -18.16 -14.25 14.41
CA LEU D 374 -17.09 -15.08 14.95
C LEU D 374 -16.23 -14.32 15.96
N LEU D 375 -16.00 -13.02 15.70
CA LEU D 375 -15.14 -12.19 16.53
C LEU D 375 -15.85 -11.58 17.73
N ALA D 376 -17.16 -11.34 17.64
CA ALA D 376 -17.90 -10.72 18.72
C ALA D 376 -18.65 -11.74 19.57
N LEU D 377 -18.47 -13.01 19.32
CA LEU D 377 -19.02 -14.00 20.24
C LEU D 377 -18.03 -14.32 21.34
N PRO D 378 -18.53 -14.61 22.55
CA PRO D 378 -17.63 -14.79 23.69
C PRO D 378 -16.82 -16.05 23.54
N GLY D 379 -15.51 -15.91 23.71
CA GLY D 379 -14.54 -16.95 23.45
C GLY D 379 -13.40 -16.42 22.62
N SER D 380 -12.47 -17.31 22.31
CA SER D 380 -11.37 -16.92 21.45
C SER D 380 -11.59 -17.49 20.07
N PRO D 381 -11.46 -16.68 19.02
CA PRO D 381 -11.79 -17.16 17.67
C PRO D 381 -10.62 -17.87 17.02
N VAL D 382 -10.94 -18.75 16.09
CA VAL D 382 -9.92 -19.50 15.37
C VAL D 382 -10.20 -19.38 13.88
N LEU D 383 -9.20 -18.95 13.13
CA LEU D 383 -9.30 -18.81 11.68
C LEU D 383 -8.78 -20.08 11.03
N TYR D 384 -9.50 -20.55 10.00
CA TYR D 384 -8.98 -21.60 9.13
C TYR D 384 -8.09 -20.98 8.06
N TYR D 385 -6.86 -21.49 7.93
CA TYR D 385 -5.89 -20.90 7.02
C TYR D 385 -6.50 -20.71 5.63
N GLY D 386 -6.26 -19.54 5.04
CA GLY D 386 -6.80 -19.17 3.76
C GLY D 386 -8.17 -18.51 3.80
N ASP D 387 -8.93 -18.68 4.88
CA ASP D 387 -10.24 -18.06 4.95
C ASP D 387 -10.14 -16.54 5.05
N GLU D 388 -8.97 -16.02 5.46
CA GLU D 388 -8.73 -14.59 5.62
C GLU D 388 -8.37 -13.93 4.29
N ILE D 389 -8.09 -14.72 3.26
CA ILE D 389 -8.01 -14.19 1.90
C ILE D 389 -9.12 -14.71 1.04
N GLY D 390 -9.96 -15.62 1.55
CA GLY D 390 -11.13 -16.07 0.84
C GLY D 390 -10.89 -17.25 -0.09
N MET D 391 -10.07 -18.19 0.36
CA MET D 391 -9.80 -19.41 -0.42
C MET D 391 -11.09 -20.17 -0.72
N GLY D 392 -11.08 -20.86 -1.85
CA GLY D 392 -12.16 -21.76 -2.23
C GLY D 392 -11.82 -23.20 -1.95
N ASP D 393 -12.42 -24.11 -2.72
CA ASP D 393 -12.17 -25.53 -2.52
C ASP D 393 -12.08 -26.25 -3.86
N ASP D 394 -11.64 -27.51 -3.80
CA ASP D 394 -11.53 -28.44 -4.94
C ASP D 394 -12.28 -29.71 -4.56
N LEU D 395 -13.57 -29.76 -4.87
CA LEU D 395 -14.35 -30.91 -4.40
C LEU D 395 -14.12 -32.13 -5.26
N GLY D 396 -13.23 -32.05 -6.25
CA GLY D 396 -12.73 -33.20 -6.95
C GLY D 396 -11.83 -34.07 -6.11
N LEU D 397 -11.20 -33.48 -5.05
CA LEU D 397 -10.33 -34.27 -4.19
C LEU D 397 -11.16 -35.12 -3.23
N PRO D 398 -10.71 -36.33 -2.91
CA PRO D 398 -11.51 -37.21 -2.04
C PRO D 398 -11.55 -36.74 -0.59
N ASP D 399 -12.48 -37.37 0.14
CA ASP D 399 -12.80 -37.14 1.57
C ASP D 399 -12.95 -35.64 1.85
N ARG D 400 -12.36 -35.10 2.93
CA ARG D 400 -12.44 -33.71 3.32
C ARG D 400 -11.25 -32.90 2.85
N ASN D 401 -10.46 -33.44 1.94
CA ASN D 401 -9.26 -32.77 1.49
C ASN D 401 -9.55 -31.66 0.49
N GLY D 402 -10.80 -31.54 0.02
CA GLY D 402 -11.16 -30.42 -0.82
C GLY D 402 -10.87 -29.07 -0.18
N VAL D 403 -10.92 -28.98 1.16
CA VAL D 403 -10.71 -27.72 1.87
C VAL D 403 -9.28 -27.58 2.39
N ARG D 404 -8.41 -28.49 1.99
CA ARG D 404 -7.04 -28.53 2.48
C ARG D 404 -6.03 -28.36 1.35
N THR D 405 -6.37 -27.55 0.32
CA THR D 405 -5.44 -27.31 -0.78
C THR D 405 -4.32 -26.38 -0.34
N PRO D 406 -3.23 -26.29 -1.13
CA PRO D 406 -2.11 -25.44 -0.72
C PRO D 406 -2.54 -23.99 -0.51
N MET D 407 -2.02 -23.39 0.54
CA MET D 407 -2.27 -21.98 0.80
C MET D 407 -1.76 -21.13 -0.38
N GLN D 408 -2.48 -20.10 -0.73
CA GLN D 408 -2.22 -19.36 -1.95
C GLN D 408 -1.54 -18.05 -1.58
N TRP D 409 -0.21 -18.02 -1.73
CA TRP D 409 0.68 -16.97 -1.25
C TRP D 409 0.82 -15.83 -2.24
N ASN D 410 1.07 -16.14 -3.50
CA ASN D 410 1.19 -15.13 -4.55
C ASN D 410 0.68 -15.74 -5.85
N ALA D 411 0.93 -15.05 -6.96
CA ALA D 411 0.35 -15.46 -8.23
C ALA D 411 1.28 -16.33 -9.05
N GLY D 412 2.45 -16.68 -8.51
CA GLY D 412 3.49 -17.38 -9.24
C GLY D 412 3.35 -18.88 -9.24
N THR D 413 4.48 -19.59 -9.22
CA THR D 413 4.43 -21.05 -9.32
C THR D 413 3.69 -21.60 -8.12
N SER D 414 2.73 -22.50 -8.42
CA SER D 414 1.85 -23.12 -7.44
C SER D 414 1.34 -22.13 -6.41
N GLY D 415 1.05 -20.91 -6.87
CA GLY D 415 0.68 -19.83 -6.01
C GLY D 415 1.70 -19.44 -4.96
N GLY D 416 2.89 -20.02 -4.98
CA GLY D 416 3.88 -19.66 -3.98
C GLY D 416 3.93 -20.60 -2.82
N PHE D 417 3.08 -21.63 -2.83
CA PHE D 417 3.14 -22.69 -1.82
C PHE D 417 4.41 -23.50 -1.97
N SER D 418 4.90 -23.63 -3.20
CA SER D 418 5.99 -24.52 -3.55
C SER D 418 6.53 -24.07 -4.88
N THR D 419 7.82 -24.35 -5.11
CA THR D 419 8.40 -24.15 -6.43
C THR D 419 8.11 -25.30 -7.36
N ALA D 420 7.66 -26.44 -6.81
CA ALA D 420 7.22 -27.55 -7.65
C ALA D 420 6.02 -27.13 -8.50
N GLN D 421 5.80 -27.87 -9.60
CA GLN D 421 4.63 -27.65 -10.43
C GLN D 421 3.36 -28.10 -9.69
N PRO D 422 2.24 -27.43 -9.91
CA PRO D 422 1.02 -27.75 -9.17
C PRO D 422 0.58 -29.21 -9.27
N SER D 423 0.91 -29.91 -10.37
CA SER D 423 0.63 -31.34 -10.43
C SER D 423 1.51 -32.13 -9.46
N ASP D 424 2.61 -31.53 -9.01
CA ASP D 424 3.58 -32.21 -8.17
C ASP D 424 3.47 -31.82 -6.71
N CYS D 425 2.43 -31.10 -6.33
CA CYS D 425 2.18 -30.79 -4.92
C CYS D 425 1.20 -31.80 -4.34
N PHE D 426 1.35 -32.08 -3.04
CA PHE D 426 0.52 -33.06 -2.34
C PHE D 426 -0.96 -32.96 -2.74
N PHE D 427 -1.55 -31.77 -2.61
CA PHE D 427 -2.84 -31.47 -3.19
C PHE D 427 -2.65 -30.39 -4.25
N PRO D 428 -3.40 -30.42 -5.35
CA PRO D 428 -3.24 -29.37 -6.36
C PRO D 428 -3.72 -28.03 -5.83
N PRO D 429 -2.90 -26.99 -5.89
CA PRO D 429 -3.38 -25.63 -5.56
C PRO D 429 -4.54 -25.24 -6.46
N ILE D 430 -5.57 -24.66 -5.85
CA ILE D 430 -6.78 -24.35 -6.60
C ILE D 430 -6.45 -23.34 -7.68
N GLN D 431 -6.94 -23.60 -8.91
CA GLN D 431 -6.67 -22.71 -10.04
C GLN D 431 -7.93 -22.33 -10.81
N ASP D 432 -9.11 -22.39 -10.20
CA ASP D 432 -10.28 -22.06 -11.00
C ASP D 432 -10.41 -20.54 -11.17
N PRO D 433 -11.22 -20.10 -12.13
CA PRO D 433 -11.34 -18.65 -12.36
C PRO D 433 -11.75 -17.85 -11.15
N VAL D 434 -12.62 -18.38 -10.28
CA VAL D 434 -13.16 -17.55 -9.22
C VAL D 434 -12.19 -17.48 -8.05
N TYR D 435 -11.63 -18.64 -7.68
CA TYR D 435 -10.90 -18.83 -6.43
C TYR D 435 -9.41 -19.10 -6.59
N GLY D 436 -8.98 -19.65 -7.72
CA GLY D 436 -7.57 -19.95 -7.91
C GLY D 436 -6.57 -18.87 -7.56
N PHE D 437 -5.33 -19.28 -7.26
CA PHE D 437 -4.38 -18.30 -6.75
C PHE D 437 -4.14 -17.12 -7.68
N GLY D 438 -4.56 -17.19 -8.95
CA GLY D 438 -4.37 -16.03 -9.81
C GLY D 438 -5.25 -14.87 -9.41
N ARG D 439 -6.42 -15.18 -8.87
CA ARG D 439 -7.31 -14.14 -8.37
C ARG D 439 -7.20 -13.95 -6.88
N VAL D 440 -6.84 -15.00 -6.14
CA VAL D 440 -6.97 -15.05 -4.69
C VAL D 440 -5.64 -15.54 -4.12
N ASN D 441 -4.76 -14.60 -3.78
CA ASN D 441 -3.46 -14.89 -3.18
C ASN D 441 -3.13 -13.75 -2.23
N VAL D 442 -2.17 -14.00 -1.33
CA VAL D 442 -1.85 -13.04 -0.27
C VAL D 442 -1.21 -11.77 -0.84
N GLN D 443 -0.22 -11.93 -1.71
CA GLN D 443 0.51 -10.78 -2.23
C GLN D 443 -0.44 -9.77 -2.88
N SER D 444 -1.44 -10.26 -3.64
CA SER D 444 -2.46 -9.39 -4.20
C SER D 444 -3.17 -8.59 -3.11
N GLN D 445 -3.46 -9.25 -1.99
CA GLN D 445 -4.26 -8.63 -0.95
C GLN D 445 -3.45 -7.75 -0.02
N LEU D 446 -2.12 -7.91 0.00
CA LEU D 446 -1.31 -6.89 0.66
C LEU D 446 -1.23 -5.62 -0.18
N GLN D 447 -1.40 -5.72 -1.49
CA GLN D 447 -1.33 -4.53 -2.34
C GLN D 447 -2.70 -3.93 -2.58
N ASP D 448 -3.74 -4.73 -2.60
CA ASP D 448 -5.08 -4.18 -2.62
C ASP D 448 -5.32 -3.41 -1.33
N PRO D 449 -5.73 -2.14 -1.39
CA PRO D 449 -6.04 -1.41 -0.16
C PRO D 449 -7.27 -1.91 0.55
N SER D 450 -8.18 -2.55 -0.17
CA SER D 450 -9.52 -2.90 0.30
C SER D 450 -9.72 -4.40 0.44
N SER D 451 -8.63 -5.17 0.43
CA SER D 451 -8.75 -6.61 0.29
C SER D 451 -9.29 -7.24 1.56
N LEU D 452 -9.76 -8.48 1.43
CA LEU D 452 -10.27 -9.19 2.60
C LEU D 452 -9.16 -9.44 3.62
N LEU D 453 -7.94 -9.72 3.16
CA LEU D 453 -6.83 -9.93 4.09
C LEU D 453 -6.63 -8.70 4.95
N LYS D 454 -6.58 -7.52 4.32
CA LYS D 454 -6.41 -6.29 5.09
C LYS D 454 -7.62 -6.02 5.97
N TRP D 455 -8.81 -6.38 5.48
CA TRP D 455 -9.99 -6.22 6.32
C TRP D 455 -9.90 -7.10 7.54
N THR D 456 -9.47 -8.35 7.36
CA THR D 456 -9.35 -9.25 8.50
C THR D 456 -8.36 -8.72 9.53
N ALA D 457 -7.21 -8.22 9.07
CA ALA D 457 -6.23 -7.66 10.01
C ALA D 457 -6.81 -6.48 10.79
N ARG D 458 -7.39 -5.49 10.08
CA ARG D 458 -8.01 -4.35 10.79
C ARG D 458 -9.07 -4.81 11.77
N GLN D 459 -9.79 -5.88 11.46
CA GLN D 459 -10.86 -6.32 12.32
C GLN D 459 -10.31 -6.94 13.60
N LEU D 460 -9.34 -7.84 13.45
CA LEU D 460 -8.66 -8.38 14.63
C LEU D 460 -8.09 -7.27 15.52
N GLU D 461 -7.66 -6.16 14.91
CA GLU D 461 -7.11 -5.05 15.70
C GLU D 461 -8.20 -4.33 16.47
N LEU D 462 -9.38 -4.17 15.84
CA LEU D 462 -10.50 -3.58 16.57
C LEU D 462 -10.90 -4.44 17.77
N ARG D 463 -10.98 -5.77 17.60
CA ARG D 463 -11.35 -6.62 18.71
C ARG D 463 -10.29 -6.62 19.82
N ARG D 464 -9.00 -6.64 19.44
CA ARG D 464 -7.92 -6.49 20.43
C ARG D 464 -8.16 -5.31 21.36
N ALA D 465 -8.62 -4.19 20.79
CA ALA D 465 -8.76 -2.93 21.51
C ALA D 465 -9.95 -2.92 22.47
N HIS D 466 -10.75 -3.97 22.52
CA HIS D 466 -11.93 -4.00 23.39
C HIS D 466 -11.98 -5.32 24.13
N PRO D 467 -11.17 -5.45 25.20
CA PRO D 467 -11.14 -6.70 26.00
C PRO D 467 -12.49 -7.37 26.23
N ALA D 468 -13.59 -6.61 26.22
CA ALA D 468 -14.90 -7.21 26.43
C ALA D 468 -15.21 -8.31 25.41
N PHE D 469 -14.55 -8.29 24.26
CA PHE D 469 -14.76 -9.37 23.28
C PHE D 469 -14.22 -10.69 23.79
N ALA D 470 -12.96 -10.71 24.23
CA ALA D 470 -12.39 -11.94 24.76
C ALA D 470 -12.98 -12.30 26.11
N HIS D 471 -13.30 -11.29 26.94
CA HIS D 471 -13.56 -11.49 28.36
C HIS D 471 -14.93 -11.03 28.85
N GLY D 472 -15.75 -10.37 28.01
CA GLY D 472 -17.04 -9.89 28.47
C GLY D 472 -18.10 -10.98 28.58
N ASP D 473 -19.23 -10.59 29.20
CA ASP D 473 -20.40 -11.47 29.26
C ASP D 473 -21.19 -11.31 27.97
N LEU D 474 -22.42 -11.83 27.94
CA LEU D 474 -23.22 -11.72 26.73
C LEU D 474 -24.69 -11.66 27.13
N THR D 475 -25.30 -10.51 26.95
CA THR D 475 -26.74 -10.36 27.10
C THR D 475 -27.33 -10.14 25.71
N PHE D 476 -28.22 -11.05 25.29
CA PHE D 476 -28.93 -10.83 24.05
C PHE D 476 -29.95 -9.72 24.21
N ILE D 477 -30.21 -9.00 23.10
CA ILE D 477 -31.07 -7.82 23.10
C ILE D 477 -32.17 -8.02 22.07
N GLU D 478 -33.43 -7.97 22.53
CA GLU D 478 -34.57 -8.12 21.62
C GLU D 478 -34.61 -6.99 20.60
N THR D 479 -34.85 -7.35 19.33
CA THR D 479 -34.85 -6.39 18.21
C THR D 479 -36.18 -6.28 17.49
N GLY D 480 -37.10 -7.20 17.72
CA GLY D 480 -38.37 -7.11 17.05
C GLY D 480 -38.32 -7.48 15.59
N ASN D 481 -37.25 -8.14 15.17
CA ASN D 481 -37.08 -8.61 13.81
C ASN D 481 -36.12 -9.79 13.86
N PRO D 482 -36.60 -11.01 13.63
CA PRO D 482 -35.71 -12.19 13.71
C PRO D 482 -34.51 -12.15 12.79
N ALA D 483 -34.44 -11.19 11.86
CA ALA D 483 -33.28 -11.05 10.99
C ALA D 483 -32.16 -10.26 11.65
N ILE D 484 -32.44 -9.56 12.74
CA ILE D 484 -31.45 -8.76 13.45
C ILE D 484 -31.07 -9.45 14.74
N LEU D 485 -29.80 -9.83 14.86
CA LEU D 485 -29.22 -10.30 16.09
C LEU D 485 -28.60 -9.13 16.82
N ALA D 486 -28.99 -8.93 18.08
CA ALA D 486 -28.33 -7.91 18.91
C ALA D 486 -27.88 -8.52 20.23
N PHE D 487 -26.68 -8.14 20.68
CA PHE D 487 -26.27 -8.51 22.03
C PHE D 487 -25.27 -7.48 22.55
N THR D 488 -25.19 -7.41 23.86
CA THR D 488 -24.18 -6.59 24.53
C THR D 488 -23.06 -7.48 25.06
N ARG D 489 -21.85 -6.92 25.07
CA ARG D 489 -20.70 -7.52 25.72
C ARG D 489 -20.19 -6.54 26.77
N GLN D 490 -20.09 -7.02 28.02
CA GLN D 490 -19.77 -6.17 29.16
C GLN D 490 -18.54 -6.74 29.85
N TYR D 491 -17.53 -5.90 30.07
CA TYR D 491 -16.32 -6.31 30.79
C TYR D 491 -15.54 -5.10 31.27
N ASP D 492 -15.30 -5.01 32.59
CA ASP D 492 -14.38 -4.02 33.18
C ASP D 492 -14.89 -2.58 32.95
N GLY D 493 -16.20 -2.37 32.91
CA GLY D 493 -16.76 -1.05 32.71
C GLY D 493 -17.18 -0.72 31.29
N GLU D 494 -16.64 -1.41 30.29
CA GLU D 494 -17.07 -1.16 28.92
C GLU D 494 -18.28 -1.99 28.60
N THR D 495 -19.13 -1.42 27.73
CA THR D 495 -20.34 -2.07 27.28
C THR D 495 -20.38 -1.90 25.76
N LEU D 496 -20.23 -3.01 25.05
CA LEU D 496 -20.25 -3.04 23.60
C LEU D 496 -21.60 -3.55 23.12
N LEU D 497 -22.21 -2.81 22.19
CA LEU D 497 -23.45 -3.23 21.56
C LEU D 497 -23.12 -3.76 20.17
N ILE D 498 -23.36 -5.05 19.94
CA ILE D 498 -23.11 -5.71 18.66
C ILE D 498 -24.46 -6.02 18.03
N VAL D 499 -24.76 -5.37 16.92
CA VAL D 499 -26.02 -5.61 16.22
C VAL D 499 -25.68 -6.04 14.81
N SER D 500 -26.40 -7.04 14.33
CA SER D 500 -26.04 -7.74 13.09
C SER D 500 -27.30 -8.04 12.29
N ASN D 501 -27.33 -7.65 11.01
CA ASN D 501 -28.41 -7.99 10.10
C ASN D 501 -28.05 -9.25 9.34
N PHE D 502 -28.87 -10.30 9.48
CA PHE D 502 -28.64 -11.54 8.77
C PHE D 502 -29.42 -11.67 7.48
N ALA D 503 -30.14 -10.62 7.06
CA ALA D 503 -30.95 -10.63 5.86
C ALA D 503 -30.19 -10.05 4.66
N GLY D 504 -30.69 -10.34 3.47
CA GLY D 504 -30.07 -9.80 2.28
C GLY D 504 -30.73 -8.55 1.73
N ASN D 505 -31.45 -7.82 2.58
CA ASN D 505 -32.01 -6.54 2.19
C ASN D 505 -32.26 -5.74 3.46
N ALA D 506 -32.72 -4.50 3.29
CA ALA D 506 -32.77 -3.57 4.41
C ALA D 506 -33.82 -4.01 5.42
N GLN D 507 -33.44 -3.98 6.69
CA GLN D 507 -34.28 -4.44 7.78
C GLN D 507 -34.37 -3.33 8.79
N ALA D 508 -35.51 -3.29 9.49
CA ALA D 508 -35.72 -2.37 10.60
C ALA D 508 -35.80 -3.17 11.90
N GLY D 509 -35.43 -2.53 12.99
CA GLY D 509 -35.43 -3.21 14.27
C GLY D 509 -35.66 -2.23 15.39
N LEU D 510 -36.34 -2.70 16.42
CA LEU D 510 -36.61 -1.92 17.62
C LEU D 510 -35.90 -2.62 18.77
N LEU D 511 -34.77 -2.07 19.21
CA LEU D 511 -33.93 -2.70 20.21
C LEU D 511 -34.41 -2.34 21.63
N ASP D 512 -34.43 -3.34 22.52
CA ASP D 512 -34.81 -3.09 23.91
C ASP D 512 -33.56 -2.68 24.70
N LEU D 513 -33.13 -1.44 24.47
CA LEU D 513 -32.02 -0.85 25.21
C LEU D 513 -32.47 -0.24 26.52
N ALA D 514 -33.54 -0.77 27.12
CA ALA D 514 -34.10 -0.17 28.32
C ALA D 514 -33.11 -0.06 29.48
N PRO D 515 -32.23 -1.04 29.75
CA PRO D 515 -31.21 -0.84 30.79
C PRO D 515 -30.20 0.24 30.48
N PHE D 516 -30.22 0.85 29.30
CA PHE D 516 -29.18 1.80 28.95
C PHE D 516 -29.78 3.13 28.51
N VAL D 517 -30.91 3.51 29.10
CA VAL D 517 -31.50 4.78 28.75
C VAL D 517 -30.53 5.89 29.12
N GLY D 518 -30.39 6.87 28.25
CA GLY D 518 -29.50 7.98 28.51
C GLY D 518 -28.08 7.82 27.98
N ARG D 519 -27.62 6.59 27.73
CA ARG D 519 -26.28 6.40 27.18
C ARG D 519 -26.27 6.73 25.69
N ALA D 520 -25.11 7.12 25.20
CA ALA D 520 -24.94 7.43 23.79
C ALA D 520 -24.17 6.32 23.10
N PRO D 521 -24.75 5.63 22.12
CA PRO D 521 -23.95 4.72 21.29
C PRO D 521 -22.99 5.49 20.42
N VAL D 522 -21.91 4.82 20.06
CA VAL D 522 -20.75 5.37 19.36
C VAL D 522 -20.05 4.22 18.67
N THR D 523 -19.74 4.38 17.39
CA THR D 523 -19.15 3.29 16.63
C THR D 523 -17.71 3.06 17.05
N LEU D 524 -17.34 1.78 17.22
CA LEU D 524 -15.99 1.46 17.68
C LEU D 524 -14.91 2.03 16.77
N SER D 525 -15.24 2.35 15.53
CA SER D 525 -14.29 2.84 14.53
C SER D 525 -14.77 4.21 14.07
N GLY D 526 -14.00 5.25 14.38
CA GLY D 526 -14.37 6.60 14.02
C GLY D 526 -15.24 7.32 15.04
N ALA D 527 -15.84 6.60 15.97
CA ALA D 527 -16.52 7.19 17.13
C ALA D 527 -17.63 8.14 16.69
N SER D 528 -18.28 7.79 15.61
CA SER D 528 -19.42 8.58 15.14
C SER D 528 -20.65 8.24 15.99
N PRO D 529 -21.42 9.26 16.37
CA PRO D 529 -22.49 9.05 17.35
C PRO D 529 -23.80 8.67 16.71
N LEU D 530 -24.51 7.77 17.39
CA LEU D 530 -25.91 7.48 17.14
C LEU D 530 -26.76 8.22 18.18
N PRO D 531 -28.06 8.37 17.95
CA PRO D 531 -28.85 9.19 18.88
C PRO D 531 -28.98 8.55 20.26
N VAL D 532 -28.99 9.40 21.29
CA VAL D 532 -28.94 8.92 22.67
C VAL D 532 -30.18 8.10 23.00
N VAL D 533 -29.99 7.01 23.74
CA VAL D 533 -31.15 6.25 24.21
C VAL D 533 -31.97 7.13 25.15
N THR D 534 -33.27 7.24 24.88
CA THR D 534 -34.20 7.92 25.79
C THR D 534 -35.53 7.15 25.78
N GLY D 535 -36.55 7.76 26.39
CA GLY D 535 -37.88 7.16 26.43
C GLY D 535 -37.89 5.80 27.12
N ASN D 536 -38.65 4.89 26.55
CA ASN D 536 -38.68 3.56 27.12
C ASN D 536 -37.46 2.78 26.82
N GLY D 537 -36.40 3.37 26.24
CA GLY D 537 -35.25 2.60 25.81
C GLY D 537 -35.47 1.74 24.59
N GLN D 538 -36.66 1.80 23.97
CA GLN D 538 -36.93 1.12 22.70
C GLN D 538 -36.23 1.88 21.59
N TYR D 539 -35.24 1.25 20.98
CA TYR D 539 -34.34 1.96 20.07
C TYR D 539 -34.69 1.66 18.62
N PRO D 540 -35.08 2.66 17.83
CA PRO D 540 -35.27 2.42 16.39
C PRO D 540 -33.93 2.16 15.72
N VAL D 541 -33.92 1.20 14.81
CA VAL D 541 -32.68 0.87 14.11
C VAL D 541 -33.03 0.33 12.73
N VAL D 542 -32.21 0.69 11.75
CA VAL D 542 -32.33 0.20 10.38
C VAL D 542 -30.94 -0.19 9.91
N MET D 543 -30.86 -1.27 9.12
CA MET D 543 -29.60 -1.70 8.56
C MET D 543 -29.75 -2.17 7.13
N GLY D 544 -28.74 -1.87 6.33
CA GLY D 544 -28.58 -2.53 5.06
C GLY D 544 -28.29 -4.01 5.22
N LYS D 545 -28.28 -4.68 4.07
CA LYS D 545 -28.10 -6.13 4.01
C LYS D 545 -26.75 -6.53 4.59
N TYR D 546 -26.75 -7.65 5.34
CA TYR D 546 -25.55 -8.26 5.94
C TYR D 546 -24.69 -7.22 6.67
N ASP D 547 -25.37 -6.32 7.37
CA ASP D 547 -24.73 -5.20 8.05
C ASP D 547 -24.31 -5.59 9.45
N TYR D 548 -23.22 -4.99 9.91
CA TYR D 548 -22.74 -5.22 11.25
C TYR D 548 -22.46 -3.89 11.89
N TYR D 549 -23.05 -3.67 13.06
CA TYR D 549 -22.85 -2.47 13.86
C TYR D 549 -22.05 -2.89 15.09
N TRP D 550 -20.86 -2.32 15.26
CA TRP D 550 -20.08 -2.51 16.47
C TRP D 550 -20.07 -1.18 17.20
N LEU D 551 -20.78 -1.13 18.32
CA LEU D 551 -20.98 0.11 19.05
C LEU D 551 -20.58 -0.06 20.50
N ARG D 552 -20.06 1.01 21.09
CA ARG D 552 -19.89 1.10 22.53
C ARG D 552 -20.97 2.01 23.08
N LEU D 553 -21.32 1.81 24.36
CA LEU D 553 -22.28 2.65 25.08
C LEU D 553 -21.54 3.50 26.13
N ASN D 554 -21.34 4.79 25.83
CA ASN D 554 -20.76 5.70 26.82
C ASN D 554 -21.71 5.94 27.98
N SER D 555 -21.24 6.68 28.97
CA SER D 555 -22.02 6.93 30.18
C SER D 555 -22.51 8.37 30.28
CA CA E . 42.74 -14.96 -24.84
MG MG F . 18.76 -24.38 -4.82
O7 VDM G . 38.54 -3.88 -16.63
C7 VDM G . 37.41 -4.64 -17.04
C5 VDM G . 37.14 -5.83 -16.15
C6 VDM G . 36.90 -7.03 -16.65
C4 VDM G . 37.14 -5.54 -14.66
O4 VDM G . 36.25 -4.47 -14.36
C3 VDM G . 36.73 -6.76 -13.85
O3 VDM G . 37.08 -6.56 -12.48
C2 VDM G . 37.40 -8.00 -14.42
O2 VDM G . 37.25 -9.11 -13.54
C1 VDM G . 36.82 -8.29 -15.81
N1' VDM G . 35.41 -8.87 -15.80
C1' VDM G . 35.26 -10.32 -16.18
C2' VDM G . 34.00 -10.82 -15.52
O2' VDM G . 32.98 -9.83 -15.50
C6' VDM G . 36.52 -11.07 -15.75
C5' VDM G . 36.26 -12.48 -15.18
C7' VDM G . 36.02 -13.53 -16.25
O7' VDM G . 36.40 -14.83 -15.81
C4' VDM G . 35.19 -12.45 -14.08
O4' VDM G . 35.82 -12.57 -12.81
C3' VDM G . 34.35 -11.19 -14.09
O3' VDM G . 33.17 -11.38 -13.31
CA CA H . -14.10 26.20 -33.23
MG MG I . -8.20 -6.50 -35.48
O7 VDM J . -13.52 20.32 -20.31
C7 VDM J . -14.26 19.14 -20.61
C5 VDM J . -13.51 18.16 -21.45
C6 VDM J . -13.78 17.96 -22.74
C4 VDM J . -12.45 17.38 -20.70
O4 VDM J . -13.06 16.45 -19.84
C3 VDM J . -11.44 16.70 -21.62
O3 VDM J . -10.13 16.77 -21.08
C2 VDM J . -11.41 17.30 -23.02
O2 VDM J . -10.55 16.48 -23.80
C1 VDM J . -12.79 17.36 -23.68
N1' VDM J . -13.23 16.02 -24.25
C1' VDM J . -13.23 15.85 -25.76
C2' VDM J . -13.04 14.39 -26.04
O2' VDM J . -13.90 13.62 -25.19
C6' VDM J . -12.18 16.79 -26.39
C5' VDM J . -11.19 16.10 -27.34
C7' VDM J . -11.55 16.04 -28.80
O7' VDM J . -10.43 15.57 -29.53
C4' VDM J . -10.70 14.74 -26.79
O4' VDM J . -9.37 14.86 -26.30
C3' VDM J . -11.59 14.10 -25.75
O3' VDM J . -11.32 12.70 -25.71
CA CA K . -11.52 24.10 35.75
MG MG L . 10.49 0.54 35.78
O7 VDM M . -8.00 21.21 22.61
C7 VDM M . -6.60 21.31 22.83
C5 VDM M . -6.00 20.05 23.40
C6 VDM M . -5.65 19.94 24.67
C4 VDM M . -5.82 18.92 22.41
O4 VDM M . -4.72 19.17 21.55
C3 VDM M . -5.66 17.56 23.09
O3 VDM M . -6.25 16.54 22.29
C2 VDM M . -6.33 17.58 24.46
O2 VDM M . -6.28 16.27 25.04
C1 VDM M . -5.64 18.61 25.35
N1' VDM M . -4.26 18.18 25.81
C1' VDM M . -4.05 18.08 27.31
C2' VDM M . -2.89 17.16 27.59
O2' VDM M . -1.83 17.42 26.68
C6' VDM M . -5.38 17.64 27.94
C5' VDM M . -5.25 16.54 29.02
C7' VDM M . -5.01 16.99 30.45
O7' VDM M . -5.64 16.07 31.31
C4' VDM M . -4.34 15.39 28.57
O4' VDM M . -5.16 14.28 28.21
C3' VDM M . -3.41 15.74 27.42
O3' VDM M . -2.35 14.81 27.37
CA CA N . -12.12 -45.38 21.64
MG MG O . 8.69 -30.33 2.34
O7 VDM P . -18.66 -34.24 14.21
C7 VDM P . -17.41 -34.24 14.87
C5 VDM P . -16.27 -34.54 13.93
C6 VDM P . -15.06 -34.83 14.40
C4 VDM P . -16.60 -34.46 12.46
O4 VDM P . -16.64 -33.11 12.06
C3 VDM P . -15.62 -35.24 11.59
O3 VDM P . -16.32 -35.86 10.51
C2 VDM P . -14.88 -36.29 12.39
O2 VDM P . -13.96 -36.95 11.52
C1 VDM P . -14.12 -35.68 13.57
N1' VDM P . -12.82 -35.00 13.19
C1' VDM P . -11.54 -35.64 13.67
C2' VDM P . -10.41 -35.08 12.90
O2' VDM P . -10.51 -33.66 12.90
C6' VDM P . -11.72 -37.15 13.57
C5' VDM P . -10.62 -37.89 12.78
C7' VDM P . -9.48 -38.42 13.61
O7' VDM P . -8.97 -39.59 13.00
C4' VDM P . -10.18 -37.13 11.52
O4' VDM P . -10.68 -37.77 10.36
C3' VDM P . -10.57 -35.66 11.51
O3' VDM P . -9.81 -34.97 10.52
#